data_4H5O
#
_entry.id   4H5O
#
_cell.length_a   79.810
_cell.length_b   93.590
_cell.length_c   124.780
_cell.angle_alpha   101.700
_cell.angle_beta   90.270
_cell.angle_gamma   114.180
#
_symmetry.space_group_name_H-M   'P 1'
#
loop_
_entity.id
_entity.type
_entity.pdbx_description
1 polymer 'Nucleocapsid protein'
2 polymer '35-mer poly(U) RNA'
#
loop_
_entity_poly.entity_id
_entity_poly.type
_entity_poly.pdbx_seq_one_letter_code
_entity_poly.pdbx_strand_id
1 'polypeptide(L)'
;MDNYQELAIQFAAQAVDRNEIEQWVREFAYQGFDARRVIELLKQYGGADWEKDAKKMIVLALTRGNKPRRMMMKMSKEGK
ATVEALINKYKLKEGNPSRDELTLSRVAAALAGRTCQALVVLSEWLPVTGTTMDGLSPAYPRHMMHPSFAGMVDPSLPGD
YLRAILDAHSLYLLQFSRVINPNLRGRTKEEVAATFTQPMNAAVNSNFISHEKRREFLKAFGLVDSNGKPSAAVMAAAQA
YKTAA
;
A,B,C,D,E,F,G,H,I,J
2 'polyribonucleotide' UUUUUUUUUUUUUUUUUUUUUUUUUUUUUUUUUUU K,L
#
# COMPACT_ATOMS: atom_id res chain seq x y z
N TYR A 4 29.68 35.38 -14.23
CA TYR A 4 28.90 35.48 -12.99
C TYR A 4 29.55 36.40 -11.95
N GLN A 5 30.83 36.77 -12.11
CA GLN A 5 31.46 37.76 -11.23
C GLN A 5 30.84 39.12 -11.49
N GLU A 6 30.77 39.52 -12.80
CA GLU A 6 30.22 40.79 -13.29
C GLU A 6 28.76 40.91 -12.87
N LEU A 7 27.99 39.80 -12.96
CA LEU A 7 26.59 39.67 -12.52
C LEU A 7 26.41 40.09 -11.05
N ALA A 8 27.35 39.65 -10.18
CA ALA A 8 27.38 39.92 -8.73
C ALA A 8 27.80 41.37 -8.43
N ILE A 9 28.84 41.89 -9.14
CA ILE A 9 29.39 43.26 -9.00
C ILE A 9 28.29 44.29 -9.28
N GLN A 10 27.54 44.06 -10.38
CA GLN A 10 26.40 44.85 -10.86
C GLN A 10 25.28 44.85 -9.83
N PHE A 11 25.04 43.71 -9.14
CA PHE A 11 24.04 43.53 -8.09
C PHE A 11 24.45 44.31 -6.83
N ALA A 12 25.71 44.16 -6.38
CA ALA A 12 26.26 44.80 -5.18
C ALA A 12 26.30 46.33 -5.29
N ALA A 13 26.59 46.87 -6.49
CA ALA A 13 26.67 48.31 -6.80
C ALA A 13 25.32 49.01 -6.56
N GLN A 14 24.19 48.32 -6.87
CA GLN A 14 22.82 48.83 -6.70
C GLN A 14 22.63 49.41 -5.30
N ALA A 15 22.15 50.67 -5.24
CA ALA A 15 21.90 51.41 -4.00
C ALA A 15 20.88 50.71 -3.12
N VAL A 16 21.23 50.54 -1.84
CA VAL A 16 20.39 49.87 -0.84
C VAL A 16 19.29 50.83 -0.38
N ASP A 17 18.01 50.38 -0.46
CA ASP A 17 16.88 51.18 -0.02
C ASP A 17 16.60 50.91 1.46
N ARG A 18 16.88 51.93 2.32
CA ARG A 18 16.73 51.89 3.78
C ARG A 18 15.31 51.53 4.22
N ASN A 19 14.28 51.98 3.47
CA ASN A 19 12.87 51.73 3.78
C ASN A 19 12.40 50.35 3.31
N GLU A 20 12.77 49.94 2.08
CA GLU A 20 12.38 48.66 1.48
C GLU A 20 12.91 47.46 2.29
N ILE A 21 14.17 47.55 2.74
CA ILE A 21 14.84 46.52 3.55
C ILE A 21 14.19 46.48 4.95
N GLU A 22 13.85 47.66 5.51
CA GLU A 22 13.20 47.77 6.82
C GLU A 22 11.75 47.27 6.76
N GLN A 23 11.11 47.35 5.58
CA GLN A 23 9.75 46.85 5.39
C GLN A 23 9.76 45.33 5.27
N TRP A 24 10.90 44.76 4.80
CA TRP A 24 11.09 43.32 4.66
C TRP A 24 11.34 42.66 6.03
N VAL A 25 12.25 43.25 6.85
CA VAL A 25 12.59 42.72 8.18
C VAL A 25 11.33 42.71 9.08
N ARG A 26 10.41 43.68 8.89
CA ARG A 26 9.14 43.79 9.61
C ARG A 26 8.23 42.62 9.21
N GLU A 27 8.23 42.25 7.92
CA GLU A 27 7.44 41.17 7.34
C GLU A 27 8.03 39.81 7.71
N PHE A 28 9.38 39.71 7.71
CA PHE A 28 10.09 38.47 8.01
C PHE A 28 10.48 38.39 9.51
N ALA A 29 9.81 39.19 10.36
CA ALA A 29 10.04 39.25 11.80
C ALA A 29 9.54 37.99 12.51
N TYR A 30 10.23 37.62 13.60
CA TYR A 30 9.95 36.45 14.44
C TYR A 30 8.51 36.45 14.98
N GLN A 31 8.05 37.56 15.59
CA GLN A 31 6.72 37.75 16.19
C GLN A 31 6.43 36.64 17.25
N GLY A 32 5.96 35.47 16.79
CA GLY A 32 5.67 34.28 17.59
C GLY A 32 4.58 34.36 18.64
N PHE A 33 3.69 35.39 18.55
CA PHE A 33 2.62 35.56 19.53
C PHE A 33 1.43 36.41 18.99
N ASP A 34 1.67 37.70 18.65
CA ASP A 34 0.70 38.71 18.15
C ASP A 34 -0.37 39.10 19.17
N ALA A 35 -0.86 38.11 19.97
CA ALA A 35 -1.93 38.20 20.97
C ALA A 35 -3.28 38.41 20.30
N ARG A 36 -3.32 39.30 19.28
CA ARG A 36 -4.50 39.59 18.47
C ARG A 36 -4.90 38.33 17.71
N ARG A 37 -3.90 37.55 17.26
CA ARG A 37 -4.05 36.28 16.55
C ARG A 37 -4.72 35.23 17.43
N VAL A 38 -4.37 35.19 18.74
CA VAL A 38 -4.91 34.25 19.73
C VAL A 38 -6.45 34.46 19.86
N ILE A 39 -6.88 35.74 20.02
CA ILE A 39 -8.29 36.14 20.13
C ILE A 39 -8.98 35.91 18.77
N GLU A 40 -8.28 36.19 17.64
CA GLU A 40 -8.74 35.97 16.27
C GLU A 40 -9.01 34.47 16.06
N LEU A 41 -8.14 33.61 16.66
CA LEU A 41 -8.26 32.15 16.61
C LEU A 41 -9.38 31.67 17.55
N LEU A 42 -9.45 32.21 18.78
CA LEU A 42 -10.46 31.83 19.77
C LEU A 42 -11.87 32.09 19.24
N LYS A 43 -12.11 33.24 18.58
CA LYS A 43 -13.40 33.58 17.96
C LYS A 43 -13.68 32.69 16.75
N GLN A 44 -12.63 32.26 16.02
CA GLN A 44 -12.75 31.42 14.82
C GLN A 44 -13.22 30.01 15.17
N TYR A 45 -12.88 29.50 16.37
CA TYR A 45 -13.28 28.17 16.81
C TYR A 45 -14.47 28.21 17.77
N GLY A 46 -14.50 29.21 18.66
CA GLY A 46 -15.55 29.36 19.66
C GLY A 46 -16.78 30.13 19.22
N GLY A 47 -16.55 31.32 18.65
CA GLY A 47 -17.62 32.19 18.17
C GLY A 47 -18.29 32.97 19.29
N ALA A 48 -19.28 32.34 19.93
CA ALA A 48 -20.05 32.91 21.05
C ALA A 48 -19.62 32.30 22.37
N ASP A 49 -19.23 31.00 22.35
CA ASP A 49 -18.80 30.23 23.51
C ASP A 49 -17.34 30.52 23.89
N TRP A 50 -16.60 31.29 23.06
CA TRP A 50 -15.17 31.60 23.26
C TRP A 50 -14.88 32.27 24.62
N GLU A 51 -15.80 33.11 25.13
CA GLU A 51 -15.61 33.80 26.41
C GLU A 51 -15.77 32.86 27.61
N LYS A 52 -16.80 31.99 27.60
CA LYS A 52 -17.03 31.02 28.70
C LYS A 52 -15.93 29.95 28.71
N ASP A 53 -15.52 29.47 27.52
CA ASP A 53 -14.48 28.43 27.37
C ASP A 53 -13.10 28.96 27.74
N ALA A 54 -12.81 30.26 27.47
CA ALA A 54 -11.52 30.89 27.81
C ALA A 54 -11.33 30.94 29.32
N LYS A 55 -12.43 31.20 30.08
CA LYS A 55 -12.45 31.24 31.54
C LYS A 55 -12.06 29.89 32.12
N LYS A 56 -12.54 28.79 31.48
CA LYS A 56 -12.23 27.41 31.85
C LYS A 56 -10.76 27.10 31.58
N MET A 57 -10.24 27.58 30.44
CA MET A 57 -8.86 27.39 30.00
C MET A 57 -7.87 28.16 30.86
N ILE A 58 -8.26 29.34 31.41
CA ILE A 58 -7.41 30.14 32.29
C ILE A 58 -7.15 29.33 33.57
N VAL A 59 -8.25 28.85 34.21
CA VAL A 59 -8.23 28.02 35.44
C VAL A 59 -7.36 26.77 35.19
N LEU A 60 -7.59 26.12 34.03
CA LEU A 60 -6.92 24.92 33.56
C LEU A 60 -5.40 25.09 33.42
N ALA A 61 -4.95 26.23 32.85
CA ALA A 61 -3.53 26.53 32.63
C ALA A 61 -2.82 26.91 33.93
N LEU A 62 -3.51 27.65 34.80
CA LEU A 62 -2.99 28.16 36.07
C LEU A 62 -2.79 27.06 37.10
N THR A 63 -3.73 26.09 37.17
CA THR A 63 -3.72 25.00 38.16
C THR A 63 -2.99 23.74 37.69
N ARG A 64 -3.19 23.31 36.42
CA ARG A 64 -2.57 22.09 35.91
C ARG A 64 -1.29 22.40 35.10
N GLY A 65 -1.44 22.95 33.89
CA GLY A 65 -0.29 23.28 33.06
C GLY A 65 -0.59 23.63 31.61
N ASN A 66 0.40 23.41 30.73
CA ASN A 66 0.29 23.70 29.30
C ASN A 66 0.02 22.45 28.46
N LYS A 67 0.40 21.25 28.97
CA LYS A 67 0.20 19.95 28.30
C LYS A 67 -1.26 19.49 28.51
N PRO A 68 -2.14 19.57 27.47
CA PRO A 68 -3.56 19.24 27.69
C PRO A 68 -3.90 17.76 27.65
N ARG A 69 -3.18 16.97 26.83
CA ARG A 69 -3.44 15.54 26.71
C ARG A 69 -2.83 14.77 27.89
N ARG A 70 -1.83 15.36 28.57
CA ARG A 70 -1.19 14.74 29.74
C ARG A 70 -2.09 14.89 30.98
N MET A 71 -2.62 16.11 31.23
CA MET A 71 -3.50 16.42 32.37
C MET A 71 -4.85 15.70 32.25
N MET A 72 -5.27 15.39 31.01
CA MET A 72 -6.51 14.72 30.63
C MET A 72 -6.61 13.32 31.28
N MET A 73 -5.47 12.60 31.35
CA MET A 73 -5.36 11.24 31.89
C MET A 73 -5.73 11.18 33.38
N LYS A 74 -5.12 12.04 34.21
CA LYS A 74 -5.35 12.08 35.66
C LYS A 74 -6.34 13.21 36.00
N MET A 75 -7.60 13.01 35.61
CA MET A 75 -8.69 13.97 35.82
C MET A 75 -10.04 13.24 35.96
N SER A 76 -11.04 13.92 36.58
CA SER A 76 -12.40 13.40 36.81
C SER A 76 -13.15 13.16 35.49
N LYS A 77 -14.19 12.30 35.52
CA LYS A 77 -15.04 11.92 34.38
C LYS A 77 -15.62 13.15 33.66
N GLU A 78 -16.07 14.16 34.44
CA GLU A 78 -16.64 15.40 33.91
C GLU A 78 -15.53 16.28 33.33
N GLY A 79 -14.41 16.38 34.04
CA GLY A 79 -13.25 17.16 33.68
C GLY A 79 -12.56 16.71 32.40
N LYS A 80 -12.29 15.39 32.30
CA LYS A 80 -11.64 14.75 31.14
C LYS A 80 -12.41 15.02 29.84
N ALA A 81 -13.76 14.98 29.91
CA ALA A 81 -14.65 15.21 28.78
C ALA A 81 -14.63 16.68 28.33
N THR A 82 -14.60 17.63 29.30
CA THR A 82 -14.58 19.09 29.06
C THR A 82 -13.27 19.49 28.39
N VAL A 83 -12.13 18.95 28.88
CA VAL A 83 -10.78 19.21 28.37
C VAL A 83 -10.64 18.64 26.95
N GLU A 84 -11.02 17.36 26.75
CA GLU A 84 -10.97 16.66 25.45
C GLU A 84 -11.73 17.45 24.37
N ALA A 85 -12.88 18.07 24.76
CA ALA A 85 -13.72 18.88 23.89
C ALA A 85 -12.99 20.14 23.44
N LEU A 86 -12.28 20.82 24.37
CA LEU A 86 -11.51 22.05 24.12
C LEU A 86 -10.33 21.80 23.16
N ILE A 87 -9.63 20.65 23.31
CA ILE A 87 -8.49 20.26 22.46
C ILE A 87 -9.00 20.04 21.01
N ASN A 88 -10.19 19.48 20.86
CA ASN A 88 -10.80 19.22 19.56
C ASN A 88 -11.42 20.47 18.95
N LYS A 89 -12.05 21.33 19.77
CA LYS A 89 -12.71 22.56 19.30
C LYS A 89 -11.70 23.65 18.92
N TYR A 90 -10.82 24.04 19.86
CA TYR A 90 -9.85 25.13 19.66
C TYR A 90 -8.50 24.66 19.09
N LYS A 91 -8.39 23.36 18.72
CA LYS A 91 -7.18 22.73 18.16
C LYS A 91 -5.97 23.10 19.03
N LEU A 92 -6.11 22.82 20.35
CA LEU A 92 -5.13 23.13 21.38
C LEU A 92 -3.95 22.17 21.33
N LYS A 93 -2.74 22.74 21.42
CA LYS A 93 -1.47 22.01 21.40
C LYS A 93 -0.69 22.26 22.69
N GLU A 94 0.54 21.73 22.78
CA GLU A 94 1.42 21.92 23.93
C GLU A 94 2.79 22.44 23.48
N GLY A 95 3.47 23.10 24.40
CA GLY A 95 4.79 23.69 24.13
C GLY A 95 4.72 25.03 23.43
N ASN A 96 5.67 25.26 22.51
CA ASN A 96 5.75 26.50 21.73
C ASN A 96 5.63 26.16 20.24
N PRO A 97 4.38 26.02 19.72
CA PRO A 97 4.22 25.69 18.29
C PRO A 97 4.18 26.95 17.41
N SER A 98 3.66 26.80 16.17
CA SER A 98 3.52 27.86 15.17
C SER A 98 2.57 28.97 15.65
N ARG A 99 2.74 30.17 15.06
CA ARG A 99 1.96 31.39 15.31
C ARG A 99 0.44 31.14 15.13
N ASP A 100 0.07 30.27 14.17
CA ASP A 100 -1.33 29.92 13.86
C ASP A 100 -1.93 28.91 14.84
N GLU A 101 -1.13 28.38 15.79
CA GLU A 101 -1.60 27.38 16.76
C GLU A 101 -1.92 27.99 18.14
N LEU A 102 -2.80 27.31 18.89
CA LEU A 102 -3.23 27.72 20.23
C LEU A 102 -2.74 26.76 21.31
N THR A 103 -2.35 27.31 22.46
CA THR A 103 -1.91 26.59 23.67
C THR A 103 -2.55 27.21 24.91
N LEU A 104 -2.65 26.44 26.00
CA LEU A 104 -3.23 26.92 27.27
C LEU A 104 -2.46 28.11 27.82
N SER A 105 -1.13 28.11 27.65
CA SER A 105 -0.25 29.20 28.07
C SER A 105 -0.53 30.47 27.29
N ARG A 106 -0.84 30.34 25.99
CA ARG A 106 -1.13 31.46 25.09
C ARG A 106 -2.51 32.05 25.36
N VAL A 107 -3.51 31.20 25.67
CA VAL A 107 -4.90 31.58 25.98
C VAL A 107 -4.91 32.44 27.26
N ALA A 108 -4.07 32.08 28.23
CA ALA A 108 -3.94 32.79 29.50
C ALA A 108 -3.09 34.06 29.37
N ALA A 109 -2.06 34.05 28.49
CA ALA A 109 -1.16 35.19 28.30
C ALA A 109 -1.79 36.31 27.47
N ALA A 110 -2.60 35.99 26.46
CA ALA A 110 -3.26 36.99 25.62
C ALA A 110 -4.36 37.71 26.40
N LEU A 111 -5.15 36.95 27.21
CA LEU A 111 -6.23 37.46 28.07
C LEU A 111 -5.72 37.62 29.50
N ALA A 112 -4.55 38.27 29.63
CA ALA A 112 -3.82 38.52 30.88
C ALA A 112 -4.63 39.27 31.94
N GLY A 113 -5.59 40.09 31.51
CA GLY A 113 -6.44 40.88 32.37
C GLY A 113 -7.23 40.06 33.39
N ARG A 114 -7.98 39.05 32.92
CA ARG A 114 -8.77 38.16 33.78
C ARG A 114 -7.87 37.12 34.45
N THR A 115 -6.75 36.75 33.78
CA THR A 115 -5.77 35.77 34.26
C THR A 115 -5.17 36.21 35.60
N CYS A 116 -4.83 37.51 35.73
CA CYS A 116 -4.25 38.09 36.95
C CYS A 116 -5.31 38.16 38.06
N GLN A 117 -6.58 38.41 37.69
CA GLN A 117 -7.71 38.47 38.61
C GLN A 117 -8.01 37.09 39.19
N ALA A 118 -7.88 36.05 38.36
CA ALA A 118 -8.11 34.64 38.71
C ALA A 118 -7.09 34.12 39.73
N LEU A 119 -5.89 34.73 39.74
CA LEU A 119 -4.78 34.37 40.64
C LEU A 119 -5.13 34.59 42.12
N VAL A 120 -5.97 35.60 42.40
CA VAL A 120 -6.43 35.95 43.75
C VAL A 120 -7.27 34.79 44.31
N VAL A 121 -8.06 34.15 43.45
CA VAL A 121 -8.91 33.02 43.78
C VAL A 121 -8.07 31.73 43.85
N LEU A 122 -7.33 31.42 42.77
CA LEU A 122 -6.51 30.21 42.61
C LEU A 122 -5.08 30.39 43.17
N SER A 123 -4.96 30.98 44.38
CA SER A 123 -3.70 31.27 45.05
C SER A 123 -2.96 30.00 45.50
N GLU A 124 -3.66 29.07 46.17
CA GLU A 124 -3.06 27.85 46.70
C GLU A 124 -3.10 26.68 45.70
N TRP A 125 -3.65 26.90 44.50
CA TRP A 125 -3.72 25.85 43.49
C TRP A 125 -2.64 26.02 42.42
N LEU A 126 -1.81 27.08 42.56
CA LEU A 126 -0.67 27.39 41.69
C LEU A 126 0.52 26.47 41.98
N PRO A 127 1.54 26.32 41.07
CA PRO A 127 2.71 25.47 41.40
C PRO A 127 3.46 26.01 42.61
N VAL A 128 3.51 27.35 42.73
CA VAL A 128 4.07 28.09 43.86
C VAL A 128 2.87 28.75 44.53
N THR A 129 2.47 28.26 45.72
CA THR A 129 1.29 28.74 46.46
C THR A 129 1.52 30.15 47.04
N GLY A 130 0.41 30.81 47.41
CA GLY A 130 0.42 32.14 47.99
C GLY A 130 1.12 32.20 49.32
N THR A 131 0.99 31.12 50.12
CA THR A 131 1.63 30.97 51.44
C THR A 131 3.14 30.84 51.27
N THR A 132 3.59 30.11 50.23
CA THR A 132 5.01 29.89 49.90
C THR A 132 5.67 31.25 49.59
N MET A 133 4.99 32.10 48.79
CA MET A 133 5.47 33.42 48.41
C MET A 133 5.40 34.41 49.58
N ASP A 134 4.46 34.21 50.52
CA ASP A 134 4.29 35.05 51.71
C ASP A 134 5.44 34.83 52.70
N GLY A 135 6.07 33.67 52.64
CA GLY A 135 7.22 33.30 53.47
C GLY A 135 8.53 33.85 52.95
N LEU A 136 8.54 34.30 51.69
CA LEU A 136 9.71 34.89 51.01
C LEU A 136 9.65 36.41 51.05
N SER A 137 8.47 36.97 50.74
CA SER A 137 8.19 38.42 50.74
C SER A 137 6.94 38.69 51.58
N PRO A 138 6.92 39.79 52.38
CA PRO A 138 5.73 40.07 53.21
C PRO A 138 4.50 40.37 52.35
N ALA A 139 3.52 39.44 52.38
CA ALA A 139 2.26 39.45 51.64
C ALA A 139 2.49 39.80 50.15
N TYR A 140 3.04 38.83 49.41
CA TYR A 140 3.37 38.96 47.99
C TYR A 140 2.11 39.24 47.15
N PRO A 141 2.17 40.17 46.15
CA PRO A 141 0.99 40.46 45.33
C PRO A 141 0.54 39.24 44.53
N ARG A 142 -0.72 38.86 44.71
CA ARG A 142 -1.32 37.70 44.07
C ARG A 142 -1.40 37.86 42.54
N HIS A 143 -1.60 39.10 42.06
CA HIS A 143 -1.71 39.42 40.63
C HIS A 143 -0.39 39.22 39.86
N MET A 144 0.76 39.25 40.55
CA MET A 144 2.09 39.05 39.94
C MET A 144 2.45 37.57 39.80
N MET A 145 1.69 36.67 40.45
CA MET A 145 1.98 35.25 40.56
C MET A 145 1.66 34.42 39.29
N HIS A 146 2.14 34.88 38.13
CA HIS A 146 2.01 34.18 36.83
C HIS A 146 2.80 34.92 35.74
N PRO A 147 3.53 34.21 34.85
CA PRO A 147 4.31 34.91 33.81
C PRO A 147 3.51 35.87 32.92
N SER A 148 2.17 35.68 32.80
CA SER A 148 1.27 36.51 31.99
C SER A 148 1.14 37.95 32.51
N PHE A 149 1.54 38.20 33.78
CA PHE A 149 1.50 39.51 34.42
C PHE A 149 2.41 40.51 33.69
N ALA A 150 3.52 40.02 33.09
CA ALA A 150 4.49 40.84 32.35
C ALA A 150 3.82 41.66 31.22
N GLY A 151 2.70 41.16 30.71
CA GLY A 151 1.90 41.82 29.68
C GLY A 151 0.99 42.91 30.22
N MET A 152 0.89 43.03 31.56
CA MET A 152 0.09 44.04 32.25
C MET A 152 0.99 45.19 32.76
N VAL A 153 2.32 45.00 32.70
CA VAL A 153 3.31 45.99 33.14
C VAL A 153 3.38 47.12 32.11
N ASP A 154 3.14 48.36 32.57
CA ASP A 154 3.18 49.57 31.77
C ASP A 154 4.63 50.07 31.67
N PRO A 155 5.26 50.04 30.48
CA PRO A 155 6.68 50.49 30.39
C PRO A 155 6.85 52.00 30.50
N SER A 156 5.78 52.79 30.25
CA SER A 156 5.80 54.26 30.33
C SER A 156 5.91 54.75 31.80
N LEU A 157 6.07 53.81 32.75
CA LEU A 157 6.24 54.04 34.18
C LEU A 157 7.61 54.67 34.49
N PRO A 158 7.76 55.53 35.54
CA PRO A 158 9.07 56.13 35.83
C PRO A 158 10.11 55.07 36.23
N GLY A 159 11.36 55.33 35.83
CA GLY A 159 12.54 54.49 36.06
C GLY A 159 12.52 53.55 37.24
N ASP A 160 12.74 54.09 38.46
CA ASP A 160 12.76 53.34 39.72
C ASP A 160 11.45 52.59 39.98
N TYR A 161 10.29 53.19 39.67
CA TYR A 161 8.96 52.59 39.87
C TYR A 161 8.76 51.35 38.98
N LEU A 162 9.16 51.44 37.69
CA LEU A 162 9.07 50.36 36.70
C LEU A 162 10.01 49.21 37.08
N ARG A 163 11.24 49.53 37.50
CA ARG A 163 12.27 48.57 37.90
C ARG A 163 11.82 47.77 39.13
N ALA A 164 11.14 48.44 40.09
CA ALA A 164 10.63 47.84 41.33
C ALA A 164 9.58 46.77 41.05
N ILE A 165 8.66 47.05 40.11
CA ILE A 165 7.58 46.14 39.67
C ILE A 165 8.20 44.90 39.02
N LEU A 166 9.15 45.12 38.08
CA LEU A 166 9.85 44.07 37.34
C LEU A 166 10.68 43.19 38.27
N ASP A 167 11.34 43.80 39.28
CA ASP A 167 12.14 43.10 40.30
C ASP A 167 11.24 42.24 41.19
N ALA A 168 10.04 42.77 41.53
CA ALA A 168 9.04 42.12 42.38
C ALA A 168 8.42 40.91 41.67
N HIS A 169 8.05 41.08 40.38
CA HIS A 169 7.47 40.01 39.57
C HIS A 169 8.51 38.91 39.30
N SER A 170 9.79 39.30 39.15
CA SER A 170 10.94 38.39 38.92
C SER A 170 11.12 37.38 40.06
N LEU A 171 10.75 37.76 41.31
CA LEU A 171 10.82 36.90 42.49
C LEU A 171 9.96 35.65 42.29
N TYR A 172 8.72 35.82 41.75
CA TYR A 172 7.83 34.70 41.45
C TYR A 172 8.43 33.87 40.33
N LEU A 173 8.89 34.55 39.23
CA LEU A 173 9.49 33.96 38.03
C LEU A 173 10.73 33.12 38.36
N LEU A 174 11.39 33.43 39.48
CA LEU A 174 12.52 32.68 40.00
C LEU A 174 12.02 31.40 40.69
N GLN A 175 10.96 31.54 41.51
CA GLN A 175 10.36 30.43 42.26
C GLN A 175 9.55 29.51 41.35
N PHE A 176 8.88 30.09 40.32
CA PHE A 176 8.04 29.37 39.36
C PHE A 176 8.89 28.45 38.47
N SER A 177 9.93 29.00 37.81
CA SER A 177 10.84 28.29 36.91
C SER A 177 11.52 27.10 37.62
N ARG A 178 11.92 27.29 38.90
CA ARG A 178 12.57 26.26 39.71
C ARG A 178 11.65 25.07 39.98
N VAL A 179 10.34 25.34 40.13
CA VAL A 179 9.34 24.30 40.42
C VAL A 179 9.00 23.51 39.14
N ILE A 180 8.57 24.21 38.05
CA ILE A 180 8.16 23.57 36.79
C ILE A 180 9.36 22.95 36.04
N ASN A 181 10.57 23.51 36.16
CA ASN A 181 11.76 22.96 35.50
C ASN A 181 12.73 22.42 36.58
N PRO A 182 12.93 21.08 36.65
CA PRO A 182 13.77 20.51 37.72
C PRO A 182 15.27 20.83 37.63
N ASN A 183 15.83 20.98 36.41
CA ASN A 183 17.26 21.25 36.22
C ASN A 183 17.64 22.70 36.65
N LEU A 184 16.65 23.60 36.82
CA LEU A 184 16.86 24.98 37.24
C LEU A 184 16.92 25.12 38.79
N ARG A 185 16.70 24.01 39.54
CA ARG A 185 16.71 24.00 41.01
C ARG A 185 18.11 24.23 41.58
N GLY A 186 19.12 23.56 41.01
CA GLY A 186 20.51 23.66 41.44
C GLY A 186 21.25 24.89 40.96
N ARG A 187 20.81 25.46 39.81
CA ARG A 187 21.42 26.64 39.18
C ARG A 187 21.17 27.92 40.01
N THR A 188 22.06 28.92 39.83
CA THR A 188 22.04 30.21 40.53
C THR A 188 20.91 31.12 40.02
N LYS A 189 20.64 32.23 40.77
CA LYS A 189 19.62 33.24 40.47
C LYS A 189 19.82 33.83 39.06
N GLU A 190 21.08 34.17 38.71
CA GLU A 190 21.48 34.74 37.42
C GLU A 190 21.17 33.79 36.25
N GLU A 191 21.38 32.47 36.46
CA GLU A 191 21.12 31.43 35.48
C GLU A 191 19.61 31.28 35.21
N VAL A 192 18.80 31.35 36.28
CA VAL A 192 17.33 31.26 36.19
C VAL A 192 16.80 32.56 35.56
N ALA A 193 17.35 33.72 35.97
CA ALA A 193 16.99 35.04 35.46
C ALA A 193 17.05 35.13 33.94
N ALA A 194 18.13 34.59 33.35
CA ALA A 194 18.38 34.57 31.91
C ALA A 194 17.29 33.83 31.11
N THR A 195 16.62 32.84 31.74
CA THR A 195 15.58 32.06 31.08
C THR A 195 14.25 32.82 30.98
N PHE A 196 13.90 33.64 31.99
CA PHE A 196 12.62 34.35 32.00
C PHE A 196 12.67 35.85 31.63
N THR A 197 13.84 36.50 31.68
CA THR A 197 13.97 37.94 31.38
C THR A 197 13.58 38.28 29.93
N GLN A 198 13.93 37.42 28.95
CA GLN A 198 13.64 37.61 27.52
C GLN A 198 12.10 37.68 27.25
N PRO A 199 11.24 36.68 27.60
CA PRO A 199 9.80 36.80 27.30
C PRO A 199 9.07 37.80 28.17
N MET A 200 9.62 38.10 29.36
CA MET A 200 9.08 39.04 30.34
C MET A 200 9.12 40.45 29.76
N ASN A 201 10.32 40.92 29.37
CA ASN A 201 10.55 42.25 28.80
C ASN A 201 9.82 42.42 27.46
N ALA A 202 9.71 41.31 26.68
CA ALA A 202 9.01 41.28 25.39
C ALA A 202 7.52 41.59 25.57
N ALA A 203 6.94 41.12 26.69
CA ALA A 203 5.54 41.34 27.05
C ALA A 203 5.33 42.76 27.56
N VAL A 204 6.33 43.32 28.27
CA VAL A 204 6.30 44.69 28.81
C VAL A 204 6.31 45.70 27.66
N ASN A 205 7.23 45.51 26.68
CA ASN A 205 7.41 46.40 25.54
C ASN A 205 6.53 46.00 24.32
N SER A 206 5.50 45.15 24.52
CA SER A 206 4.60 44.74 23.44
C SER A 206 3.59 45.84 23.11
N ASN A 207 3.14 45.88 21.84
CA ASN A 207 2.18 46.85 21.33
C ASN A 207 0.75 46.62 21.87
N PHE A 208 0.42 45.36 22.24
CA PHE A 208 -0.90 44.97 22.76
C PHE A 208 -1.14 45.58 24.14
N ILE A 209 -2.36 46.15 24.33
CA ILE A 209 -2.87 46.89 25.50
C ILE A 209 -2.15 48.23 25.58
N SER A 210 -2.93 49.33 25.49
CA SER A 210 -2.40 50.70 25.54
C SER A 210 -1.78 51.01 26.90
N HIS A 211 -0.76 51.88 26.90
CA HIS A 211 -0.02 52.31 28.08
C HIS A 211 -0.93 52.97 29.12
N GLU A 212 -2.02 53.61 28.66
CA GLU A 212 -3.02 54.27 29.50
C GLU A 212 -3.84 53.23 30.25
N LYS A 213 -4.35 52.21 29.51
CA LYS A 213 -5.18 51.12 30.07
C LYS A 213 -4.36 50.16 30.90
N ARG A 214 -3.06 49.96 30.55
CA ARG A 214 -2.13 49.09 31.27
C ARG A 214 -1.88 49.61 32.69
N ARG A 215 -1.70 50.93 32.83
CA ARG A 215 -1.48 51.62 34.10
C ARG A 215 -2.75 51.54 34.95
N GLU A 216 -3.94 51.65 34.30
CA GLU A 216 -5.26 51.55 34.93
C GLU A 216 -5.47 50.16 35.53
N PHE A 217 -4.97 49.09 34.85
CA PHE A 217 -5.05 47.70 35.28
C PHE A 217 -4.22 47.49 36.54
N LEU A 218 -2.99 48.05 36.58
CA LEU A 218 -2.07 47.98 37.72
C LEU A 218 -2.65 48.73 38.92
N LYS A 219 -3.39 49.84 38.65
CA LYS A 219 -4.08 50.65 39.66
C LYS A 219 -5.26 49.88 40.24
N ALA A 220 -6.01 49.18 39.36
CA ALA A 220 -7.19 48.36 39.70
C ALA A 220 -6.81 47.19 40.59
N PHE A 221 -5.62 46.60 40.37
CA PHE A 221 -5.11 45.49 41.17
C PHE A 221 -4.49 46.00 42.49
N GLY A 222 -4.35 47.32 42.59
CA GLY A 222 -3.79 47.97 43.76
C GLY A 222 -2.28 47.81 43.89
N LEU A 223 -1.58 47.72 42.74
CA LEU A 223 -0.13 47.56 42.69
C LEU A 223 0.56 48.92 42.77
N VAL A 224 0.05 49.93 42.00
CA VAL A 224 0.58 51.30 41.98
C VAL A 224 -0.55 52.30 42.31
N ASP A 225 -0.19 53.52 42.74
CA ASP A 225 -1.14 54.58 43.06
C ASP A 225 -1.43 55.44 41.81
N SER A 226 -2.20 56.54 41.95
CA SER A 226 -2.58 57.47 40.88
C SER A 226 -1.37 57.97 40.08
N ASN A 227 -0.26 58.29 40.76
CA ASN A 227 0.98 58.76 40.14
C ASN A 227 1.70 57.61 39.42
N GLY A 228 2.06 56.57 40.17
CA GLY A 228 2.77 55.40 39.66
C GLY A 228 3.68 54.74 40.68
N LYS A 229 3.66 55.22 41.93
CA LYS A 229 4.46 54.69 43.03
C LYS A 229 3.89 53.33 43.48
N PRO A 230 4.70 52.25 43.47
CA PRO A 230 4.17 50.93 43.87
C PRO A 230 3.90 50.83 45.37
N SER A 231 3.05 49.86 45.76
CA SER A 231 2.71 49.60 47.15
C SER A 231 3.92 48.98 47.88
N ALA A 232 3.94 49.06 49.22
CA ALA A 232 5.03 48.56 50.07
C ALA A 232 5.30 47.06 49.83
N ALA A 233 4.24 46.23 49.65
CA ALA A 233 4.34 44.79 49.39
C ALA A 233 5.16 44.49 48.13
N VAL A 234 5.04 45.35 47.10
CA VAL A 234 5.78 45.29 45.83
C VAL A 234 7.23 45.67 46.12
N MET A 235 7.45 46.80 46.83
CA MET A 235 8.76 47.33 47.19
C MET A 235 9.56 46.32 48.03
N ALA A 236 8.87 45.58 48.93
CA ALA A 236 9.45 44.55 49.79
C ALA A 236 9.89 43.35 48.99
N ALA A 237 9.14 43.00 47.93
CA ALA A 237 9.42 41.89 47.02
C ALA A 237 10.63 42.21 46.12
N ALA A 238 10.83 43.51 45.80
CA ALA A 238 11.94 43.99 44.97
C ALA A 238 13.27 43.85 45.73
N GLN A 239 13.27 44.16 47.04
CA GLN A 239 14.44 44.02 47.91
C GLN A 239 14.66 42.54 48.22
N ALA A 240 13.56 41.75 48.35
CA ALA A 240 13.60 40.31 48.61
C ALA A 240 14.25 39.56 47.46
N TYR A 241 14.00 39.99 46.20
CA TYR A 241 14.56 39.39 44.99
C TYR A 241 16.08 39.58 44.92
N LYS A 242 16.57 40.75 45.35
CA LYS A 242 17.99 41.09 45.35
C LYS A 242 18.75 40.32 46.44
N THR A 243 18.12 40.13 47.62
CA THR A 243 18.73 39.42 48.76
C THR A 243 18.73 37.90 48.55
N ALA A 244 17.60 37.31 48.11
CA ALA A 244 17.48 35.87 47.89
C ALA A 244 18.24 35.42 46.63
N ALA A 245 18.65 34.13 46.61
CA ALA A 245 19.37 33.52 45.49
C ALA A 245 18.61 32.33 44.91
N ASP B 2 15.06 -38.01 31.47
CA ASP B 2 14.73 -38.42 32.83
C ASP B 2 15.66 -37.72 33.85
N ASN B 3 16.86 -38.28 34.00
CA ASN B 3 17.92 -37.82 34.89
C ASN B 3 18.91 -36.95 34.13
N TYR B 4 18.81 -35.63 34.23
CA TYR B 4 19.69 -34.74 33.48
C TYR B 4 21.03 -34.63 34.19
N GLN B 5 21.10 -35.19 35.41
CA GLN B 5 22.32 -35.25 36.21
C GLN B 5 23.32 -36.16 35.50
N GLU B 6 22.88 -37.40 35.18
CA GLU B 6 23.65 -38.44 34.48
C GLU B 6 24.18 -37.95 33.14
N LEU B 7 23.28 -37.37 32.30
CA LEU B 7 23.55 -36.86 30.96
C LEU B 7 24.70 -35.84 30.93
N ALA B 8 24.74 -34.92 31.91
CA ALA B 8 25.74 -33.86 32.02
C ALA B 8 27.14 -34.40 32.36
N ILE B 9 27.24 -35.34 33.32
CA ILE B 9 28.51 -35.93 33.76
C ILE B 9 29.09 -36.83 32.66
N GLN B 10 28.23 -37.65 32.01
CA GLN B 10 28.62 -38.56 30.93
C GLN B 10 29.17 -37.79 29.72
N PHE B 11 28.62 -36.58 29.46
CA PHE B 11 29.05 -35.69 28.39
C PHE B 11 30.46 -35.16 28.70
N ALA B 12 30.70 -34.78 29.97
CA ALA B 12 31.97 -34.27 30.46
C ALA B 12 33.03 -35.38 30.50
N ALA B 13 32.59 -36.63 30.81
CA ALA B 13 33.45 -37.82 30.90
C ALA B 13 34.13 -38.14 29.57
N GLN B 14 33.52 -37.74 28.44
CA GLN B 14 34.03 -37.91 27.08
C GLN B 14 35.35 -37.17 26.93
N ALA B 15 36.42 -37.89 26.54
CA ALA B 15 37.76 -37.35 26.38
C ALA B 15 37.80 -36.18 25.41
N VAL B 16 38.44 -35.07 25.82
CA VAL B 16 38.58 -33.85 25.02
C VAL B 16 39.71 -34.04 24.00
N ASP B 17 39.38 -33.88 22.71
CA ASP B 17 40.34 -34.03 21.62
C ASP B 17 40.97 -32.68 21.31
N ARG B 18 42.28 -32.54 21.61
CA ARG B 18 43.09 -31.33 21.43
C ARG B 18 43.08 -30.82 19.98
N ASN B 19 43.04 -31.74 18.99
CA ASN B 19 43.04 -31.41 17.57
C ASN B 19 41.65 -31.03 17.05
N GLU B 20 40.59 -31.78 17.44
CA GLU B 20 39.20 -31.56 17.01
C GLU B 20 38.70 -30.18 17.46
N ILE B 21 39.01 -29.79 18.71
CA ILE B 21 38.62 -28.51 19.30
C ILE B 21 39.40 -27.38 18.60
N GLU B 22 40.70 -27.62 18.29
CA GLU B 22 41.55 -26.64 17.60
C GLU B 22 41.15 -26.50 16.12
N GLN B 23 40.53 -27.56 15.53
CA GLN B 23 40.04 -27.51 14.15
C GLN B 23 38.74 -26.72 14.10
N TRP B 24 37.98 -26.69 15.23
CA TRP B 24 36.73 -25.95 15.34
C TRP B 24 36.99 -24.46 15.50
N VAL B 25 37.92 -24.07 16.39
CA VAL B 25 38.27 -22.66 16.63
C VAL B 25 38.81 -22.00 15.34
N ARG B 26 39.50 -22.80 14.48
CA ARG B 26 40.02 -22.35 13.19
C ARG B 26 38.86 -22.06 12.23
N GLU B 27 37.81 -22.90 12.29
CA GLU B 27 36.61 -22.78 11.46
C GLU B 27 35.71 -21.65 11.97
N PHE B 28 35.60 -21.50 13.30
CA PHE B 28 34.77 -20.48 13.93
C PHE B 28 35.57 -19.20 14.23
N ALA B 29 36.72 -19.01 13.56
CA ALA B 29 37.60 -17.85 13.73
C ALA B 29 37.01 -16.59 13.08
N TYR B 30 37.39 -15.41 13.64
CA TYR B 30 37.00 -14.09 13.16
C TYR B 30 37.63 -13.84 11.78
N GLN B 31 36.79 -13.63 10.76
CA GLN B 31 37.23 -13.35 9.40
C GLN B 31 36.75 -11.96 8.99
N GLY B 32 37.60 -10.97 9.26
CA GLY B 32 37.31 -9.57 8.96
C GLY B 32 37.46 -9.23 7.49
N PHE B 33 38.67 -8.80 7.10
CA PHE B 33 39.03 -8.38 5.76
C PHE B 33 38.94 -9.58 4.75
N ASP B 34 39.99 -10.45 4.66
CA ASP B 34 40.11 -11.61 3.74
C ASP B 34 40.14 -11.13 2.26
N ALA B 35 41.35 -11.06 1.68
CA ALA B 35 41.62 -10.58 0.32
C ALA B 35 41.10 -11.51 -0.80
N ARG B 36 41.26 -12.84 -0.66
CA ARG B 36 40.84 -13.81 -1.66
C ARG B 36 39.37 -13.64 -2.01
N ARG B 37 38.54 -13.32 -1.01
CA ARG B 37 37.10 -13.11 -1.14
C ARG B 37 36.80 -11.80 -1.88
N VAL B 38 37.61 -10.75 -1.64
CA VAL B 38 37.44 -9.42 -2.25
C VAL B 38 37.58 -9.55 -3.78
N ILE B 39 38.66 -10.22 -4.26
CA ILE B 39 38.95 -10.43 -5.69
C ILE B 39 37.87 -11.36 -6.28
N GLU B 40 37.40 -12.36 -5.51
CA GLU B 40 36.32 -13.30 -5.87
C GLU B 40 35.02 -12.52 -6.08
N LEU B 41 34.74 -11.53 -5.19
CA LEU B 41 33.55 -10.67 -5.26
C LEU B 41 33.66 -9.66 -6.40
N LEU B 42 34.88 -9.10 -6.63
CA LEU B 42 35.13 -8.14 -7.71
C LEU B 42 34.82 -8.74 -9.07
N LYS B 43 35.22 -10.01 -9.29
CA LYS B 43 34.94 -10.74 -10.54
C LYS B 43 33.46 -11.13 -10.64
N GLN B 44 32.83 -11.41 -9.48
CA GLN B 44 31.43 -11.84 -9.38
C GLN B 44 30.47 -10.77 -9.90
N TYR B 45 30.75 -9.48 -9.63
CA TYR B 45 29.91 -8.36 -10.09
C TYR B 45 30.45 -7.74 -11.39
N GLY B 46 31.76 -7.45 -11.39
CA GLY B 46 32.45 -6.82 -12.52
C GLY B 46 32.62 -7.69 -13.74
N GLY B 47 33.29 -8.83 -13.57
CA GLY B 47 33.56 -9.79 -14.64
C GLY B 47 34.78 -9.43 -15.45
N ALA B 48 34.60 -8.56 -16.46
CA ALA B 48 35.66 -8.09 -17.35
C ALA B 48 36.07 -6.66 -17.00
N ASP B 49 35.10 -5.84 -16.54
CA ASP B 49 35.29 -4.44 -16.16
C ASP B 49 35.91 -4.28 -14.76
N TRP B 50 36.05 -5.40 -14.00
CA TRP B 50 36.55 -5.40 -12.62
C TRP B 50 37.95 -4.77 -12.48
N GLU B 51 38.82 -4.93 -13.48
CA GLU B 51 40.18 -4.39 -13.45
C GLU B 51 40.19 -2.86 -13.63
N LYS B 52 39.44 -2.32 -14.61
CA LYS B 52 39.37 -0.88 -14.86
C LYS B 52 38.65 -0.16 -13.71
N ASP B 53 37.55 -0.77 -13.18
CA ASP B 53 36.75 -0.21 -12.09
C ASP B 53 37.52 -0.22 -10.76
N ALA B 54 38.37 -1.24 -10.52
CA ALA B 54 39.17 -1.34 -9.30
C ALA B 54 40.20 -0.21 -9.22
N LYS B 55 40.77 0.18 -10.38
CA LYS B 55 41.74 1.27 -10.52
C LYS B 55 41.10 2.60 -10.11
N LYS B 56 39.81 2.79 -10.47
CA LYS B 56 39.01 3.98 -10.13
C LYS B 56 38.73 4.01 -8.62
N MET B 57 38.43 2.83 -8.04
CA MET B 57 38.10 2.63 -6.63
C MET B 57 39.32 2.84 -5.72
N ILE B 58 40.54 2.49 -6.19
CA ILE B 58 41.78 2.68 -5.41
C ILE B 58 42.03 4.20 -5.27
N VAL B 59 41.97 4.96 -6.40
CA VAL B 59 42.10 6.43 -6.45
C VAL B 59 41.06 7.07 -5.52
N LEU B 60 39.81 6.59 -5.61
CA LEU B 60 38.63 7.02 -4.85
C LEU B 60 38.82 6.84 -3.33
N ALA B 61 39.39 5.70 -2.90
CA ALA B 61 39.62 5.40 -1.49
C ALA B 61 40.78 6.19 -0.90
N LEU B 62 41.84 6.36 -1.69
CA LEU B 62 43.08 7.05 -1.30
C LEU B 62 42.89 8.55 -1.14
N THR B 63 42.10 9.19 -2.04
CA THR B 63 41.89 10.63 -2.06
C THR B 63 40.68 11.08 -1.23
N ARG B 64 39.54 10.37 -1.30
CA ARG B 64 38.34 10.77 -0.58
C ARG B 64 38.16 10.00 0.73
N GLY B 65 37.83 8.71 0.66
CA GLY B 65 37.63 7.90 1.85
C GLY B 65 36.98 6.54 1.66
N ASN B 66 36.34 6.04 2.73
CA ASN B 66 35.68 4.74 2.73
C ASN B 66 34.15 4.87 2.60
N LYS B 67 33.59 6.03 3.00
CA LYS B 67 32.14 6.31 2.93
C LYS B 67 31.78 6.73 1.49
N PRO B 68 31.11 5.85 0.69
CA PRO B 68 30.87 6.18 -0.72
C PRO B 68 29.66 7.08 -0.97
N ARG B 69 28.61 6.97 -0.15
CA ARG B 69 27.40 7.79 -0.33
C ARG B 69 27.61 9.20 0.22
N ARG B 70 28.60 9.38 1.13
CA ARG B 70 28.91 10.69 1.70
C ARG B 70 29.72 11.53 0.70
N MET B 71 30.77 10.93 0.08
CA MET B 71 31.64 11.58 -0.90
C MET B 71 30.89 11.91 -2.20
N MET B 72 29.83 11.14 -2.50
CA MET B 72 28.96 11.25 -3.66
C MET B 72 28.28 12.63 -3.73
N MET B 73 27.89 13.19 -2.56
CA MET B 73 27.20 14.47 -2.43
C MET B 73 28.07 15.65 -2.92
N LYS B 74 29.31 15.75 -2.43
CA LYS B 74 30.23 16.83 -2.79
C LYS B 74 31.21 16.34 -3.86
N MET B 75 30.69 16.14 -5.08
CA MET B 75 31.45 15.65 -6.24
C MET B 75 30.84 16.18 -7.54
N SER B 76 31.65 16.20 -8.62
CA SER B 76 31.25 16.67 -9.95
C SER B 76 30.15 15.79 -10.57
N LYS B 77 29.40 16.34 -11.56
CA LYS B 77 28.29 15.68 -12.27
C LYS B 77 28.71 14.34 -12.88
N GLU B 78 29.93 14.27 -13.45
CA GLU B 78 30.50 13.05 -14.05
C GLU B 78 30.93 12.08 -12.96
N GLY B 79 31.57 12.60 -11.91
CA GLY B 79 32.08 11.84 -10.77
C GLY B 79 31.00 11.17 -9.94
N LYS B 80 29.94 11.93 -9.59
CA LYS B 80 28.79 11.48 -8.80
C LYS B 80 28.09 10.28 -9.48
N ALA B 81 27.96 10.32 -10.81
CA ALA B 81 27.35 9.27 -11.62
C ALA B 81 28.20 7.99 -11.63
N THR B 82 29.54 8.14 -11.77
CA THR B 82 30.51 7.02 -11.81
C THR B 82 30.55 6.29 -10.46
N VAL B 83 30.55 7.05 -9.35
CA VAL B 83 30.57 6.54 -7.98
C VAL B 83 29.26 5.80 -7.67
N GLU B 84 28.10 6.45 -7.95
CA GLU B 84 26.75 5.88 -7.76
C GLU B 84 26.61 4.53 -8.47
N ALA B 85 27.21 4.40 -9.66
CA ALA B 85 27.22 3.19 -10.47
C ALA B 85 27.99 2.06 -9.78
N LEU B 86 29.17 2.37 -9.20
CA LEU B 86 30.04 1.43 -8.49
C LEU B 86 29.37 0.88 -7.23
N ILE B 87 28.63 1.74 -6.47
CA ILE B 87 27.91 1.36 -5.25
C ILE B 87 26.79 0.37 -5.61
N ASN B 88 26.14 0.58 -6.77
CA ASN B 88 25.06 -0.28 -7.23
C ASN B 88 25.58 -1.57 -7.88
N LYS B 89 26.71 -1.49 -8.63
CA LYS B 89 27.31 -2.64 -9.33
C LYS B 89 27.99 -3.61 -8.35
N TYR B 90 28.98 -3.11 -7.58
CA TYR B 90 29.78 -3.93 -6.66
C TYR B 90 29.19 -4.03 -5.25
N LYS B 91 27.97 -3.49 -5.04
CA LYS B 91 27.25 -3.49 -3.75
C LYS B 91 28.20 -3.02 -2.63
N LEU B 92 28.81 -1.84 -2.86
CA LEU B 92 29.79 -1.21 -1.98
C LEU B 92 29.14 -0.61 -0.75
N LYS B 93 29.74 -0.86 0.42
CA LYS B 93 29.28 -0.37 1.71
C LYS B 93 30.37 0.48 2.38
N GLU B 94 30.12 0.93 3.63
CA GLU B 94 31.05 1.74 4.40
C GLU B 94 31.29 1.10 5.76
N GLY B 95 32.43 1.43 6.36
CA GLY B 95 32.84 0.91 7.65
C GLY B 95 33.41 -0.50 7.58
N ASN B 96 33.09 -1.33 8.58
CA ASN B 96 33.56 -2.71 8.67
C ASN B 96 32.36 -3.67 8.66
N PRO B 97 31.83 -4.02 7.47
CA PRO B 97 30.67 -4.92 7.42
C PRO B 97 31.10 -6.40 7.38
N SER B 98 30.19 -7.30 6.96
CA SER B 98 30.42 -8.74 6.86
C SER B 98 31.49 -9.08 5.81
N ARG B 99 32.12 -10.26 5.95
CA ARG B 99 33.17 -10.82 5.08
C ARG B 99 32.72 -10.87 3.61
N ASP B 100 31.40 -11.10 3.37
CA ASP B 100 30.80 -11.19 2.04
C ASP B 100 30.52 -9.80 1.41
N GLU B 101 30.80 -8.70 2.15
CA GLU B 101 30.57 -7.34 1.64
C GLU B 101 31.86 -6.66 1.18
N LEU B 102 31.72 -5.71 0.23
CA LEU B 102 32.82 -4.94 -0.36
C LEU B 102 32.82 -3.47 0.13
N THR B 103 34.02 -2.96 0.46
CA THR B 103 34.25 -1.56 0.87
C THR B 103 35.46 -1.01 0.14
N LEU B 104 35.50 0.33 -0.06
CA LEU B 104 36.61 1.01 -0.74
C LEU B 104 37.95 0.73 -0.04
N SER B 105 37.93 0.59 1.30
CA SER B 105 39.08 0.31 2.16
C SER B 105 39.51 -1.17 2.13
N ARG B 106 38.71 -2.03 1.48
CA ARG B 106 38.99 -3.45 1.31
C ARG B 106 39.50 -3.72 -0.11
N VAL B 107 38.91 -3.04 -1.10
CA VAL B 107 39.28 -3.18 -2.52
C VAL B 107 40.74 -2.72 -2.69
N ALA B 108 41.08 -1.57 -2.08
CA ALA B 108 42.42 -0.98 -2.10
C ALA B 108 43.42 -1.86 -1.37
N ALA B 109 42.99 -2.47 -0.25
CA ALA B 109 43.84 -3.32 0.59
C ALA B 109 44.13 -4.70 -0.03
N ALA B 110 43.20 -5.24 -0.84
CA ALA B 110 43.39 -6.53 -1.51
C ALA B 110 44.28 -6.37 -2.75
N LEU B 111 44.15 -5.20 -3.43
CA LEU B 111 44.95 -4.82 -4.60
C LEU B 111 46.04 -3.86 -4.12
N ALA B 112 46.68 -4.21 -2.98
CA ALA B 112 47.72 -3.44 -2.29
C ALA B 112 48.93 -3.21 -3.18
N GLY B 113 49.14 -4.10 -4.15
CA GLY B 113 50.24 -4.01 -5.10
C GLY B 113 50.20 -2.73 -5.91
N ARG B 114 49.08 -2.46 -6.60
CA ARG B 114 48.91 -1.24 -7.39
C ARG B 114 48.59 -0.04 -6.48
N THR B 115 47.98 -0.29 -5.31
CA THR B 115 47.60 0.75 -4.34
C THR B 115 48.86 1.52 -3.89
N CYS B 116 49.92 0.79 -3.53
CA CYS B 116 51.17 1.38 -3.09
C CYS B 116 51.85 2.15 -4.21
N GLN B 117 51.71 1.66 -5.46
CA GLN B 117 52.25 2.30 -6.66
C GLN B 117 51.51 3.62 -6.94
N ALA B 118 50.18 3.65 -6.68
CA ALA B 118 49.31 4.81 -6.89
C ALA B 118 49.63 5.96 -5.94
N LEU B 119 50.23 5.63 -4.77
CA LEU B 119 50.60 6.60 -3.73
C LEU B 119 51.67 7.57 -4.21
N VAL B 120 52.55 7.13 -5.11
CA VAL B 120 53.64 7.93 -5.70
C VAL B 120 53.01 9.08 -6.53
N VAL B 121 51.90 8.78 -7.21
CA VAL B 121 51.18 9.72 -8.05
C VAL B 121 50.29 10.61 -7.16
N LEU B 122 49.43 10.00 -6.32
CA LEU B 122 48.48 10.68 -5.43
C LEU B 122 49.09 11.06 -4.07
N SER B 123 50.32 11.62 -4.08
CA SER B 123 51.09 12.01 -2.89
C SER B 123 50.45 13.18 -2.13
N GLU B 124 50.09 14.26 -2.86
CA GLU B 124 49.54 15.47 -2.25
C GLU B 124 48.01 15.44 -2.16
N TRP B 125 47.36 14.35 -2.62
CA TRP B 125 45.91 14.23 -2.55
C TRP B 125 45.46 13.34 -1.38
N LEU B 126 46.43 12.80 -0.62
CA LEU B 126 46.22 11.97 0.57
C LEU B 126 45.80 12.84 1.79
N PRO B 127 45.21 12.26 2.88
CA PRO B 127 44.87 13.09 4.06
C PRO B 127 46.11 13.72 4.68
N VAL B 128 47.22 12.97 4.64
CA VAL B 128 48.56 13.39 5.08
C VAL B 128 49.38 13.46 3.80
N THR B 129 49.71 14.67 3.33
CA THR B 129 50.45 14.89 2.08
C THR B 129 51.92 14.44 2.19
N GLY B 130 52.56 14.27 1.03
CA GLY B 130 53.96 13.88 0.93
C GLY B 130 54.92 14.90 1.52
N THR B 131 54.56 16.20 1.39
CA THR B 131 55.32 17.33 1.91
C THR B 131 55.25 17.34 3.45
N THR B 132 54.08 17.00 4.01
CA THR B 132 53.83 16.94 5.46
C THR B 132 54.75 15.86 6.07
N MET B 133 54.84 14.69 5.43
CA MET B 133 55.66 13.57 5.86
C MET B 133 57.17 13.84 5.65
N ASP B 134 57.51 14.66 4.65
CA ASP B 134 58.89 15.03 4.34
C ASP B 134 59.46 15.99 5.42
N GLY B 135 58.56 16.69 6.11
CA GLY B 135 58.91 17.61 7.19
C GLY B 135 59.12 16.91 8.52
N LEU B 136 58.70 15.64 8.61
CA LEU B 136 58.83 14.79 9.80
C LEU B 136 60.03 13.84 9.65
N SER B 137 60.16 13.21 8.48
CA SER B 137 61.25 12.31 8.13
C SER B 137 61.89 12.73 6.81
N PRO B 138 63.24 12.66 6.67
CA PRO B 138 63.87 13.07 5.40
C PRO B 138 63.45 12.18 4.23
N ALA B 139 62.66 12.76 3.31
CA ALA B 139 62.09 12.12 2.11
C ALA B 139 61.44 10.76 2.44
N TYR B 140 60.26 10.82 3.10
CA TYR B 140 59.49 9.65 3.55
C TYR B 140 59.07 8.78 2.34
N PRO B 141 59.16 7.42 2.45
CA PRO B 141 58.77 6.55 1.33
C PRO B 141 57.28 6.70 1.02
N ARG B 142 56.99 7.05 -0.25
CA ARG B 142 55.62 7.27 -0.72
C ARG B 142 54.78 6.00 -0.69
N HIS B 143 55.38 4.83 -0.93
CA HIS B 143 54.68 3.54 -0.93
C HIS B 143 54.19 3.14 0.49
N MET B 144 54.79 3.70 1.54
CA MET B 144 54.43 3.43 2.94
C MET B 144 53.30 4.34 3.43
N MET B 145 52.81 5.25 2.58
CA MET B 145 51.80 6.24 2.94
C MET B 145 50.33 5.78 2.78
N HIS B 146 49.99 4.59 3.33
CA HIS B 146 48.64 4.04 3.35
C HIS B 146 48.59 2.76 4.19
N PRO B 147 47.53 2.54 5.02
CA PRO B 147 47.47 1.32 5.84
C PRO B 147 47.56 0.00 5.07
N SER B 148 47.23 0.01 3.75
CA SER B 148 47.27 -1.17 2.89
C SER B 148 48.68 -1.71 2.66
N PHE B 149 49.72 -0.88 2.93
CA PHE B 149 51.13 -1.24 2.78
C PHE B 149 51.52 -2.41 3.71
N ALA B 150 50.85 -2.52 4.88
CA ALA B 150 51.08 -3.58 5.87
C ALA B 150 50.93 -5.00 5.27
N GLY B 151 50.12 -5.10 4.21
CA GLY B 151 49.90 -6.34 3.47
C GLY B 151 50.99 -6.66 2.46
N MET B 152 51.94 -5.72 2.26
CA MET B 152 53.09 -5.87 1.36
C MET B 152 54.36 -6.20 2.15
N VAL B 153 54.30 -6.07 3.50
CA VAL B 153 55.43 -6.32 4.40
C VAL B 153 55.64 -7.83 4.51
N ASP B 154 56.87 -8.28 4.20
CA ASP B 154 57.31 -9.67 4.26
C ASP B 154 57.77 -9.99 5.70
N PRO B 155 57.04 -10.86 6.43
CA PRO B 155 57.45 -11.16 7.82
C PRO B 155 58.70 -12.03 7.94
N SER B 156 59.06 -12.78 6.88
CA SER B 156 60.25 -13.64 6.84
C SER B 156 61.56 -12.82 6.80
N LEU B 157 61.44 -11.47 6.91
CA LEU B 157 62.54 -10.52 6.95
C LEU B 157 63.32 -10.62 8.28
N PRO B 158 64.65 -10.36 8.30
CA PRO B 158 65.40 -10.45 9.56
C PRO B 158 64.93 -9.44 10.60
N GLY B 159 64.98 -9.85 11.87
CA GLY B 159 64.57 -9.10 13.05
C GLY B 159 64.60 -7.59 12.97
N ASP B 160 65.81 -7.00 13.05
CA ASP B 160 66.05 -5.56 13.01
C ASP B 160 65.52 -4.91 11.72
N TYR B 161 65.69 -5.59 10.56
CA TYR B 161 65.23 -5.11 9.24
C TYR B 161 63.71 -5.01 9.18
N LEU B 162 62.99 -6.04 9.67
CA LEU B 162 61.54 -6.11 9.70
C LEU B 162 60.96 -5.05 10.64
N ARG B 163 61.58 -4.89 11.83
CA ARG B 163 61.19 -3.91 12.86
C ARG B 163 61.31 -2.48 12.33
N ALA B 164 62.38 -2.19 11.56
CA ALA B 164 62.66 -0.88 10.96
C ALA B 164 61.57 -0.46 9.98
N ILE B 165 61.11 -1.41 9.12
CA ILE B 165 60.05 -1.21 8.12
C ILE B 165 58.75 -0.88 8.85
N LEU B 166 58.38 -1.70 9.85
CA LEU B 166 57.17 -1.55 10.66
C LEU B 166 57.15 -0.25 11.45
N ASP B 167 58.31 0.18 11.99
CA ASP B 167 58.44 1.44 12.73
C ASP B 167 58.38 2.64 11.78
N ALA B 168 58.89 2.48 10.54
CA ALA B 168 58.85 3.52 9.52
C ALA B 168 57.42 3.73 9.01
N HIS B 169 56.68 2.62 8.76
CA HIS B 169 55.29 2.65 8.31
C HIS B 169 54.38 3.19 9.40
N SER B 170 54.68 2.87 10.68
CA SER B 170 53.93 3.31 11.86
C SER B 170 53.90 4.83 11.97
N LEU B 171 54.97 5.52 11.49
CA LEU B 171 55.08 6.99 11.49
C LEU B 171 53.93 7.59 10.70
N TYR B 172 53.60 7.02 9.52
CA TYR B 172 52.47 7.47 8.71
C TYR B 172 51.17 7.14 9.43
N LEU B 173 51.02 5.88 9.91
CA LEU B 173 49.84 5.38 10.64
C LEU B 173 49.51 6.28 11.85
N LEU B 174 50.54 6.84 12.49
CA LEU B 174 50.40 7.78 13.60
C LEU B 174 49.82 9.10 13.10
N GLN B 175 50.35 9.62 11.99
CA GLN B 175 49.91 10.88 11.38
C GLN B 175 48.56 10.72 10.69
N PHE B 176 48.29 9.54 10.09
CA PHE B 176 47.06 9.22 9.37
C PHE B 176 45.87 9.14 10.33
N SER B 177 45.98 8.32 11.40
CA SER B 177 44.93 8.13 12.41
C SER B 177 44.53 9.44 13.09
N ARG B 178 45.50 10.32 13.36
CA ARG B 178 45.29 11.63 13.99
C ARG B 178 44.46 12.56 13.09
N VAL B 179 44.64 12.45 11.76
CA VAL B 179 43.93 13.29 10.80
C VAL B 179 42.50 12.80 10.61
N ILE B 180 42.30 11.51 10.24
CA ILE B 180 40.98 10.93 9.97
C ILE B 180 40.12 10.80 11.25
N ASN B 181 40.75 10.57 12.43
CA ASN B 181 40.01 10.46 13.68
C ASN B 181 40.38 11.67 14.58
N PRO B 182 39.41 12.58 14.84
CA PRO B 182 39.72 13.80 15.61
C PRO B 182 40.03 13.60 17.09
N ASN B 183 39.44 12.59 17.74
CA ASN B 183 39.66 12.32 19.17
C ASN B 183 41.07 11.75 19.45
N LEU B 184 41.78 11.27 18.41
CA LEU B 184 43.13 10.73 18.53
C LEU B 184 44.22 11.83 18.44
N ARG B 185 43.82 13.10 18.21
CA ARG B 185 44.75 14.24 18.09
C ARG B 185 45.42 14.59 19.42
N GLY B 186 44.63 14.62 20.50
CA GLY B 186 45.10 14.94 21.84
C GLY B 186 45.82 13.81 22.56
N ARG B 187 45.50 12.56 22.19
CA ARG B 187 46.06 11.34 22.79
C ARG B 187 47.55 11.16 22.43
N THR B 188 48.29 10.42 23.28
CA THR B 188 49.72 10.14 23.13
C THR B 188 50.01 9.13 22.02
N LYS B 189 51.30 9.00 21.64
CA LYS B 189 51.80 8.08 20.61
C LYS B 189 51.38 6.63 20.90
N GLU B 190 51.54 6.19 22.16
CA GLU B 190 51.21 4.84 22.65
C GLU B 190 49.72 4.54 22.50
N GLU B 191 48.86 5.55 22.74
CA GLU B 191 47.40 5.44 22.64
C GLU B 191 46.97 5.26 21.17
N VAL B 192 47.61 6.01 20.25
CA VAL B 192 47.36 5.93 18.81
C VAL B 192 47.90 4.60 18.28
N ALA B 193 49.11 4.19 18.75
CA ALA B 193 49.78 2.94 18.37
C ALA B 193 48.88 1.72 18.58
N ALA B 194 48.19 1.65 19.73
CA ALA B 194 47.29 0.56 20.11
C ALA B 194 46.12 0.37 19.13
N THR B 195 45.70 1.46 18.45
CA THR B 195 44.57 1.42 17.51
C THR B 195 44.97 0.79 16.15
N PHE B 196 46.20 1.04 15.67
CA PHE B 196 46.63 0.54 14.37
C PHE B 196 47.55 -0.69 14.39
N THR B 197 48.19 -1.03 15.53
CA THR B 197 49.12 -2.17 15.60
C THR B 197 48.43 -3.53 15.33
N GLN B 198 47.19 -3.73 15.81
CA GLN B 198 46.43 -4.97 15.62
C GLN B 198 46.17 -5.28 14.12
N PRO B 199 45.53 -4.39 13.30
CA PRO B 199 45.29 -4.75 11.88
C PRO B 199 46.54 -4.74 11.01
N MET B 200 47.57 -3.96 11.41
CA MET B 200 48.83 -3.84 10.70
C MET B 200 49.58 -5.17 10.74
N ASN B 201 49.81 -5.73 11.95
CA ASN B 201 50.49 -7.02 12.17
C ASN B 201 49.70 -8.17 11.56
N ALA B 202 48.36 -8.08 11.56
CA ALA B 202 47.45 -9.08 10.97
C ALA B 202 47.66 -9.17 9.45
N ALA B 203 47.95 -8.03 8.81
CA ALA B 203 48.22 -7.94 7.38
C ALA B 203 49.61 -8.47 7.05
N VAL B 204 50.58 -8.23 7.94
CA VAL B 204 51.97 -8.68 7.80
C VAL B 204 52.03 -10.22 7.86
N ASN B 205 51.35 -10.82 8.86
CA ASN B 205 51.33 -12.26 9.10
C ASN B 205 50.20 -12.98 8.34
N SER B 206 49.55 -12.32 7.36
CA SER B 206 48.47 -12.93 6.56
C SER B 206 49.03 -13.90 5.51
N ASN B 207 48.23 -14.92 5.17
CA ASN B 207 48.56 -15.98 4.22
C ASN B 207 48.63 -15.47 2.77
N PHE B 208 47.88 -14.39 2.45
CA PHE B 208 47.82 -13.80 1.12
C PHE B 208 49.15 -13.14 0.74
N ILE B 209 49.61 -13.41 -0.49
CA ILE B 209 50.88 -13.00 -1.13
C ILE B 209 52.02 -13.78 -0.45
N SER B 210 52.72 -14.60 -1.25
CA SER B 210 53.83 -15.43 -0.79
C SER B 210 54.98 -14.55 -0.31
N HIS B 211 55.74 -15.07 0.68
CA HIS B 211 56.89 -14.42 1.30
C HIS B 211 57.97 -14.06 0.28
N GLU B 212 58.09 -14.86 -0.79
CA GLU B 212 59.04 -14.66 -1.88
C GLU B 212 58.62 -13.45 -2.73
N LYS B 213 57.34 -13.39 -3.14
CA LYS B 213 56.77 -12.32 -3.97
C LYS B 213 56.61 -11.02 -3.19
N ARG B 214 56.31 -11.10 -1.87
CA ARG B 214 56.15 -9.92 -1.02
C ARG B 214 57.49 -9.17 -0.88
N ARG B 215 58.61 -9.91 -0.73
CA ARG B 215 59.97 -9.35 -0.64
C ARG B 215 60.34 -8.70 -1.97
N GLU B 216 59.93 -9.32 -3.10
CA GLU B 216 60.14 -8.83 -4.47
C GLU B 216 59.42 -7.48 -4.68
N PHE B 217 58.20 -7.33 -4.08
CA PHE B 217 57.40 -6.10 -4.14
C PHE B 217 58.10 -4.96 -3.41
N LEU B 218 58.65 -5.24 -2.21
CA LEU B 218 59.39 -4.28 -1.40
C LEU B 218 60.69 -3.87 -2.10
N LYS B 219 61.30 -4.81 -2.85
CA LYS B 219 62.51 -4.57 -3.66
C LYS B 219 62.18 -3.68 -4.84
N ALA B 220 61.02 -3.93 -5.50
CA ALA B 220 60.49 -3.20 -6.65
C ALA B 220 60.17 -1.74 -6.30
N PHE B 221 59.71 -1.50 -5.07
CA PHE B 221 59.40 -0.16 -4.58
C PHE B 221 60.68 0.55 -4.10
N GLY B 222 61.78 -0.20 -4.04
CA GLY B 222 63.08 0.31 -3.60
C GLY B 222 63.17 0.56 -2.11
N LEU B 223 62.42 -0.23 -1.32
CA LEU B 223 62.39 -0.11 0.14
C LEU B 223 63.54 -0.90 0.77
N VAL B 224 63.78 -2.14 0.30
CA VAL B 224 64.87 -3.01 0.76
C VAL B 224 65.75 -3.45 -0.42
N ASP B 225 66.99 -3.88 -0.14
CA ASP B 225 67.93 -4.34 -1.16
C ASP B 225 67.78 -5.86 -1.36
N SER B 226 68.66 -6.49 -2.19
CA SER B 226 68.67 -7.92 -2.52
C SER B 226 68.64 -8.81 -1.26
N ASN B 227 69.40 -8.43 -0.22
CA ASN B 227 69.47 -9.17 1.04
C ASN B 227 68.20 -8.95 1.86
N GLY B 228 67.91 -7.70 2.19
CA GLY B 228 66.74 -7.31 2.98
C GLY B 228 66.95 -6.07 3.83
N LYS B 229 68.11 -5.41 3.68
CA LYS B 229 68.46 -4.19 4.41
C LYS B 229 67.65 -3.01 3.84
N PRO B 230 66.88 -2.28 4.69
CA PRO B 230 66.07 -1.16 4.18
C PRO B 230 66.91 0.05 3.78
N SER B 231 66.33 0.94 2.95
CA SER B 231 66.98 2.16 2.48
C SER B 231 67.11 3.20 3.61
N ALA B 232 68.04 4.16 3.43
CA ALA B 232 68.35 5.23 4.38
C ALA B 232 67.11 6.00 4.82
N ALA B 233 66.22 6.34 3.87
CA ALA B 233 64.97 7.07 4.09
C ALA B 233 64.02 6.32 5.02
N VAL B 234 64.01 4.96 4.93
CA VAL B 234 63.21 4.04 5.74
C VAL B 234 63.79 4.00 7.17
N MET B 235 65.13 3.93 7.28
CA MET B 235 65.86 3.89 8.55
C MET B 235 65.69 5.20 9.32
N ALA B 236 65.66 6.34 8.59
CA ALA B 236 65.48 7.69 9.15
C ALA B 236 64.07 7.86 9.72
N ALA B 237 63.07 7.24 9.08
CA ALA B 237 61.66 7.27 9.48
C ALA B 237 61.43 6.42 10.75
N ALA B 238 62.20 5.32 10.91
CA ALA B 238 62.11 4.44 12.08
C ALA B 238 62.61 5.19 13.32
N GLN B 239 63.73 5.95 13.17
CA GLN B 239 64.33 6.77 14.22
C GLN B 239 63.41 7.97 14.53
N ALA B 240 62.76 8.52 13.47
CA ALA B 240 61.83 9.65 13.56
C ALA B 240 60.58 9.27 14.35
N TYR B 241 60.10 8.00 14.20
CA TYR B 241 58.91 7.48 14.89
C TYR B 241 59.16 7.38 16.40
N LYS B 242 60.39 6.99 16.79
CA LYS B 242 60.78 6.85 18.20
C LYS B 242 60.93 8.22 18.88
N THR B 243 61.47 9.21 18.16
CA THR B 243 61.70 10.58 18.68
C THR B 243 60.39 11.37 18.77
N ALA B 244 59.55 11.36 17.71
CA ALA B 244 58.28 12.08 17.67
C ALA B 244 57.22 11.44 18.56
N ALA B 245 56.24 12.24 19.02
CA ALA B 245 55.15 11.79 19.88
C ALA B 245 53.78 12.07 19.24
N ASP C 2 -20.85 26.95 6.74
CA ASP C 2 -21.10 28.38 6.49
C ASP C 2 -20.28 29.03 5.30
N ASN C 3 -18.98 29.37 5.47
CA ASN C 3 -18.34 30.01 4.30
C ASN C 3 -17.33 29.01 3.85
N TYR C 4 -17.69 28.19 2.81
CA TYR C 4 -16.88 27.03 2.39
C TYR C 4 -15.54 27.40 1.85
N GLN C 5 -15.46 28.56 1.22
CA GLN C 5 -14.23 29.03 0.62
C GLN C 5 -13.17 29.29 1.70
N GLU C 6 -13.52 30.04 2.77
CA GLU C 6 -12.63 30.36 3.89
C GLU C 6 -12.17 29.09 4.65
N LEU C 7 -12.98 28.02 4.62
CA LEU C 7 -12.70 26.73 5.24
C LEU C 7 -11.56 25.99 4.53
N ALA C 8 -11.57 26.03 3.19
CA ALA C 8 -10.58 25.34 2.37
C ALA C 8 -9.22 26.03 2.38
N ILE C 9 -9.16 27.39 2.40
CA ILE C 9 -7.91 28.15 2.40
C ILE C 9 -7.17 27.94 3.73
N GLN C 10 -7.90 28.00 4.87
CA GLN C 10 -7.35 27.79 6.21
C GLN C 10 -6.76 26.38 6.36
N PHE C 11 -7.38 25.39 5.71
CA PHE C 11 -6.94 23.99 5.69
C PHE C 11 -5.61 23.87 4.92
N ALA C 12 -5.51 24.59 3.78
CA ALA C 12 -4.33 24.63 2.92
C ALA C 12 -3.19 25.42 3.56
N ALA C 13 -3.54 26.46 4.34
CA ALA C 13 -2.60 27.33 5.08
C ALA C 13 -1.77 26.53 6.09
N GLN C 14 -2.38 25.45 6.64
CA GLN C 14 -1.73 24.53 7.59
C GLN C 14 -0.52 23.90 6.92
N ALA C 15 0.65 23.98 7.58
CA ALA C 15 1.93 23.47 7.07
C ALA C 15 1.89 21.96 6.87
N VAL C 16 2.35 21.50 5.69
CA VAL C 16 2.39 20.09 5.32
C VAL C 16 3.60 19.44 6.00
N ASP C 17 3.35 18.42 6.84
CA ASP C 17 4.41 17.72 7.58
C ASP C 17 4.94 16.56 6.75
N ARG C 18 6.26 16.58 6.45
CA ARG C 18 6.91 15.54 5.64
C ARG C 18 6.93 14.19 6.37
N ASN C 19 6.99 14.20 7.71
CA ASN C 19 6.99 12.98 8.51
C ASN C 19 5.61 12.33 8.52
N GLU C 20 4.57 13.09 8.93
CA GLU C 20 3.16 12.67 9.03
C GLU C 20 2.66 12.05 7.73
N ILE C 21 2.92 12.72 6.60
CA ILE C 21 2.49 12.32 5.26
C ILE C 21 3.26 11.05 4.82
N GLU C 22 4.59 11.01 5.03
CA GLU C 22 5.39 9.84 4.66
C GLU C 22 5.10 8.62 5.57
N GLN C 23 4.48 8.85 6.75
CA GLN C 23 4.08 7.75 7.65
C GLN C 23 2.76 7.15 7.18
N TRP C 24 1.93 7.95 6.49
CA TRP C 24 0.65 7.51 5.94
C TRP C 24 0.86 6.67 4.68
N VAL C 25 1.71 7.14 3.74
CA VAL C 25 2.01 6.44 2.48
C VAL C 25 2.63 5.04 2.78
N ARG C 26 3.39 4.93 3.88
CA ARG C 26 4.00 3.67 4.35
C ARG C 26 2.90 2.71 4.81
N GLU C 27 1.87 3.24 5.49
CA GLU C 27 0.73 2.50 6.01
C GLU C 27 -0.24 2.13 4.89
N PHE C 28 -0.45 3.04 3.93
CA PHE C 28 -1.36 2.85 2.80
C PHE C 28 -0.63 2.29 1.56
N ALA C 29 0.57 1.70 1.77
CA ALA C 29 1.39 1.12 0.70
C ALA C 29 0.78 -0.18 0.17
N TYR C 30 1.01 -0.45 -1.13
CA TYR C 30 0.54 -1.66 -1.82
C TYR C 30 1.31 -2.86 -1.25
N GLN C 31 0.60 -3.77 -0.56
CA GLN C 31 1.26 -4.94 0.02
C GLN C 31 1.32 -6.06 -1.00
N GLY C 32 2.47 -6.15 -1.66
CA GLY C 32 2.73 -7.18 -2.67
C GLY C 32 2.87 -8.55 -2.06
N PHE C 33 2.88 -9.58 -2.94
CA PHE C 33 3.03 -10.99 -2.56
C PHE C 33 4.25 -11.17 -1.67
N ASP C 34 4.03 -11.50 -0.40
CA ASP C 34 5.10 -11.74 0.55
C ASP C 34 5.20 -13.24 0.81
N ALA C 35 6.32 -13.84 0.39
CA ALA C 35 6.61 -15.27 0.52
C ALA C 35 6.75 -15.69 1.98
N ARG C 36 7.18 -14.76 2.85
CA ARG C 36 7.34 -14.96 4.30
C ARG C 36 5.98 -15.21 4.97
N ARG C 37 4.91 -14.58 4.46
CA ARG C 37 3.53 -14.70 4.95
C ARG C 37 2.93 -16.06 4.58
N VAL C 38 3.13 -16.52 3.33
CA VAL C 38 2.60 -17.78 2.81
C VAL C 38 3.08 -18.95 3.68
N ILE C 39 4.40 -19.01 3.95
CA ILE C 39 5.03 -20.04 4.77
C ILE C 39 4.55 -19.92 6.23
N GLU C 40 4.30 -18.68 6.70
CA GLU C 40 3.82 -18.37 8.04
C GLU C 40 2.42 -18.97 8.27
N LEU C 41 1.54 -18.88 7.26
CA LEU C 41 0.18 -19.41 7.29
C LEU C 41 0.20 -20.93 7.16
N LEU C 42 1.19 -21.48 6.42
CA LEU C 42 1.36 -22.91 6.18
C LEU C 42 1.51 -23.65 7.51
N LYS C 43 2.39 -23.14 8.39
CA LYS C 43 2.62 -23.71 9.72
C LYS C 43 1.43 -23.44 10.66
N GLN C 44 0.69 -22.33 10.42
CA GLN C 44 -0.48 -21.95 11.21
C GLN C 44 -1.60 -22.98 11.07
N TYR C 45 -1.76 -23.57 9.86
CA TYR C 45 -2.80 -24.56 9.60
C TYR C 45 -2.26 -26.00 9.62
N GLY C 46 -1.05 -26.21 9.13
CA GLY C 46 -0.41 -27.53 9.05
C GLY C 46 0.35 -27.98 10.28
N GLY C 47 1.23 -27.12 10.78
CA GLY C 47 2.03 -27.40 11.97
C GLY C 47 3.22 -28.29 11.69
N ALA C 48 2.98 -29.61 11.67
CA ALA C 48 4.00 -30.63 11.40
C ALA C 48 3.79 -31.23 10.01
N ASP C 49 2.52 -31.34 9.57
CA ASP C 49 2.13 -31.89 8.27
C ASP C 49 2.29 -30.88 7.13
N TRP C 50 2.65 -29.60 7.44
CA TRP C 50 2.80 -28.50 6.48
C TRP C 50 3.79 -28.82 5.35
N GLU C 51 4.86 -29.58 5.64
CA GLU C 51 5.89 -29.93 4.66
C GLU C 51 5.41 -31.01 3.68
N LYS C 52 4.76 -32.07 4.18
CA LYS C 52 4.25 -33.17 3.33
C LYS C 52 3.09 -32.69 2.45
N ASP C 53 2.19 -31.85 3.03
CA ASP C 53 1.02 -31.31 2.34
C ASP C 53 1.42 -30.29 1.27
N ALA C 54 2.50 -29.50 1.50
CA ALA C 54 2.98 -28.50 0.54
C ALA C 54 3.50 -29.18 -0.74
N LYS C 55 4.15 -30.36 -0.59
CA LYS C 55 4.67 -31.19 -1.68
C LYS C 55 3.53 -31.62 -2.60
N LYS C 56 2.36 -31.98 -1.99
CA LYS C 56 1.14 -32.39 -2.69
C LYS C 56 0.54 -31.21 -3.45
N MET C 57 0.57 -30.01 -2.82
CA MET C 57 0.03 -28.75 -3.36
C MET C 57 0.86 -28.23 -4.52
N ILE C 58 2.19 -28.47 -4.51
CA ILE C 58 3.09 -28.06 -5.60
C ILE C 58 2.69 -28.82 -6.87
N VAL C 59 2.61 -30.16 -6.76
CA VAL C 59 2.21 -31.08 -7.83
C VAL C 59 0.84 -30.65 -8.38
N LEU C 60 -0.10 -30.39 -7.46
CA LEU C 60 -1.47 -29.99 -7.70
C LEU C 60 -1.58 -28.68 -8.51
N ALA C 61 -0.76 -27.66 -8.17
CA ALA C 61 -0.77 -26.36 -8.83
C ALA C 61 -0.13 -26.40 -10.21
N LEU C 62 0.95 -27.19 -10.35
CA LEU C 62 1.74 -27.34 -11.57
C LEU C 62 1.00 -28.11 -12.66
N THR C 63 0.26 -29.16 -12.28
CA THR C 63 -0.44 -30.04 -13.22
C THR C 63 -1.88 -29.61 -13.50
N ARG C 64 -2.64 -29.20 -12.48
CA ARG C 64 -4.05 -28.83 -12.65
C ARG C 64 -4.23 -27.31 -12.75
N GLY C 65 -4.07 -26.59 -11.64
CA GLY C 65 -4.23 -25.15 -11.65
C GLY C 65 -4.30 -24.48 -10.31
N ASN C 66 -4.96 -23.31 -10.27
CA ASN C 66 -5.11 -22.51 -9.07
C ASN C 66 -6.52 -22.66 -8.45
N LYS C 67 -7.52 -23.04 -9.27
CA LYS C 67 -8.92 -23.25 -8.84
C LYS C 67 -9.05 -24.64 -8.19
N PRO C 68 -9.16 -24.72 -6.84
CA PRO C 68 -9.16 -26.05 -6.18
C PRO C 68 -10.51 -26.76 -6.17
N ARG C 69 -11.62 -26.03 -6.11
CA ARG C 69 -12.95 -26.64 -6.08
C ARG C 69 -13.38 -27.08 -7.49
N ARG C 70 -12.78 -26.49 -8.54
CA ARG C 70 -13.07 -26.84 -9.93
C ARG C 70 -12.38 -28.15 -10.31
N MET C 71 -11.08 -28.30 -9.97
CA MET C 71 -10.28 -29.50 -10.25
C MET C 71 -10.75 -30.72 -9.45
N MET C 72 -11.38 -30.46 -8.29
CA MET C 72 -11.93 -31.43 -7.35
C MET C 72 -12.99 -32.32 -8.00
N MET C 73 -13.83 -31.73 -8.88
CA MET C 73 -14.93 -32.39 -9.60
C MET C 73 -14.43 -33.51 -10.52
N LYS C 74 -13.46 -33.21 -11.39
CA LYS C 74 -12.90 -34.16 -12.36
C LYS C 74 -11.59 -34.73 -11.83
N MET C 75 -11.69 -35.56 -10.77
CA MET C 75 -10.53 -36.18 -10.11
C MET C 75 -10.92 -37.54 -9.50
N SER C 76 -9.92 -38.42 -9.27
CA SER C 76 -10.10 -39.76 -8.69
C SER C 76 -10.63 -39.70 -7.25
N LYS C 77 -11.24 -40.81 -6.77
CA LYS C 77 -11.85 -40.97 -5.45
C LYS C 77 -10.86 -40.63 -4.33
N GLU C 78 -9.59 -41.05 -4.47
CA GLU C 78 -8.51 -40.79 -3.51
C GLU C 78 -8.06 -39.32 -3.60
N GLY C 79 -7.93 -38.82 -4.83
CA GLY C 79 -7.51 -37.46 -5.13
C GLY C 79 -8.47 -36.39 -4.65
N LYS C 80 -9.78 -36.56 -4.94
CA LYS C 80 -10.87 -35.65 -4.57
C LYS C 80 -10.92 -35.45 -3.05
N ALA C 81 -10.72 -36.54 -2.28
CA ALA C 81 -10.73 -36.53 -0.81
C ALA C 81 -9.52 -35.77 -0.24
N THR C 82 -8.32 -35.96 -0.84
CA THR C 82 -7.06 -35.33 -0.44
C THR C 82 -7.10 -33.82 -0.68
N VAL C 83 -7.64 -33.39 -1.84
CA VAL C 83 -7.78 -31.99 -2.26
C VAL C 83 -8.80 -31.30 -1.33
N GLU C 84 -9.99 -31.90 -1.15
CA GLU C 84 -11.07 -31.38 -0.29
C GLU C 84 -10.56 -31.12 1.12
N ALA C 85 -9.68 -31.99 1.63
CA ALA C 85 -9.05 -31.89 2.95
C ALA C 85 -8.16 -30.66 3.05
N LEU C 86 -7.34 -30.40 2.00
CA LEU C 86 -6.41 -29.27 1.92
C LEU C 86 -7.14 -27.93 1.87
N ILE C 87 -8.27 -27.85 1.15
CA ILE C 87 -9.10 -26.64 1.03
C ILE C 87 -9.70 -26.31 2.41
N ASN C 88 -10.08 -27.36 3.18
CA ASN C 88 -10.66 -27.21 4.51
C ASN C 88 -9.60 -26.90 5.58
N LYS C 89 -8.42 -27.55 5.49
CA LYS C 89 -7.32 -27.39 6.46
C LYS C 89 -6.59 -26.05 6.29
N TYR C 90 -6.06 -25.76 5.09
CA TYR C 90 -5.28 -24.55 4.81
C TYR C 90 -6.12 -23.36 4.34
N LYS C 91 -7.47 -23.51 4.34
CA LYS C 91 -8.44 -22.49 3.92
C LYS C 91 -8.00 -21.91 2.57
N LEU C 92 -7.80 -22.81 1.60
CA LEU C 92 -7.34 -22.52 0.26
C LEU C 92 -8.44 -21.89 -0.58
N LYS C 93 -8.08 -20.83 -1.31
CA LYS C 93 -8.98 -20.08 -2.19
C LYS C 93 -8.43 -20.10 -3.63
N GLU C 94 -9.10 -19.38 -4.54
CA GLU C 94 -8.70 -19.27 -5.94
C GLU C 94 -8.59 -17.82 -6.35
N GLY C 95 -7.80 -17.55 -7.38
CA GLY C 95 -7.56 -16.22 -7.90
C GLY C 95 -6.56 -15.43 -7.10
N ASN C 96 -6.81 -14.13 -6.94
CA ASN C 96 -5.94 -13.22 -6.19
C ASN C 96 -6.72 -12.63 -5.00
N PRO C 97 -6.80 -13.35 -3.85
CA PRO C 97 -7.54 -12.82 -2.70
C PRO C 97 -6.64 -11.96 -1.80
N SER C 98 -7.08 -11.73 -0.54
CA SER C 98 -6.36 -10.93 0.46
C SER C 98 -5.02 -11.57 0.85
N ARG C 99 -4.10 -10.73 1.36
CA ARG C 99 -2.75 -11.08 1.81
C ARG C 99 -2.77 -12.22 2.86
N ASP C 100 -3.82 -12.25 3.70
CA ASP C 100 -4.01 -13.26 4.76
C ASP C 100 -4.58 -14.59 4.24
N GLU C 101 -4.87 -14.69 2.92
CA GLU C 101 -5.42 -15.92 2.32
C GLU C 101 -4.37 -16.72 1.54
N LEU C 102 -4.60 -18.05 1.44
CA LEU C 102 -3.71 -19.00 0.73
C LEU C 102 -4.32 -19.50 -0.57
N THR C 103 -3.49 -19.61 -1.63
CA THR C 103 -3.85 -20.16 -2.94
C THR C 103 -2.76 -21.11 -3.40
N LEU C 104 -3.11 -22.06 -4.29
CA LEU C 104 -2.17 -23.05 -4.84
C LEU C 104 -1.01 -22.37 -5.56
N SER C 105 -1.29 -21.25 -6.26
CA SER C 105 -0.28 -20.48 -6.98
C SER C 105 0.74 -19.88 -6.01
N ARG C 106 0.25 -19.39 -4.86
CA ARG C 106 1.06 -18.76 -3.82
C ARG C 106 1.96 -19.75 -3.09
N VAL C 107 1.45 -20.97 -2.79
CA VAL C 107 2.22 -22.02 -2.09
C VAL C 107 3.37 -22.51 -3.01
N ALA C 108 3.12 -22.60 -4.32
CA ALA C 108 4.14 -23.02 -5.28
C ALA C 108 5.17 -21.92 -5.54
N ALA C 109 4.74 -20.64 -5.54
CA ALA C 109 5.60 -19.49 -5.78
C ALA C 109 6.52 -19.18 -4.59
N ALA C 110 6.02 -19.35 -3.35
CA ALA C 110 6.80 -19.10 -2.14
C ALA C 110 7.87 -20.17 -1.92
N LEU C 111 7.52 -21.45 -2.19
CA LEU C 111 8.43 -22.59 -2.06
C LEU C 111 8.98 -22.96 -3.44
N ALA C 112 9.48 -21.94 -4.17
CA ALA C 112 10.01 -22.01 -5.54
C ALA C 112 11.16 -23.01 -5.72
N GLY C 113 11.91 -23.28 -4.66
CA GLY C 113 13.05 -24.21 -4.67
C GLY C 113 12.70 -25.63 -5.09
N ARG C 114 11.70 -26.22 -4.42
CA ARG C 114 11.24 -27.58 -4.74
C ARG C 114 10.31 -27.57 -5.96
N THR C 115 9.62 -26.43 -6.21
CA THR C 115 8.71 -26.24 -7.33
C THR C 115 9.46 -26.40 -8.67
N CYS C 116 10.68 -25.84 -8.78
CA CYS C 116 11.52 -25.94 -9.98
C CYS C 116 12.06 -27.37 -10.16
N GLN C 117 12.35 -28.06 -9.04
CA GLN C 117 12.83 -29.45 -9.03
C GLN C 117 11.74 -30.41 -9.50
N ALA C 118 10.48 -30.12 -9.11
CA ALA C 118 9.30 -30.90 -9.46
C ALA C 118 8.99 -30.85 -10.96
N LEU C 119 9.41 -29.75 -11.63
CA LEU C 119 9.19 -29.52 -13.07
C LEU C 119 9.88 -30.55 -13.95
N VAL C 120 11.04 -31.08 -13.48
CA VAL C 120 11.83 -32.10 -14.18
C VAL C 120 11.01 -33.39 -14.28
N VAL C 121 10.26 -33.69 -13.21
CA VAL C 121 9.41 -34.88 -13.11
C VAL C 121 8.09 -34.64 -13.88
N LEU C 122 7.38 -33.54 -13.57
CA LEU C 122 6.09 -33.17 -14.15
C LEU C 122 6.23 -32.33 -15.44
N SER C 123 7.13 -32.76 -16.34
CA SER C 123 7.44 -32.08 -17.61
C SER C 123 6.28 -32.13 -18.61
N GLU C 124 5.69 -33.32 -18.83
CA GLU C 124 4.61 -33.52 -19.80
C GLU C 124 3.21 -33.34 -19.19
N TRP C 125 3.14 -33.02 -17.89
CA TRP C 125 1.85 -32.80 -17.23
C TRP C 125 1.55 -31.31 -17.07
N LEU C 126 2.48 -30.43 -17.51
CA LEU C 126 2.37 -28.97 -17.49
C LEU C 126 1.41 -28.47 -18.61
N PRO C 127 0.89 -27.22 -18.56
CA PRO C 127 0.01 -26.73 -19.66
C PRO C 127 0.79 -26.69 -20.98
N VAL C 128 2.08 -26.34 -20.90
CA VAL C 128 3.03 -26.34 -22.01
C VAL C 128 4.02 -27.46 -21.69
N THR C 129 3.95 -28.59 -22.42
CA THR C 129 4.79 -29.78 -22.19
C THR C 129 6.27 -29.51 -22.56
N GLY C 130 7.14 -30.37 -22.05
CA GLY C 130 8.58 -30.32 -22.32
C GLY C 130 8.94 -30.51 -23.78
N THR C 131 8.17 -31.36 -24.48
CA THR C 131 8.33 -31.66 -25.90
C THR C 131 7.94 -30.45 -26.74
N THR C 132 6.89 -29.72 -26.33
CA THR C 132 6.39 -28.50 -26.98
C THR C 132 7.48 -27.42 -26.96
N MET C 133 8.15 -27.26 -25.79
CA MET C 133 9.22 -26.28 -25.59
C MET C 133 10.52 -26.72 -26.30
N ASP C 134 10.73 -28.04 -26.47
CA ASP C 134 11.91 -28.59 -27.16
C ASP C 134 11.84 -28.33 -28.67
N GLY C 135 10.63 -28.14 -29.19
CA GLY C 135 10.37 -27.83 -30.59
C GLY C 135 10.56 -26.36 -30.93
N LEU C 136 10.62 -25.51 -29.89
CA LEU C 136 10.81 -24.06 -30.01
C LEU C 136 12.29 -23.69 -29.77
N SER C 137 12.89 -24.27 -28.72
CA SER C 137 14.28 -24.08 -28.33
C SER C 137 14.98 -25.43 -28.17
N PRO C 138 16.25 -25.59 -28.60
CA PRO C 138 16.94 -26.88 -28.45
C PRO C 138 17.11 -27.26 -26.98
N ALA C 139 16.36 -28.30 -26.55
CA ALA C 139 16.33 -28.85 -25.19
C ALA C 139 16.17 -27.74 -24.13
N TYR C 140 14.96 -27.18 -24.03
CA TYR C 140 14.62 -26.09 -23.13
C TYR C 140 14.79 -26.51 -21.65
N PRO C 141 15.36 -25.64 -20.78
CA PRO C 141 15.55 -26.02 -19.37
C PRO C 141 14.24 -26.25 -18.66
N ARG C 142 14.10 -27.44 -18.06
CA ARG C 142 12.89 -27.86 -17.37
C ARG C 142 12.61 -27.02 -16.12
N HIS C 143 13.67 -26.56 -15.42
CA HIS C 143 13.57 -25.74 -14.21
C HIS C 143 12.98 -24.34 -14.49
N MET C 144 13.05 -23.88 -15.75
CA MET C 144 12.55 -22.57 -16.21
C MET C 144 11.06 -22.62 -16.66
N MET C 145 10.44 -23.81 -16.60
CA MET C 145 9.09 -24.03 -17.09
C MET C 145 7.98 -23.79 -16.05
N HIS C 146 8.01 -22.63 -15.36
CA HIS C 146 6.99 -22.18 -14.40
C HIS C 146 7.27 -20.74 -13.94
N PRO C 147 6.23 -19.87 -13.83
CA PRO C 147 6.47 -18.48 -13.39
C PRO C 147 7.22 -18.31 -12.05
N SER C 148 7.18 -19.34 -11.18
CA SER C 148 7.83 -19.35 -9.86
C SER C 148 9.37 -19.35 -9.96
N PHE C 149 9.93 -19.69 -11.15
CA PHE C 149 11.38 -19.70 -11.40
C PHE C 149 11.99 -18.30 -11.25
N ALA C 150 11.21 -17.24 -11.57
CA ALA C 150 11.63 -15.84 -11.47
C ALA C 150 12.16 -15.49 -10.06
N GLY C 151 11.69 -16.20 -9.04
CA GLY C 151 12.10 -16.05 -7.65
C GLY C 151 13.41 -16.75 -7.32
N MET C 152 13.92 -17.53 -8.28
CA MET C 152 15.18 -18.27 -8.15
C MET C 152 16.31 -17.54 -8.90
N VAL C 153 15.94 -16.53 -9.72
CA VAL C 153 16.89 -15.73 -10.52
C VAL C 153 17.64 -14.77 -9.59
N ASP C 154 18.98 -14.85 -9.61
CA ASP C 154 19.88 -14.02 -8.82
C ASP C 154 20.15 -12.72 -9.57
N PRO C 155 19.69 -11.55 -9.05
CA PRO C 155 19.90 -10.29 -9.79
C PRO C 155 21.34 -9.79 -9.75
N SER C 156 22.15 -10.24 -8.77
CA SER C 156 23.56 -9.86 -8.61
C SER C 156 24.44 -10.46 -9.75
N LEU C 157 23.80 -11.15 -10.72
CA LEU C 157 24.43 -11.77 -11.89
C LEU C 157 24.93 -10.71 -12.88
N PRO C 158 26.04 -10.96 -13.65
CA PRO C 158 26.51 -9.94 -14.61
C PRO C 158 25.50 -9.67 -15.72
N GLY C 159 25.46 -8.41 -16.16
CA GLY C 159 24.58 -7.87 -17.20
C GLY C 159 24.05 -8.83 -18.24
N ASP C 160 24.90 -9.20 -19.21
CA ASP C 160 24.57 -10.11 -20.31
C ASP C 160 24.09 -11.47 -19.83
N TYR C 161 24.71 -12.02 -18.76
CA TYR C 161 24.38 -13.34 -18.18
C TYR C 161 22.97 -13.33 -17.57
N LEU C 162 22.62 -12.26 -16.81
CA LEU C 162 21.32 -12.08 -16.16
C LEU C 162 20.22 -11.89 -17.22
N ARG C 163 20.49 -11.09 -18.26
CA ARG C 163 19.57 -10.80 -19.36
C ARG C 163 19.23 -12.07 -20.15
N ALA C 164 20.23 -12.94 -20.36
CA ALA C 164 20.10 -14.20 -21.09
C ALA C 164 19.13 -15.16 -20.39
N ILE C 165 19.24 -15.27 -19.05
CA ILE C 165 18.40 -16.10 -18.18
C ILE C 165 16.95 -15.61 -18.26
N LEU C 166 16.75 -14.29 -18.09
CA LEU C 166 15.44 -13.63 -18.11
C LEU C 166 14.77 -13.76 -19.48
N ASP C 167 15.55 -13.65 -20.59
CA ASP C 167 15.03 -13.79 -21.95
C ASP C 167 14.67 -15.26 -22.26
N ALA C 168 15.44 -16.21 -21.67
CA ALA C 168 15.22 -17.65 -21.82
C ALA C 168 13.95 -18.06 -21.07
N HIS C 169 13.76 -17.56 -19.84
CA HIS C 169 12.58 -17.85 -19.02
C HIS C 169 11.34 -17.21 -19.63
N SER C 170 11.49 -16.01 -20.24
CA SER C 170 10.41 -15.26 -20.89
C SER C 170 9.77 -16.06 -22.04
N LEU C 171 10.54 -16.95 -22.69
CA LEU C 171 10.07 -17.81 -23.79
C LEU C 171 8.95 -18.72 -23.28
N TYR C 172 9.10 -19.33 -22.08
CA TYR C 172 8.07 -20.17 -21.48
C TYR C 172 6.87 -19.33 -21.10
N LEU C 173 7.10 -18.21 -20.39
CA LEU C 173 6.06 -17.26 -19.94
C LEU C 173 5.19 -16.75 -21.11
N LEU C 174 5.79 -16.66 -22.32
CA LEU C 174 5.09 -16.30 -23.54
C LEU C 174 4.16 -17.44 -23.96
N GLN C 175 4.68 -18.68 -23.93
CA GLN C 175 3.94 -19.88 -24.31
C GLN C 175 2.91 -20.27 -23.25
N PHE C 176 3.24 -20.03 -21.96
CA PHE C 176 2.38 -20.35 -20.81
C PHE C 176 1.14 -19.46 -20.79
N SER C 177 1.33 -18.13 -20.85
CA SER C 177 0.25 -17.13 -20.82
C SER C 177 -0.75 -17.34 -21.98
N ARG C 178 -0.25 -17.69 -23.18
CA ARG C 178 -1.06 -17.95 -24.37
C ARG C 178 -1.97 -19.16 -24.19
N VAL C 179 -1.50 -20.19 -23.46
CA VAL C 179 -2.26 -21.42 -23.22
C VAL C 179 -3.34 -21.18 -22.14
N ILE C 180 -2.96 -20.71 -20.94
CA ILE C 180 -3.88 -20.49 -19.81
C ILE C 180 -4.86 -19.33 -20.07
N ASN C 181 -4.45 -18.30 -20.83
CA ASN C 181 -5.34 -17.18 -21.15
C ASN C 181 -5.65 -17.19 -22.66
N PRO C 182 -6.91 -17.45 -23.04
CA PRO C 182 -7.25 -17.57 -24.47
C PRO C 182 -7.18 -16.27 -25.28
N ASN C 183 -7.48 -15.11 -24.67
CA ASN C 183 -7.46 -13.82 -25.37
C ASN C 183 -6.03 -13.35 -25.71
N LEU C 184 -5.00 -13.95 -25.08
CA LEU C 184 -3.59 -13.62 -25.33
C LEU C 184 -3.00 -14.41 -26.51
N ARG C 185 -3.79 -15.32 -27.14
CA ARG C 185 -3.36 -16.14 -28.28
C ARG C 185 -3.16 -15.31 -29.56
N GLY C 186 -4.10 -14.41 -29.84
CA GLY C 186 -4.07 -13.54 -31.01
C GLY C 186 -3.15 -12.34 -30.91
N ARG C 187 -2.91 -11.87 -29.67
CA ARG C 187 -2.06 -10.71 -29.37
C ARG C 187 -0.58 -10.99 -29.66
N THR C 188 0.20 -9.90 -29.90
CA THR C 188 1.62 -9.95 -30.23
C THR C 188 2.49 -10.28 -29.00
N LYS C 189 3.78 -10.58 -29.24
CA LYS C 189 4.80 -10.91 -28.22
C LYS C 189 4.91 -9.80 -27.17
N GLU C 190 4.95 -8.52 -27.62
CA GLU C 190 5.06 -7.32 -26.79
C GLU C 190 3.86 -7.18 -25.85
N GLU C 191 2.64 -7.52 -26.34
CA GLU C 191 1.38 -7.46 -25.58
C GLU C 191 1.37 -8.51 -24.47
N VAL C 192 1.86 -9.74 -24.76
CA VAL C 192 1.96 -10.84 -23.81
C VAL C 192 3.05 -10.52 -22.80
N ALA C 193 4.20 -9.99 -23.27
CA ALA C 193 5.36 -9.61 -22.46
C ALA C 193 4.97 -8.68 -21.31
N ALA C 194 4.14 -7.66 -21.61
CA ALA C 194 3.67 -6.65 -20.65
C ALA C 194 2.90 -7.26 -19.48
N THR C 195 2.23 -8.41 -19.69
CA THR C 195 1.43 -9.08 -18.66
C THR C 195 2.30 -9.81 -17.63
N PHE C 196 3.42 -10.42 -18.06
CA PHE C 196 4.27 -11.21 -17.17
C PHE C 196 5.57 -10.53 -16.70
N THR C 197 6.06 -9.48 -17.39
CA THR C 197 7.32 -8.81 -17.02
C THR C 197 7.30 -8.18 -15.62
N GLN C 198 6.15 -7.58 -15.22
CA GLN C 198 6.00 -6.92 -13.92
C GLN C 198 6.17 -7.90 -12.73
N PRO C 199 5.41 -9.02 -12.60
CA PRO C 199 5.61 -9.93 -11.45
C PRO C 199 6.91 -10.74 -11.52
N MET C 200 7.46 -10.93 -12.73
CA MET C 200 8.70 -11.66 -13.00
C MET C 200 9.88 -10.90 -12.38
N ASN C 201 10.07 -9.63 -12.77
CA ASN C 201 11.14 -8.76 -12.27
C ASN C 201 10.99 -8.49 -10.77
N ALA C 202 9.74 -8.46 -10.26
CA ALA C 202 9.42 -8.27 -8.84
C ALA C 202 9.95 -9.44 -8.02
N ALA C 203 9.91 -10.65 -8.59
CA ALA C 203 10.41 -11.88 -7.97
C ALA C 203 11.93 -11.93 -8.00
N VAL C 204 12.54 -11.40 -9.07
CA VAL C 204 14.00 -11.35 -9.25
C VAL C 204 14.61 -10.40 -8.23
N ASN C 205 14.03 -9.19 -8.07
CA ASN C 205 14.50 -8.14 -7.17
C ASN C 205 13.88 -8.24 -5.75
N SER C 206 13.28 -9.40 -5.41
CA SER C 206 12.67 -9.59 -4.08
C SER C 206 13.74 -9.88 -3.02
N ASN C 207 13.43 -9.50 -1.77
CA ASN C 207 14.28 -9.66 -0.60
C ASN C 207 14.40 -11.14 -0.16
N PHE C 208 13.38 -11.95 -0.46
CA PHE C 208 13.31 -13.38 -0.10
C PHE C 208 14.35 -14.19 -0.89
N ILE C 209 15.09 -15.08 -0.17
CA ILE C 209 16.21 -15.93 -0.62
C ILE C 209 17.43 -15.04 -0.91
N SER C 210 18.53 -15.29 -0.20
CA SER C 210 19.78 -14.52 -0.34
C SER C 210 20.39 -14.70 -1.73
N HIS C 211 21.08 -13.66 -2.22
CA HIS C 211 21.76 -13.63 -3.53
C HIS C 211 22.79 -14.76 -3.67
N GLU C 212 23.41 -15.14 -2.54
CA GLU C 212 24.40 -16.21 -2.45
C GLU C 212 23.74 -17.57 -2.70
N LYS C 213 22.62 -17.84 -1.98
CA LYS C 213 21.86 -19.09 -2.08
C LYS C 213 21.10 -19.18 -3.40
N ARG C 214 20.64 -18.02 -3.94
CA ARG C 214 19.92 -17.90 -5.23
C ARG C 214 20.80 -18.36 -6.40
N ARG C 215 22.09 -18.00 -6.37
CA ARG C 215 23.09 -18.36 -7.38
C ARG C 215 23.42 -19.85 -7.27
N GLU C 216 23.48 -20.37 -6.02
CA GLU C 216 23.75 -21.76 -5.70
C GLU C 216 22.64 -22.66 -6.25
N PHE C 217 21.37 -22.19 -6.20
CA PHE C 217 20.19 -22.89 -6.71
C PHE C 217 20.27 -23.04 -8.23
N LEU C 218 20.66 -21.95 -8.93
CA LEU C 218 20.81 -21.91 -10.39
C LEU C 218 21.96 -22.83 -10.82
N LYS C 219 23.01 -22.93 -9.99
CA LYS C 219 24.17 -23.80 -10.18
C LYS C 219 23.76 -25.26 -10.02
N ALA C 220 22.93 -25.54 -8.97
CA ALA C 220 22.41 -26.86 -8.63
C ALA C 220 21.52 -27.42 -9.74
N PHE C 221 20.75 -26.54 -10.42
CA PHE C 221 19.88 -26.93 -11.53
C PHE C 221 20.68 -27.05 -12.83
N GLY C 222 21.94 -26.63 -12.79
CA GLY C 222 22.86 -26.69 -13.92
C GLY C 222 22.55 -25.66 -14.99
N LEU C 223 22.01 -24.50 -14.57
CA LEU C 223 21.66 -23.39 -15.47
C LEU C 223 22.88 -22.51 -15.74
N VAL C 224 23.66 -22.17 -14.69
CA VAL C 224 24.89 -21.37 -14.78
C VAL C 224 26.07 -22.13 -14.16
N ASP C 225 27.31 -21.74 -14.53
CA ASP C 225 28.53 -22.35 -14.00
C ASP C 225 29.01 -21.58 -12.73
N SER C 226 30.20 -21.92 -12.19
CA SER C 226 30.80 -21.32 -10.99
C SER C 226 30.87 -19.80 -11.06
N ASN C 227 31.21 -19.25 -12.25
CA ASN C 227 31.30 -17.81 -12.47
C ASN C 227 29.91 -17.19 -12.55
N GLY C 228 29.11 -17.65 -13.51
CA GLY C 228 27.76 -17.17 -13.74
C GLY C 228 27.32 -17.25 -15.19
N LYS C 229 28.15 -17.85 -16.06
CA LYS C 229 27.87 -18.01 -17.48
C LYS C 229 26.79 -19.10 -17.68
N PRO C 230 25.66 -18.78 -18.34
CA PRO C 230 24.61 -19.78 -18.54
C PRO C 230 24.97 -20.86 -19.57
N SER C 231 24.16 -21.94 -19.63
CA SER C 231 24.32 -23.06 -20.57
C SER C 231 23.93 -22.62 -21.98
N ALA C 232 24.57 -23.19 -23.02
CA ALA C 232 24.26 -22.88 -24.42
C ALA C 232 22.76 -23.09 -24.70
N ALA C 233 22.13 -24.07 -24.01
CA ALA C 233 20.71 -24.40 -24.09
C ALA C 233 19.85 -23.21 -23.65
N VAL C 234 20.31 -22.50 -22.60
CA VAL C 234 19.68 -21.29 -22.06
C VAL C 234 19.89 -20.17 -23.08
N MET C 235 21.13 -20.06 -23.62
CA MET C 235 21.55 -19.05 -24.60
C MET C 235 20.74 -19.19 -25.90
N ALA C 236 20.43 -20.43 -26.30
CA ALA C 236 19.63 -20.73 -27.48
C ALA C 236 18.19 -20.27 -27.29
N ALA C 237 17.66 -20.42 -26.07
CA ALA C 237 16.31 -20.01 -25.70
C ALA C 237 16.17 -18.48 -25.68
N ALA C 238 17.27 -17.78 -25.35
CA ALA C 238 17.33 -16.31 -25.33
C ALA C 238 17.25 -15.76 -26.76
N GLN C 239 17.93 -16.43 -27.71
CA GLN C 239 17.92 -16.08 -29.12
C GLN C 239 16.58 -16.46 -29.74
N ALA C 240 15.99 -17.60 -29.28
CA ALA C 240 14.71 -18.12 -29.74
C ALA C 240 13.56 -17.18 -29.35
N TYR C 241 13.65 -16.55 -28.15
CA TYR C 241 12.65 -15.59 -27.66
C TYR C 241 12.60 -14.32 -28.51
N LYS C 242 13.76 -13.86 -28.98
CA LYS C 242 13.89 -12.66 -29.80
C LYS C 242 13.36 -12.91 -31.23
N THR C 243 13.61 -14.11 -31.79
CA THR C 243 13.19 -14.48 -33.14
C THR C 243 11.70 -14.79 -33.21
N ALA C 244 11.17 -15.60 -32.26
CA ALA C 244 9.75 -15.99 -32.22
C ALA C 244 8.86 -14.82 -31.79
N ALA C 245 7.58 -14.87 -32.20
CA ALA C 245 6.58 -13.85 -31.89
C ALA C 245 5.38 -14.46 -31.16
N ASP D 2 -12.41 43.64 14.90
CA ASP D 2 -11.80 44.93 14.55
C ASP D 2 -10.61 45.23 15.49
N ASN D 3 -10.87 45.85 16.67
CA ASN D 3 -9.94 46.22 17.73
C ASN D 3 -9.95 45.11 18.77
N TYR D 4 -8.91 44.26 18.73
CA TYR D 4 -8.78 43.15 19.66
C TYR D 4 -8.29 43.66 21.01
N GLN D 5 -7.95 44.97 21.07
CA GLN D 5 -7.56 45.67 22.28
C GLN D 5 -8.78 45.77 23.21
N GLU D 6 -9.91 46.28 22.66
CA GLU D 6 -11.20 46.45 23.36
C GLU D 6 -11.73 45.12 23.90
N LEU D 7 -11.73 44.05 23.06
CA LEU D 7 -12.20 42.70 23.37
C LEU D 7 -11.50 42.10 24.61
N ALA D 8 -10.18 42.29 24.72
CA ALA D 8 -9.35 41.78 25.82
C ALA D 8 -9.66 42.46 27.15
N ILE D 9 -9.80 43.81 27.17
CA ILE D 9 -10.08 44.60 28.37
C ILE D 9 -11.51 44.32 28.87
N GLN D 10 -12.50 44.25 27.96
CA GLN D 10 -13.91 43.96 28.27
C GLN D 10 -14.07 42.57 28.92
N PHE D 11 -13.25 41.61 28.49
CA PHE D 11 -13.21 40.24 29.01
C PHE D 11 -12.68 40.26 30.45
N ALA D 12 -11.61 41.06 30.69
CA ALA D 12 -10.98 41.23 31.99
C ALA D 12 -11.86 42.03 32.95
N ALA D 13 -12.65 42.99 32.42
CA ALA D 13 -13.57 43.84 33.15
C ALA D 13 -14.65 43.04 33.88
N GLN D 14 -14.99 41.85 33.35
CA GLN D 14 -15.96 40.92 33.90
C GLN D 14 -15.50 40.49 35.30
N ALA D 15 -16.37 40.71 36.31
CA ALA D 15 -16.11 40.37 37.72
C ALA D 15 -15.90 38.86 37.86
N VAL D 16 -14.83 38.47 38.57
CA VAL D 16 -14.46 37.07 38.79
C VAL D 16 -15.37 36.45 39.85
N ASP D 17 -16.03 35.32 39.50
CA ASP D 17 -16.94 34.61 40.41
C ASP D 17 -16.14 33.58 41.22
N ARG D 18 -16.00 33.84 42.53
CA ARG D 18 -15.25 33.02 43.50
C ARG D 18 -15.75 31.57 43.55
N ASN D 19 -17.06 31.35 43.37
CA ASN D 19 -17.67 30.02 43.41
C ASN D 19 -17.53 29.27 42.08
N GLU D 20 -17.77 29.95 40.93
CA GLU D 20 -17.70 29.37 39.58
C GLU D 20 -16.29 28.84 39.28
N ILE D 21 -15.25 29.63 39.63
CA ILE D 21 -13.84 29.30 39.44
C ILE D 21 -13.46 28.13 40.37
N GLU D 22 -13.98 28.13 41.61
CA GLU D 22 -13.74 27.05 42.58
C GLU D 22 -14.47 25.76 42.19
N GLN D 23 -15.58 25.88 41.42
CA GLN D 23 -16.32 24.71 40.93
C GLN D 23 -15.57 24.09 39.74
N TRP D 24 -14.78 24.91 39.01
CA TRP D 24 -13.98 24.48 37.88
C TRP D 24 -12.74 23.74 38.33
N VAL D 25 -12.00 24.30 39.33
CA VAL D 25 -10.77 23.69 39.86
C VAL D 25 -11.09 22.31 40.49
N ARG D 26 -12.30 22.13 41.05
CA ARG D 26 -12.79 20.88 41.62
C ARG D 26 -12.99 19.84 40.49
N GLU D 27 -13.50 20.30 39.34
CA GLU D 27 -13.76 19.48 38.15
C GLU D 27 -12.45 19.16 37.42
N PHE D 28 -11.52 20.14 37.35
CA PHE D 28 -10.23 19.98 36.67
C PHE D 28 -9.13 19.53 37.65
N ALA D 29 -9.52 18.97 38.81
CA ALA D 29 -8.60 18.49 39.85
C ALA D 29 -7.89 17.21 39.43
N TYR D 30 -6.66 17.03 39.95
CA TYR D 30 -5.83 15.86 39.73
C TYR D 30 -6.42 14.69 40.51
N GLN D 31 -6.83 13.63 39.82
CA GLN D 31 -7.37 12.46 40.51
C GLN D 31 -6.21 11.53 40.90
N GLY D 32 -5.97 10.47 40.14
CA GLY D 32 -4.89 9.53 40.40
C GLY D 32 -5.19 8.60 41.56
N PHE D 33 -5.49 7.33 41.23
CA PHE D 33 -5.82 6.22 42.13
C PHE D 33 -7.13 6.50 42.87
N ASP D 34 -8.22 5.91 42.36
CA ASP D 34 -9.56 5.93 42.95
C ASP D 34 -9.87 4.50 43.37
N ALA D 35 -9.70 4.19 44.67
CA ALA D 35 -9.90 2.85 45.23
C ALA D 35 -11.31 2.32 44.94
N ARG D 36 -12.30 3.23 44.86
CA ARG D 36 -13.70 2.91 44.55
C ARG D 36 -13.85 2.41 43.12
N ARG D 37 -13.08 3.00 42.18
CA ARG D 37 -13.07 2.63 40.76
C ARG D 37 -12.40 1.26 40.56
N VAL D 38 -11.34 0.95 41.34
CA VAL D 38 -10.59 -0.31 41.27
C VAL D 38 -11.55 -1.49 41.57
N ILE D 39 -12.29 -1.41 42.70
CA ILE D 39 -13.25 -2.43 43.14
C ILE D 39 -14.42 -2.52 42.12
N GLU D 40 -14.84 -1.36 41.55
CA GLU D 40 -15.87 -1.25 40.52
C GLU D 40 -15.42 -1.99 39.25
N LEU D 41 -14.13 -1.84 38.88
CA LEU D 41 -13.52 -2.49 37.73
C LEU D 41 -13.30 -3.98 37.98
N LEU D 42 -12.91 -4.36 39.22
CA LEU D 42 -12.68 -5.75 39.62
C LEU D 42 -13.96 -6.58 39.46
N LYS D 43 -15.11 -6.02 39.86
CA LYS D 43 -16.42 -6.66 39.73
C LYS D 43 -16.88 -6.68 38.26
N GLN D 44 -16.49 -5.65 37.47
CA GLN D 44 -16.83 -5.48 36.05
C GLN D 44 -16.22 -6.61 35.19
N TYR D 45 -15.01 -7.07 35.53
CA TYR D 45 -14.30 -8.12 34.79
C TYR D 45 -14.41 -9.50 35.46
N GLY D 46 -14.37 -9.53 36.79
CA GLY D 46 -14.42 -10.76 37.58
C GLY D 46 -15.81 -11.27 37.91
N GLY D 47 -16.65 -10.39 38.45
CA GLY D 47 -18.02 -10.71 38.83
C GLY D 47 -18.10 -11.45 40.16
N ALA D 48 -17.94 -12.78 40.09
CA ALA D 48 -17.97 -13.67 41.25
C ALA D 48 -16.57 -14.15 41.62
N ASP D 49 -15.70 -14.32 40.61
CA ASP D 49 -14.31 -14.76 40.75
C ASP D 49 -13.36 -13.63 41.19
N TRP D 50 -13.86 -12.37 41.23
CA TRP D 50 -13.07 -11.18 41.58
C TRP D 50 -12.38 -11.29 42.95
N GLU D 51 -13.02 -11.94 43.95
CA GLU D 51 -12.46 -12.09 45.29
C GLU D 51 -11.30 -13.09 45.33
N LYS D 52 -11.44 -14.27 44.67
CA LYS D 52 -10.38 -15.28 44.63
C LYS D 52 -9.19 -14.80 43.80
N ASP D 53 -9.46 -14.13 42.66
CA ASP D 53 -8.44 -13.61 41.75
C ASP D 53 -7.66 -12.43 42.37
N ALA D 54 -8.32 -11.57 43.20
CA ALA D 54 -7.67 -10.43 43.87
C ALA D 54 -6.66 -10.90 44.91
N LYS D 55 -6.94 -12.06 45.56
CA LYS D 55 -6.05 -12.70 46.56
C LYS D 55 -4.75 -13.15 45.88
N LYS D 56 -4.86 -13.65 44.63
CA LYS D 56 -3.74 -14.08 43.78
C LYS D 56 -2.90 -12.86 43.38
N MET D 57 -3.56 -11.71 43.13
CA MET D 57 -2.94 -10.44 42.72
C MET D 57 -2.12 -9.77 43.84
N ILE D 58 -2.40 -10.07 45.13
CA ILE D 58 -1.67 -9.50 46.28
C ILE D 58 -0.21 -10.00 46.26
N VAL D 59 -0.02 -11.33 46.13
CA VAL D 59 1.28 -12.02 46.09
C VAL D 59 2.12 -11.51 44.90
N LEU D 60 1.53 -11.47 43.69
CA LEU D 60 2.16 -11.05 42.43
C LEU D 60 2.81 -9.64 42.52
N ALA D 61 2.14 -8.68 43.20
CA ALA D 61 2.65 -7.31 43.35
C ALA D 61 3.65 -7.17 44.51
N LEU D 62 3.51 -8.03 45.54
CA LEU D 62 4.33 -8.05 46.75
C LEU D 62 5.66 -8.78 46.57
N THR D 63 5.68 -9.85 45.73
CA THR D 63 6.85 -10.70 45.52
C THR D 63 7.60 -10.41 44.21
N ARG D 64 6.87 -10.20 43.09
CA ARG D 64 7.49 -9.97 41.78
C ARG D 64 7.57 -8.48 41.46
N GLY D 65 6.43 -7.83 41.24
CA GLY D 65 6.39 -6.41 40.91
C GLY D 65 5.06 -5.96 40.34
N ASN D 66 5.08 -4.88 39.54
CA ASN D 66 3.88 -4.30 38.93
C ASN D 66 3.79 -4.62 37.43
N LYS D 67 4.93 -4.98 36.80
CA LYS D 67 5.02 -5.33 35.37
C LYS D 67 4.55 -6.79 35.18
N PRO D 68 3.32 -7.03 34.63
CA PRO D 68 2.81 -8.40 34.55
C PRO D 68 3.31 -9.22 33.37
N ARG D 69 3.59 -8.58 32.23
CA ARG D 69 4.07 -9.28 31.04
C ARG D 69 5.57 -9.60 31.15
N ARG D 70 6.30 -8.86 32.01
CA ARG D 70 7.73 -9.08 32.23
C ARG D 70 7.94 -10.29 33.14
N MET D 71 7.19 -10.37 34.27
CA MET D 71 7.27 -11.46 35.24
C MET D 71 6.78 -12.79 34.67
N MET D 72 5.88 -12.70 33.66
CA MET D 72 5.25 -13.82 32.94
C MET D 72 6.30 -14.70 32.26
N MET D 73 7.36 -14.09 31.69
CA MET D 73 8.46 -14.76 30.98
C MET D 73 9.23 -15.74 31.87
N LYS D 74 9.70 -15.26 33.05
CA LYS D 74 10.49 -16.06 33.98
C LYS D 74 9.58 -16.57 35.12
N MET D 75 8.68 -17.52 34.77
CA MET D 75 7.71 -18.12 35.69
C MET D 75 7.38 -19.55 35.27
N SER D 76 6.87 -20.36 36.23
CA SER D 76 6.49 -21.77 36.03
C SER D 76 5.31 -21.91 35.04
N LYS D 77 5.16 -23.11 34.43
CA LYS D 77 4.13 -23.46 33.45
C LYS D 77 2.71 -23.15 33.97
N GLU D 78 2.45 -23.46 35.26
CA GLU D 78 1.16 -23.21 35.92
C GLU D 78 0.99 -21.72 36.20
N GLY D 79 2.05 -21.08 36.68
CA GLY D 79 2.09 -19.66 37.02
C GLY D 79 1.89 -18.73 35.84
N LYS D 80 2.64 -18.97 34.73
CA LYS D 80 2.60 -18.20 33.48
C LYS D 80 1.17 -18.17 32.89
N ALA D 81 0.45 -19.31 32.96
CA ALA D 81 -0.91 -19.46 32.46
C ALA D 81 -1.92 -18.68 33.31
N THR D 82 -1.76 -18.71 34.65
CA THR D 82 -2.63 -18.03 35.62
C THR D 82 -2.50 -16.50 35.47
N VAL D 83 -1.25 -16.00 35.33
CA VAL D 83 -0.93 -14.58 35.17
C VAL D 83 -1.48 -14.07 33.82
N GLU D 84 -1.18 -14.78 32.71
CA GLU D 84 -1.63 -14.46 31.35
C GLU D 84 -3.17 -14.32 31.29
N ALA D 85 -3.89 -15.17 32.05
CA ALA D 85 -5.34 -15.17 32.16
C ALA D 85 -5.84 -13.88 32.81
N LEU D 86 -5.18 -13.44 33.91
CA LEU D 86 -5.52 -12.23 34.68
C LEU D 86 -5.33 -10.96 33.85
N ILE D 87 -4.25 -10.90 33.03
CA ILE D 87 -3.93 -9.75 32.16
C ILE D 87 -5.03 -9.62 31.09
N ASN D 88 -5.54 -10.76 30.59
CA ASN D 88 -6.58 -10.79 29.56
C ASN D 88 -7.97 -10.54 30.16
N LYS D 89 -8.25 -11.08 31.37
CA LYS D 89 -9.54 -10.94 32.03
C LYS D 89 -9.76 -9.52 32.60
N TYR D 90 -8.85 -9.06 33.48
CA TYR D 90 -8.96 -7.77 34.16
C TYR D 90 -8.30 -6.61 33.40
N LYS D 91 -7.81 -6.86 32.16
CA LYS D 91 -7.14 -5.88 31.28
C LYS D 91 -6.07 -5.13 32.11
N LEU D 92 -5.19 -5.92 32.74
CA LEU D 92 -4.11 -5.45 33.60
C LEU D 92 -2.97 -4.84 32.82
N LYS D 93 -2.50 -3.68 33.28
CA LYS D 93 -1.40 -2.92 32.68
C LYS D 93 -0.25 -2.75 33.69
N GLU D 94 0.78 -1.99 33.32
CA GLU D 94 1.94 -1.71 34.17
C GLU D 94 2.18 -0.20 34.27
N GLY D 95 2.83 0.21 35.35
CA GLY D 95 3.14 1.61 35.63
C GLY D 95 1.96 2.39 36.19
N ASN D 96 1.82 3.65 35.76
CA ASN D 96 0.76 4.53 36.19
C ASN D 96 -0.11 4.95 34.98
N PRO D 97 -1.10 4.11 34.57
CA PRO D 97 -1.92 4.47 33.41
C PRO D 97 -3.15 5.30 33.83
N SER D 98 -4.18 5.36 32.96
CA SER D 98 -5.43 6.09 33.18
C SER D 98 -6.22 5.53 34.36
N ARG D 99 -7.10 6.37 34.94
CA ARG D 99 -7.99 6.08 36.08
C ARG D 99 -8.86 4.84 35.81
N ASP D 100 -9.27 4.63 34.53
CA ASP D 100 -10.11 3.52 34.09
C ASP D 100 -9.33 2.21 33.90
N GLU D 101 -7.98 2.23 34.09
CA GLU D 101 -7.15 1.03 33.93
C GLU D 101 -6.76 0.40 35.27
N LEU D 102 -6.49 -0.93 35.24
CA LEU D 102 -6.10 -1.73 36.41
C LEU D 102 -4.64 -2.15 36.36
N THR D 103 -3.94 -2.08 37.51
CA THR D 103 -2.55 -2.52 37.69
C THR D 103 -2.46 -3.36 38.96
N LEU D 104 -1.45 -4.24 39.04
CA LEU D 104 -1.23 -5.12 40.19
C LEU D 104 -0.94 -4.30 41.46
N SER D 105 -0.32 -3.11 41.32
CA SER D 105 -0.06 -2.21 42.44
C SER D 105 -1.35 -1.58 42.94
N ARG D 106 -2.29 -1.26 42.03
CA ARG D 106 -3.57 -0.64 42.35
C ARG D 106 -4.54 -1.62 43.03
N VAL D 107 -4.53 -2.90 42.60
CA VAL D 107 -5.37 -3.97 43.17
C VAL D 107 -4.89 -4.25 44.63
N ALA D 108 -3.56 -4.19 44.87
CA ALA D 108 -2.94 -4.42 46.19
C ALA D 108 -2.99 -3.17 47.09
N ALA D 109 -3.29 -1.98 46.52
CA ALA D 109 -3.40 -0.73 47.27
C ALA D 109 -4.84 -0.42 47.68
N ALA D 110 -5.84 -0.69 46.80
CA ALA D 110 -7.27 -0.43 47.05
C ALA D 110 -7.86 -1.40 48.09
N LEU D 111 -7.24 -2.59 48.24
CA LEU D 111 -7.64 -3.62 49.20
C LEU D 111 -6.43 -3.90 50.14
N ALA D 112 -5.86 -2.81 50.68
CA ALA D 112 -4.68 -2.74 51.55
C ALA D 112 -4.78 -3.59 52.83
N GLY D 113 -6.01 -3.85 53.28
CA GLY D 113 -6.29 -4.62 54.49
C GLY D 113 -5.77 -6.05 54.47
N ARG D 114 -6.09 -6.80 53.40
CA ARG D 114 -5.61 -8.18 53.24
C ARG D 114 -4.14 -8.18 52.82
N THR D 115 -3.69 -7.08 52.19
CA THR D 115 -2.32 -6.87 51.73
C THR D 115 -1.36 -6.80 52.93
N CYS D 116 -1.73 -6.03 53.98
CA CYS D 116 -0.94 -5.88 55.21
C CYS D 116 -0.95 -7.18 56.03
N GLN D 117 -2.07 -7.92 56.00
CA GLN D 117 -2.22 -9.21 56.68
C GLN D 117 -1.39 -10.29 55.99
N ALA D 118 -1.25 -10.19 54.65
CA ALA D 118 -0.48 -11.12 53.83
C ALA D 118 1.03 -10.86 53.92
N LEU D 119 1.45 -9.64 54.35
CA LEU D 119 2.86 -9.23 54.47
C LEU D 119 3.62 -10.01 55.57
N VAL D 120 2.89 -10.70 56.45
CA VAL D 120 3.41 -11.53 57.55
C VAL D 120 3.89 -12.88 56.98
N VAL D 121 3.13 -13.44 56.02
CA VAL D 121 3.42 -14.73 55.35
C VAL D 121 4.54 -14.52 54.32
N LEU D 122 4.45 -13.45 53.50
CA LEU D 122 5.43 -13.11 52.46
C LEU D 122 6.43 -12.05 52.96
N SER D 123 7.19 -12.40 53.99
CA SER D 123 8.19 -11.52 54.61
C SER D 123 9.56 -11.59 53.91
N GLU D 124 10.05 -12.80 53.60
CA GLU D 124 11.36 -13.01 52.97
C GLU D 124 11.30 -13.04 51.44
N TRP D 125 10.09 -12.86 50.86
CA TRP D 125 9.93 -12.85 49.41
C TRP D 125 9.80 -11.42 48.86
N LEU D 126 9.84 -10.42 49.76
CA LEU D 126 9.77 -8.99 49.45
C LEU D 126 11.13 -8.49 48.89
N PRO D 127 11.21 -7.31 48.20
CA PRO D 127 12.52 -6.82 47.72
C PRO D 127 13.47 -6.54 48.89
N VAL D 128 12.89 -6.07 50.01
CA VAL D 128 13.58 -5.84 51.29
C VAL D 128 12.97 -6.88 52.25
N THR D 129 13.75 -7.91 52.62
CA THR D 129 13.29 -9.02 53.47
C THR D 129 13.07 -8.58 54.93
N GLY D 130 12.33 -9.38 55.68
CA GLY D 130 12.02 -9.15 57.09
C GLY D 130 13.25 -9.16 57.97
N THR D 131 14.24 -10.02 57.63
CA THR D 131 15.51 -10.15 58.34
C THR D 131 16.36 -8.90 58.12
N THR D 132 16.32 -8.32 56.90
CA THR D 132 17.04 -7.09 56.52
C THR D 132 16.55 -5.91 57.39
N MET D 133 15.20 -5.79 57.56
CA MET D 133 14.55 -4.75 58.36
C MET D 133 14.76 -4.98 59.86
N ASP D 134 14.95 -6.25 60.29
CA ASP D 134 15.17 -6.61 61.69
C ASP D 134 16.59 -6.24 62.14
N GLY D 135 17.52 -6.15 61.18
CA GLY D 135 18.91 -5.79 61.43
C GLY D 135 19.12 -4.29 61.54
N LEU D 136 18.12 -3.51 61.11
CA LEU D 136 18.13 -2.03 61.15
C LEU D 136 17.34 -1.53 62.35
N SER D 137 16.14 -2.12 62.59
CA SER D 137 15.26 -1.80 63.70
C SER D 137 14.88 -3.08 64.47
N PRO D 138 14.80 -3.04 65.82
CA PRO D 138 14.45 -4.27 66.57
C PRO D 138 13.03 -4.72 66.24
N ALA D 139 12.91 -5.86 65.51
CA ALA D 139 11.68 -6.51 65.05
C ALA D 139 10.69 -5.49 64.42
N TYR D 140 10.91 -5.12 63.15
CA TYR D 140 10.05 -4.16 62.43
C TYR D 140 8.65 -4.76 62.14
N PRO D 141 7.53 -4.02 62.35
CA PRO D 141 6.20 -4.58 62.07
C PRO D 141 6.02 -4.90 60.59
N ARG D 142 5.75 -6.19 60.30
CA ARG D 142 5.61 -6.76 58.96
C ARG D 142 4.47 -6.12 58.15
N HIS D 143 3.44 -5.56 58.84
CA HIS D 143 2.28 -4.90 58.23
C HIS D 143 2.64 -3.58 57.53
N MET D 144 3.74 -2.92 57.96
CA MET D 144 4.21 -1.64 57.42
C MET D 144 5.18 -1.83 56.24
N MET D 145 5.49 -3.09 55.88
CA MET D 145 6.48 -3.45 54.85
C MET D 145 5.94 -3.43 53.40
N HIS D 146 5.24 -2.34 53.00
CA HIS D 146 4.72 -2.12 51.63
C HIS D 146 4.10 -0.72 51.50
N PRO D 147 4.34 0.00 50.36
CA PRO D 147 3.74 1.35 50.19
C PRO D 147 2.21 1.42 50.35
N SER D 148 1.49 0.30 50.18
CA SER D 148 0.03 0.23 50.30
C SER D 148 -0.47 0.43 51.75
N PHE D 149 0.40 0.25 52.77
CA PHE D 149 0.04 0.44 54.19
C PHE D 149 -0.33 1.92 54.47
N ALA D 150 0.23 2.87 53.69
CA ALA D 150 -0.02 4.32 53.82
C ALA D 150 -1.51 4.68 53.66
N GLY D 151 -2.28 3.79 53.02
CA GLY D 151 -3.73 3.94 52.82
C GLY D 151 -4.56 3.49 54.01
N MET D 152 -3.90 2.90 55.03
CA MET D 152 -4.53 2.40 56.26
C MET D 152 -4.43 3.43 57.39
N VAL D 153 -3.40 4.31 57.33
CA VAL D 153 -3.08 5.35 58.31
C VAL D 153 -4.30 6.27 58.49
N ASP D 154 -4.96 6.15 59.66
CA ASP D 154 -6.16 6.90 60.05
C ASP D 154 -5.84 8.40 60.24
N PRO D 155 -6.45 9.30 59.44
CA PRO D 155 -6.16 10.74 59.60
C PRO D 155 -6.84 11.37 60.82
N SER D 156 -7.81 10.67 61.44
CA SER D 156 -8.53 11.16 62.63
C SER D 156 -7.77 10.86 63.93
N LEU D 157 -6.65 10.10 63.85
CA LEU D 157 -5.78 9.75 64.99
C LEU D 157 -5.13 11.03 65.54
N PRO D 158 -4.94 11.16 66.89
CA PRO D 158 -4.38 12.42 67.44
C PRO D 158 -3.00 12.81 66.89
N GLY D 159 -2.71 14.12 66.96
CA GLY D 159 -1.50 14.80 66.50
C GLY D 159 -0.22 13.98 66.37
N ASP D 160 0.55 13.88 67.47
CA ASP D 160 1.81 13.15 67.51
C ASP D 160 1.63 11.62 67.39
N TYR D 161 0.41 11.10 67.62
CA TYR D 161 0.11 9.67 67.45
C TYR D 161 0.03 9.32 65.95
N LEU D 162 -0.41 10.31 65.13
CA LEU D 162 -0.53 10.23 63.67
C LEU D 162 0.84 10.50 63.03
N ARG D 163 1.62 11.43 63.62
CA ARG D 163 2.98 11.79 63.19
C ARG D 163 3.95 10.63 63.44
N ALA D 164 3.61 9.72 64.40
CA ALA D 164 4.38 8.54 64.78
C ALA D 164 4.35 7.43 63.73
N ILE D 165 3.18 7.20 63.06
CA ILE D 165 3.00 6.18 62.01
C ILE D 165 3.84 6.58 60.78
N LEU D 166 3.85 7.89 60.45
CA LEU D 166 4.59 8.50 59.36
C LEU D 166 6.11 8.41 59.59
N ASP D 167 6.55 8.43 60.89
CA ASP D 167 7.95 8.32 61.30
C ASP D 167 8.37 6.84 61.48
N ALA D 168 7.46 5.89 61.16
CA ALA D 168 7.69 4.44 61.26
C ALA D 168 7.54 3.74 59.91
N HIS D 169 6.54 4.16 59.10
CA HIS D 169 6.25 3.63 57.76
C HIS D 169 7.32 4.09 56.75
N SER D 170 7.98 5.25 57.03
CA SER D 170 9.04 5.84 56.20
C SER D 170 10.37 5.08 56.28
N LEU D 171 10.55 4.22 57.31
CA LEU D 171 11.77 3.42 57.47
C LEU D 171 11.86 2.34 56.37
N TYR D 172 10.73 1.69 56.03
CA TYR D 172 10.67 0.66 54.98
C TYR D 172 10.79 1.27 53.59
N LEU D 173 10.03 2.35 53.33
CA LEU D 173 9.97 3.06 52.04
C LEU D 173 11.33 3.61 51.60
N LEU D 174 12.19 4.02 52.56
CA LEU D 174 13.55 4.50 52.28
C LEU D 174 14.38 3.34 51.73
N GLN D 175 14.23 2.15 52.35
CA GLN D 175 14.91 0.91 51.97
C GLN D 175 14.36 0.35 50.66
N PHE D 176 13.03 0.40 50.49
CA PHE D 176 12.29 -0.12 49.33
C PHE D 176 12.66 0.62 48.04
N SER D 177 12.55 1.97 48.03
CA SER D 177 12.86 2.83 46.88
C SER D 177 14.30 2.65 46.39
N ARG D 178 15.25 2.52 47.32
CA ARG D 178 16.68 2.33 47.00
C ARG D 178 16.92 0.99 46.29
N VAL D 179 16.15 -0.06 46.63
CA VAL D 179 16.28 -1.39 46.04
C VAL D 179 15.67 -1.41 44.62
N ILE D 180 14.38 -1.05 44.48
CA ILE D 180 13.66 -1.08 43.20
C ILE D 180 14.17 -0.01 42.21
N ASN D 181 14.64 1.14 42.70
CA ASN D 181 15.17 2.20 41.82
C ASN D 181 16.68 2.34 42.08
N PRO D 182 17.53 1.98 41.08
CA PRO D 182 18.99 2.01 41.31
C PRO D 182 19.61 3.41 41.44
N ASN D 183 19.06 4.44 40.75
CA ASN D 183 19.59 5.80 40.81
C ASN D 183 19.36 6.49 42.16
N LEU D 184 18.43 5.95 42.99
CA LEU D 184 18.11 6.49 44.32
C LEU D 184 19.06 5.95 45.42
N ARG D 185 20.00 5.03 45.06
CA ARG D 185 20.95 4.43 45.99
C ARG D 185 22.00 5.44 46.50
N GLY D 186 22.53 6.25 45.59
CA GLY D 186 23.54 7.25 45.91
C GLY D 186 23.04 8.55 46.50
N ARG D 187 21.78 8.95 46.17
CA ARG D 187 21.14 10.20 46.62
C ARG D 187 20.94 10.28 48.15
N THR D 188 20.76 11.52 48.66
CA THR D 188 20.55 11.83 50.08
C THR D 188 19.12 11.47 50.54
N LYS D 189 18.88 11.46 51.87
CA LYS D 189 17.58 11.16 52.52
C LYS D 189 16.47 12.15 52.09
N GLU D 190 16.84 13.44 51.88
CA GLU D 190 15.94 14.50 51.45
C GLU D 190 15.46 14.30 50.01
N GLU D 191 16.35 13.74 49.15
CA GLU D 191 16.08 13.43 47.73
C GLU D 191 15.08 12.27 47.62
N VAL D 192 15.19 11.26 48.52
CA VAL D 192 14.29 10.10 48.59
C VAL D 192 12.91 10.59 49.07
N ALA D 193 12.91 11.54 50.04
CA ALA D 193 11.71 12.18 50.62
C ALA D 193 10.95 13.02 49.59
N ALA D 194 11.66 13.59 48.60
CA ALA D 194 11.06 14.39 47.53
C ALA D 194 10.30 13.50 46.52
N THR D 195 10.49 12.16 46.60
CA THR D 195 9.86 11.20 45.70
C THR D 195 8.90 10.23 46.41
N PHE D 196 9.04 9.98 47.74
CA PHE D 196 8.15 9.03 48.40
C PHE D 196 7.23 9.65 49.48
N THR D 197 7.65 10.73 50.19
CA THR D 197 6.80 11.35 51.22
C THR D 197 5.65 12.12 50.59
N GLN D 198 5.86 12.68 49.37
CA GLN D 198 4.88 13.46 48.62
C GLN D 198 3.67 12.56 48.18
N PRO D 199 3.82 11.39 47.50
CA PRO D 199 2.63 10.58 47.19
C PRO D 199 2.11 9.75 48.38
N MET D 200 2.76 9.87 49.57
CA MET D 200 2.41 9.17 50.82
C MET D 200 1.34 9.95 51.61
N ASN D 201 1.48 11.30 51.69
CA ASN D 201 0.56 12.17 52.40
C ASN D 201 -0.88 12.07 51.85
N ALA D 202 -1.01 11.91 50.51
CA ALA D 202 -2.29 11.76 49.80
C ALA D 202 -2.93 10.41 50.14
N ALA D 203 -2.11 9.37 50.34
CA ALA D 203 -2.54 8.02 50.69
C ALA D 203 -3.08 7.98 52.12
N VAL D 204 -2.48 8.77 53.02
CA VAL D 204 -2.86 8.90 54.43
C VAL D 204 -4.17 9.72 54.54
N ASN D 205 -4.25 10.85 53.79
CA ASN D 205 -5.41 11.74 53.78
C ASN D 205 -6.27 11.53 52.50
N SER D 206 -6.96 10.37 52.43
CA SER D 206 -7.86 9.99 51.35
C SER D 206 -9.26 9.68 51.91
N ASN D 207 -10.33 9.91 51.10
CA ASN D 207 -11.72 9.73 51.53
C ASN D 207 -12.10 8.26 51.77
N PHE D 208 -11.44 7.31 51.07
CA PHE D 208 -11.70 5.88 51.18
C PHE D 208 -11.28 5.33 52.55
N ILE D 209 -12.17 4.50 53.16
CA ILE D 209 -12.12 3.89 54.49
C ILE D 209 -12.35 5.01 55.52
N SER D 210 -13.49 4.93 56.23
CA SER D 210 -13.91 5.92 57.22
C SER D 210 -12.93 5.97 58.42
N HIS D 211 -13.00 7.08 59.18
CA HIS D 211 -12.17 7.37 60.35
C HIS D 211 -12.27 6.30 61.45
N GLU D 212 -13.45 5.66 61.59
CA GLU D 212 -13.71 4.63 62.60
C GLU D 212 -13.10 3.28 62.20
N LYS D 213 -13.35 2.83 60.94
CA LYS D 213 -12.87 1.55 60.41
C LYS D 213 -11.34 1.53 60.22
N ARG D 214 -10.73 2.69 59.88
CA ARG D 214 -9.28 2.83 59.69
C ARG D 214 -8.55 2.58 61.01
N ARG D 215 -9.08 3.12 62.12
CA ARG D 215 -8.56 2.97 63.48
C ARG D 215 -8.75 1.53 63.99
N GLU D 216 -9.84 0.86 63.54
CA GLU D 216 -10.19 -0.52 63.89
C GLU D 216 -9.20 -1.51 63.28
N PHE D 217 -8.74 -1.26 62.04
CA PHE D 217 -7.80 -2.14 61.31
C PHE D 217 -6.45 -2.20 62.02
N LEU D 218 -5.98 -1.07 62.57
CA LEU D 218 -4.72 -0.95 63.32
C LEU D 218 -4.76 -1.78 64.62
N LYS D 219 -5.96 -1.88 65.24
CA LYS D 219 -6.20 -2.67 66.46
C LYS D 219 -6.16 -4.16 66.15
N ALA D 220 -6.62 -4.55 64.94
CA ALA D 220 -6.63 -5.94 64.45
C ALA D 220 -5.22 -6.46 64.19
N PHE D 221 -4.33 -5.61 63.61
CA PHE D 221 -2.93 -5.98 63.35
C PHE D 221 -2.13 -5.95 64.66
N GLY D 222 -2.27 -4.86 65.41
CA GLY D 222 -1.59 -4.62 66.67
C GLY D 222 -0.51 -3.55 66.59
N LEU D 223 -0.86 -2.40 65.98
CA LEU D 223 0.05 -1.26 65.80
C LEU D 223 -0.28 -0.15 66.79
N VAL D 224 -1.53 0.36 66.77
CA VAL D 224 -2.03 1.39 67.71
C VAL D 224 -3.38 0.89 68.30
N ASP D 225 -3.63 1.22 69.58
CA ASP D 225 -4.83 0.79 70.31
C ASP D 225 -6.08 1.64 69.93
N SER D 226 -7.06 1.75 70.85
CA SER D 226 -8.33 2.47 70.66
C SER D 226 -8.14 4.00 70.51
N ASN D 227 -7.03 4.56 71.03
CA ASN D 227 -6.77 6.01 70.92
C ASN D 227 -5.70 6.28 69.85
N GLY D 228 -4.51 5.68 70.01
CA GLY D 228 -3.43 5.86 69.04
C GLY D 228 -2.01 5.65 69.53
N LYS D 229 -1.82 5.06 70.74
CA LYS D 229 -0.49 4.80 71.31
C LYS D 229 0.23 3.66 70.54
N PRO D 230 1.48 3.88 70.04
CA PRO D 230 2.18 2.82 69.28
C PRO D 230 2.59 1.62 70.13
N SER D 231 2.70 0.44 69.48
CA SER D 231 3.10 -0.82 70.12
C SER D 231 4.60 -0.83 70.43
N ALA D 232 5.05 -1.81 71.25
CA ALA D 232 6.45 -2.00 71.69
C ALA D 232 7.43 -2.08 70.51
N ALA D 233 7.02 -2.71 69.39
CA ALA D 233 7.83 -2.84 68.19
C ALA D 233 7.69 -1.61 67.27
N VAL D 234 6.61 -0.82 67.44
CA VAL D 234 6.32 0.39 66.67
C VAL D 234 7.06 1.60 67.30
N MET D 235 7.25 1.59 68.65
CA MET D 235 7.93 2.65 69.38
C MET D 235 9.44 2.69 69.08
N ALA D 236 10.12 1.53 69.07
CA ALA D 236 11.56 1.40 68.80
C ALA D 236 11.89 1.61 67.32
N ALA D 237 10.89 1.46 66.43
CA ALA D 237 11.01 1.62 64.98
C ALA D 237 10.96 3.10 64.53
N ALA D 238 10.21 3.95 65.28
CA ALA D 238 10.08 5.39 65.00
C ALA D 238 11.41 6.12 65.19
N GLN D 239 12.23 5.63 66.16
CA GLN D 239 13.56 6.14 66.51
C GLN D 239 14.59 5.75 65.43
N ALA D 240 14.44 4.54 64.86
CA ALA D 240 15.32 3.96 63.84
C ALA D 240 15.33 4.78 62.54
N TYR D 241 14.19 5.40 62.17
CA TYR D 241 14.05 6.22 60.96
C TYR D 241 14.93 7.49 61.03
N LYS D 242 14.86 8.22 62.16
CA LYS D 242 15.60 9.47 62.39
C LYS D 242 17.12 9.25 62.43
N THR D 243 17.58 8.15 63.07
CA THR D 243 18.98 7.78 63.19
C THR D 243 19.63 7.47 61.83
N ALA D 244 18.91 6.73 60.96
CA ALA D 244 19.38 6.34 59.63
C ALA D 244 19.42 7.53 58.67
N ALA D 245 20.30 7.45 57.65
CA ALA D 245 20.49 8.48 56.63
C ALA D 245 20.21 7.92 55.23
N ASP E 2 12.83 -20.54 12.87
CA ASP E 2 11.55 -20.05 12.40
C ASP E 2 11.76 -18.95 11.34
N ASN E 3 13.01 -18.80 10.81
CA ASN E 3 13.38 -17.86 9.75
C ASN E 3 12.90 -18.45 8.45
N TYR E 4 11.86 -17.82 7.89
CA TYR E 4 11.09 -18.22 6.70
C TYR E 4 11.95 -18.26 5.45
N GLN E 5 13.02 -17.41 5.35
CA GLN E 5 13.94 -17.41 4.21
C GLN E 5 14.92 -18.58 4.30
N GLU E 6 15.05 -19.18 5.50
CA GLU E 6 15.90 -20.34 5.74
C GLU E 6 15.06 -21.61 5.76
N LEU E 7 13.78 -21.50 6.20
CA LEU E 7 12.81 -22.60 6.25
C LEU E 7 12.46 -23.08 4.83
N ALA E 8 12.46 -22.14 3.87
CA ALA E 8 12.18 -22.40 2.45
C ALA E 8 13.36 -23.15 1.82
N ILE E 9 14.61 -22.79 2.20
CA ILE E 9 15.82 -23.43 1.73
C ILE E 9 15.89 -24.86 2.29
N GLN E 10 15.40 -25.05 3.54
CA GLN E 10 15.31 -26.33 4.25
C GLN E 10 14.29 -27.26 3.58
N PHE E 11 13.24 -26.66 2.98
CA PHE E 11 12.17 -27.36 2.28
C PHE E 11 12.65 -27.94 0.95
N ALA E 12 13.32 -27.09 0.14
CA ALA E 12 13.85 -27.44 -1.19
C ALA E 12 14.98 -28.48 -1.11
N ALA E 13 15.77 -28.43 -0.02
CA ALA E 13 16.91 -29.31 0.29
C ALA E 13 16.51 -30.79 0.35
N GLN E 14 15.29 -31.08 0.85
CA GLN E 14 14.73 -32.42 0.96
C GLN E 14 14.66 -33.08 -0.43
N ALA E 15 15.27 -34.29 -0.55
CA ALA E 15 15.36 -35.06 -1.79
C ALA E 15 13.98 -35.39 -2.36
N VAL E 16 13.80 -35.08 -3.66
CA VAL E 16 12.55 -35.30 -4.37
C VAL E 16 12.44 -36.79 -4.76
N ASP E 17 11.34 -37.44 -4.36
CA ASP E 17 11.10 -38.85 -4.65
C ASP E 17 10.35 -38.98 -5.97
N ARG E 18 11.03 -39.52 -7.01
CA ARG E 18 10.53 -39.70 -8.38
C ARG E 18 9.24 -40.53 -8.43
N ASN E 19 9.10 -41.53 -7.54
CA ASN E 19 7.93 -42.41 -7.49
C ASN E 19 6.76 -41.80 -6.72
N GLU E 20 7.03 -41.15 -5.56
CA GLU E 20 6.01 -40.52 -4.70
C GLU E 20 5.28 -39.38 -5.44
N ILE E 21 6.04 -38.56 -6.17
CA ILE E 21 5.51 -37.43 -6.96
C ILE E 21 4.70 -37.98 -8.15
N GLU E 22 5.18 -39.09 -8.78
CA GLU E 22 4.48 -39.73 -9.89
C GLU E 22 3.21 -40.46 -9.42
N GLN E 23 3.17 -40.87 -8.14
CA GLN E 23 1.98 -41.50 -7.56
C GLN E 23 0.94 -40.43 -7.23
N TRP E 24 1.39 -39.19 -6.97
CA TRP E 24 0.51 -38.06 -6.69
C TRP E 24 -0.15 -37.54 -7.96
N VAL E 25 0.62 -37.35 -9.05
CA VAL E 25 0.11 -36.85 -10.34
C VAL E 25 -0.95 -37.82 -10.90
N ARG E 26 -0.78 -39.14 -10.63
CA ARG E 26 -1.73 -40.19 -11.04
C ARG E 26 -3.04 -40.02 -10.27
N GLU E 27 -2.96 -39.66 -8.98
CA GLU E 27 -4.10 -39.45 -8.08
C GLU E 27 -4.78 -38.11 -8.39
N PHE E 28 -3.99 -37.06 -8.70
CA PHE E 28 -4.49 -35.73 -8.99
C PHE E 28 -4.70 -35.51 -10.51
N ALA E 29 -4.79 -36.62 -11.28
CA ALA E 29 -4.99 -36.60 -12.73
C ALA E 29 -6.41 -36.19 -13.11
N TYR E 30 -6.57 -35.52 -14.28
CA TYR E 30 -7.86 -35.11 -14.82
C TYR E 30 -8.61 -36.36 -15.31
N GLN E 31 -9.83 -36.59 -14.80
CA GLN E 31 -10.65 -37.74 -15.20
C GLN E 31 -11.54 -37.40 -16.42
N GLY E 32 -12.53 -36.53 -16.23
CA GLY E 32 -13.46 -36.11 -17.28
C GLY E 32 -14.46 -37.16 -17.71
N PHE E 33 -13.98 -38.39 -18.00
CA PHE E 33 -14.80 -39.53 -18.40
C PHE E 33 -14.10 -40.84 -18.03
N ASP E 34 -14.79 -41.69 -17.24
CA ASP E 34 -14.27 -42.99 -16.84
C ASP E 34 -15.38 -44.04 -16.90
N ALA E 35 -15.28 -44.94 -17.89
CA ALA E 35 -16.24 -46.01 -18.19
C ALA E 35 -16.56 -46.91 -17.01
N ARG E 36 -15.55 -47.22 -16.17
CA ARG E 36 -15.75 -48.08 -15.00
C ARG E 36 -16.74 -47.43 -14.01
N ARG E 37 -16.65 -46.09 -13.84
CA ARG E 37 -17.53 -45.31 -12.96
C ARG E 37 -18.95 -45.22 -13.55
N VAL E 38 -19.07 -45.12 -14.89
CA VAL E 38 -20.36 -45.02 -15.61
C VAL E 38 -21.20 -46.27 -15.33
N ILE E 39 -20.61 -47.48 -15.52
CA ILE E 39 -21.25 -48.78 -15.31
C ILE E 39 -21.57 -48.95 -13.81
N GLU E 40 -20.66 -48.46 -12.92
CA GLU E 40 -20.83 -48.47 -11.47
C GLU E 40 -22.04 -47.62 -11.07
N LEU E 41 -22.20 -46.45 -11.72
CA LEU E 41 -23.31 -45.52 -11.51
C LEU E 41 -24.62 -46.07 -12.10
N LEU E 42 -24.54 -46.74 -13.27
CA LEU E 42 -25.71 -47.33 -13.94
C LEU E 42 -26.36 -48.38 -13.06
N LYS E 43 -25.55 -49.23 -12.39
CA LYS E 43 -26.02 -50.28 -11.47
C LYS E 43 -26.53 -49.66 -10.16
N GLN E 44 -25.93 -48.52 -9.74
CA GLN E 44 -26.27 -47.80 -8.52
C GLN E 44 -27.69 -47.23 -8.57
N TYR E 45 -28.14 -46.78 -9.76
CA TYR E 45 -29.48 -46.20 -9.94
C TYR E 45 -30.49 -47.20 -10.54
N GLY E 46 -30.01 -48.04 -11.48
CA GLY E 46 -30.84 -49.01 -12.18
C GLY E 46 -31.01 -50.35 -11.49
N GLY E 47 -29.89 -50.96 -11.10
CA GLY E 47 -29.85 -52.25 -10.44
C GLY E 47 -30.03 -53.41 -11.39
N ALA E 48 -31.29 -53.75 -11.69
CA ALA E 48 -31.66 -54.83 -12.61
C ALA E 48 -32.14 -54.27 -13.95
N ASP E 49 -32.79 -53.09 -13.91
CA ASP E 49 -33.34 -52.40 -15.09
C ASP E 49 -32.27 -51.62 -15.86
N TRP E 50 -31.02 -51.53 -15.32
CA TRP E 50 -29.91 -50.78 -15.92
C TRP E 50 -29.58 -51.23 -17.36
N GLU E 51 -29.72 -52.53 -17.69
CA GLU E 51 -29.42 -53.05 -19.02
C GLU E 51 -30.48 -52.64 -20.05
N LYS E 52 -31.78 -52.75 -19.71
CA LYS E 52 -32.87 -52.37 -20.62
C LYS E 52 -32.90 -50.86 -20.83
N ASP E 53 -32.68 -50.08 -19.75
CA ASP E 53 -32.69 -48.61 -19.78
C ASP E 53 -31.49 -48.05 -20.55
N ALA E 54 -30.32 -48.72 -20.47
CA ALA E 54 -29.10 -48.30 -21.19
C ALA E 54 -29.30 -48.40 -22.70
N LYS E 55 -30.03 -49.44 -23.16
CA LYS E 55 -30.37 -49.68 -24.56
C LYS E 55 -31.21 -48.53 -25.11
N LYS E 56 -32.14 -48.01 -24.28
CA LYS E 56 -33.02 -46.88 -24.60
C LYS E 56 -32.21 -45.60 -24.72
N MET E 57 -31.24 -45.41 -23.80
CA MET E 57 -30.35 -44.26 -23.74
C MET E 57 -29.39 -44.22 -24.93
N ILE E 58 -28.90 -45.40 -25.41
CA ILE E 58 -28.00 -45.49 -26.56
C ILE E 58 -28.72 -44.91 -27.78
N VAL E 59 -29.94 -45.42 -28.07
CA VAL E 59 -30.82 -45.00 -29.17
C VAL E 59 -31.06 -43.49 -29.06
N LEU E 60 -31.44 -43.04 -27.85
CA LEU E 60 -31.72 -41.67 -27.50
C LEU E 60 -30.57 -40.74 -27.85
N ALA E 61 -29.34 -41.07 -27.39
CA ALA E 61 -28.11 -40.28 -27.58
C ALA E 61 -27.68 -40.20 -29.04
N LEU E 62 -27.81 -41.32 -29.76
CA LEU E 62 -27.42 -41.46 -31.16
C LEU E 62 -28.32 -40.69 -32.12
N THR E 63 -29.65 -40.67 -31.84
CA THR E 63 -30.65 -40.03 -32.71
C THR E 63 -30.95 -38.58 -32.33
N ARG E 64 -31.08 -38.26 -31.03
CA ARG E 64 -31.41 -36.91 -30.59
C ARG E 64 -30.16 -36.12 -30.16
N GLY E 65 -29.59 -36.46 -29.01
CA GLY E 65 -28.40 -35.77 -28.51
C GLY E 65 -28.01 -36.05 -27.07
N ASN E 66 -27.30 -35.09 -26.46
CA ASN E 66 -26.80 -35.21 -25.10
C ASN E 66 -27.65 -34.40 -24.11
N LYS E 67 -28.37 -33.37 -24.60
CA LYS E 67 -29.25 -32.50 -23.79
C LYS E 67 -30.60 -33.22 -23.55
N PRO E 68 -30.86 -33.76 -22.34
CA PRO E 68 -32.09 -34.55 -22.14
C PRO E 68 -33.35 -33.74 -21.87
N ARG E 69 -33.23 -32.58 -21.21
CA ARG E 69 -34.39 -31.75 -20.90
C ARG E 69 -34.82 -30.92 -22.11
N ARG E 70 -33.91 -30.72 -23.08
CA ARG E 70 -34.20 -29.97 -24.31
C ARG E 70 -34.99 -30.84 -25.29
N MET E 71 -34.55 -32.09 -25.53
CA MET E 71 -35.23 -33.02 -26.45
C MET E 71 -36.60 -33.45 -25.89
N MET E 72 -36.75 -33.44 -24.55
CA MET E 72 -37.96 -33.80 -23.81
C MET E 72 -39.17 -32.97 -24.27
N MET E 73 -38.96 -31.67 -24.56
CA MET E 73 -39.98 -30.71 -25.00
C MET E 73 -40.62 -31.11 -26.34
N LYS E 74 -39.79 -31.38 -27.37
CA LYS E 74 -40.24 -31.75 -28.70
C LYS E 74 -40.18 -33.28 -28.87
N MET E 75 -41.07 -33.98 -28.17
CA MET E 75 -41.16 -35.45 -28.18
C MET E 75 -42.59 -35.91 -27.91
N SER E 76 -42.92 -37.16 -28.32
CA SER E 76 -44.24 -37.79 -28.15
C SER E 76 -44.60 -37.99 -26.66
N LYS E 77 -45.91 -38.13 -26.36
CA LYS E 77 -46.48 -38.33 -25.02
C LYS E 77 -45.83 -39.51 -24.27
N GLU E 78 -45.58 -40.63 -24.99
CA GLU E 78 -44.95 -41.83 -24.46
C GLU E 78 -43.45 -41.59 -24.24
N GLY E 79 -42.82 -40.96 -25.23
CA GLY E 79 -41.39 -40.63 -25.24
C GLY E 79 -40.96 -39.67 -24.14
N LYS E 80 -41.69 -38.55 -23.99
CA LYS E 80 -41.45 -37.50 -22.99
C LYS E 80 -41.47 -38.07 -21.56
N ALA E 81 -42.39 -39.01 -21.29
CA ALA E 81 -42.55 -39.66 -19.99
C ALA E 81 -41.38 -40.61 -19.69
N THR E 82 -40.93 -41.38 -20.71
CA THR E 82 -39.82 -42.34 -20.60
C THR E 82 -38.50 -41.62 -20.33
N VAL E 83 -38.25 -40.51 -21.04
CA VAL E 83 -37.05 -39.67 -20.93
C VAL E 83 -37.02 -39.00 -19.54
N GLU E 84 -38.14 -38.34 -19.14
CA GLU E 84 -38.29 -37.66 -17.84
C GLU E 84 -37.98 -38.61 -16.68
N ALA E 85 -38.38 -39.89 -16.81
CA ALA E 85 -38.15 -40.95 -15.83
C ALA E 85 -36.65 -41.25 -15.68
N LEU E 86 -35.93 -41.34 -16.81
CA LEU E 86 -34.49 -41.63 -16.88
C LEU E 86 -33.65 -40.50 -16.24
N ILE E 87 -34.05 -39.23 -16.47
CA ILE E 87 -33.37 -38.04 -15.91
C ILE E 87 -33.50 -38.06 -14.39
N ASN E 88 -34.66 -38.50 -13.88
CA ASN E 88 -34.93 -38.57 -12.45
C ASN E 88 -34.29 -39.81 -11.80
N LYS E 89 -34.30 -40.96 -12.50
CA LYS E 89 -33.75 -42.22 -11.99
C LYS E 89 -32.21 -42.21 -11.97
N TYR E 90 -31.58 -41.99 -13.13
CA TYR E 90 -30.12 -42.03 -13.29
C TYR E 90 -29.43 -40.69 -13.06
N LYS E 91 -30.19 -39.66 -12.63
CA LYS E 91 -29.71 -38.30 -12.35
C LYS E 91 -28.85 -37.81 -13.54
N LEU E 92 -29.45 -37.89 -14.74
CA LEU E 92 -28.84 -37.54 -16.02
C LEU E 92 -28.72 -36.04 -16.20
N LYS E 93 -27.54 -35.61 -16.66
CA LYS E 93 -27.21 -34.21 -16.91
C LYS E 93 -26.82 -34.02 -18.38
N GLU E 94 -26.41 -32.79 -18.75
CA GLU E 94 -25.98 -32.46 -20.11
C GLU E 94 -24.59 -31.82 -20.08
N GLY E 95 -23.89 -31.91 -21.20
CA GLY E 95 -22.54 -31.38 -21.34
C GLY E 95 -21.47 -32.26 -20.76
N ASN E 96 -20.45 -31.65 -20.14
CA ASN E 96 -19.34 -32.36 -19.52
C ASN E 96 -19.30 -32.02 -18.01
N PRO E 97 -20.10 -32.73 -17.17
CA PRO E 97 -20.10 -32.42 -15.74
C PRO E 97 -19.04 -33.22 -14.98
N SER E 98 -19.17 -33.32 -13.64
CA SER E 98 -18.25 -34.03 -12.75
C SER E 98 -18.22 -35.54 -13.05
N ARG E 99 -17.12 -36.19 -12.64
CA ARG E 99 -16.84 -37.63 -12.80
C ARG E 99 -17.96 -38.49 -12.20
N ASP E 100 -18.59 -38.03 -11.10
CA ASP E 100 -19.67 -38.73 -10.41
C ASP E 100 -21.04 -38.54 -11.09
N GLU E 101 -21.12 -37.74 -12.18
CA GLU E 101 -22.38 -37.50 -12.89
C GLU E 101 -22.50 -38.32 -14.18
N LEU E 102 -23.76 -38.60 -14.60
CA LEU E 102 -24.11 -39.36 -15.81
C LEU E 102 -24.70 -38.48 -16.91
N THR E 103 -24.30 -38.73 -18.18
CA THR E 103 -24.81 -38.06 -19.38
C THR E 103 -25.09 -39.11 -20.45
N LEU E 104 -25.98 -38.79 -21.41
CA LEU E 104 -26.34 -39.68 -22.51
C LEU E 104 -25.12 -40.03 -23.36
N SER E 105 -24.20 -39.07 -23.56
CA SER E 105 -22.97 -39.26 -24.31
C SER E 105 -22.03 -40.24 -23.61
N ARG E 106 -22.00 -40.19 -22.26
CA ARG E 106 -21.16 -41.05 -21.43
C ARG E 106 -21.66 -42.49 -21.39
N VAL E 107 -22.99 -42.69 -21.41
CA VAL E 107 -23.62 -44.01 -21.41
C VAL E 107 -23.23 -44.75 -22.69
N ALA E 108 -23.39 -44.10 -23.86
CA ALA E 108 -23.06 -44.64 -25.16
C ALA E 108 -21.55 -44.82 -25.35
N ALA E 109 -20.73 -43.97 -24.71
CA ALA E 109 -19.28 -44.08 -24.85
C ALA E 109 -18.71 -45.23 -23.99
N ALA E 110 -19.24 -45.44 -22.77
CA ALA E 110 -18.79 -46.51 -21.87
C ALA E 110 -19.21 -47.88 -22.37
N LEU E 111 -20.45 -48.00 -22.88
CA LEU E 111 -21.02 -49.23 -23.44
C LEU E 111 -20.92 -49.15 -24.97
N ALA E 112 -19.70 -48.80 -25.46
CA ALA E 112 -19.36 -48.61 -26.87
C ALA E 112 -19.61 -49.84 -27.73
N GLY E 113 -19.55 -51.03 -27.13
CA GLY E 113 -19.77 -52.30 -27.81
C GLY E 113 -21.11 -52.41 -28.52
N ARG E 114 -22.22 -52.17 -27.79
CA ARG E 114 -23.57 -52.21 -28.35
C ARG E 114 -23.88 -50.93 -29.13
N THR E 115 -23.24 -49.80 -28.75
CA THR E 115 -23.41 -48.49 -29.38
C THR E 115 -23.02 -48.56 -30.86
N CYS E 116 -21.89 -49.23 -31.18
CA CYS E 116 -21.42 -49.39 -32.56
C CYS E 116 -22.32 -50.33 -33.35
N GLN E 117 -22.89 -51.35 -32.69
CA GLN E 117 -23.82 -52.31 -33.28
C GLN E 117 -25.15 -51.64 -33.63
N ALA E 118 -25.60 -50.70 -32.77
CA ALA E 118 -26.84 -49.93 -32.92
C ALA E 118 -26.78 -48.98 -34.12
N LEU E 119 -25.56 -48.56 -34.53
CA LEU E 119 -25.32 -47.66 -35.65
C LEU E 119 -25.76 -48.26 -36.99
N VAL E 120 -25.66 -49.59 -37.12
CA VAL E 120 -26.06 -50.34 -38.33
C VAL E 120 -27.57 -50.19 -38.54
N VAL E 121 -28.33 -50.18 -37.44
CA VAL E 121 -29.79 -50.04 -37.43
C VAL E 121 -30.17 -48.55 -37.60
N LEU E 122 -29.63 -47.66 -36.73
CA LEU E 122 -29.91 -46.23 -36.69
C LEU E 122 -28.98 -45.42 -37.64
N SER E 123 -28.79 -45.92 -38.87
CA SER E 123 -27.92 -45.32 -39.89
C SER E 123 -28.44 -43.97 -40.41
N GLU E 124 -29.73 -43.90 -40.77
CA GLU E 124 -30.34 -42.70 -41.34
C GLU E 124 -30.94 -41.78 -40.27
N TRP E 125 -30.85 -42.15 -38.99
CA TRP E 125 -31.40 -41.34 -37.90
C TRP E 125 -30.28 -40.54 -37.19
N LEU E 126 -29.02 -40.72 -37.63
CA LEU E 126 -27.83 -40.04 -37.13
C LEU E 126 -27.77 -38.59 -37.65
N PRO E 127 -26.98 -37.65 -37.04
CA PRO E 127 -26.89 -36.27 -37.58
C PRO E 127 -26.31 -36.28 -39.00
N VAL E 128 -25.37 -37.21 -39.25
CA VAL E 128 -24.76 -37.47 -40.55
C VAL E 128 -25.25 -38.87 -40.93
N THR E 129 -26.17 -38.97 -41.92
CA THR E 129 -26.78 -40.23 -42.35
C THR E 129 -25.78 -41.13 -43.09
N GLY E 130 -26.13 -42.42 -43.21
CA GLY E 130 -25.33 -43.43 -43.89
C GLY E 130 -25.16 -43.15 -45.37
N THR E 131 -26.21 -42.58 -46.00
CA THR E 131 -26.23 -42.22 -47.41
C THR E 131 -25.28 -41.03 -47.66
N THR E 132 -25.24 -40.07 -46.71
CA THR E 132 -24.38 -38.88 -46.76
C THR E 132 -22.91 -39.30 -46.76
N MET E 133 -22.55 -40.28 -45.89
CA MET E 133 -21.20 -40.81 -45.77
C MET E 133 -20.84 -41.71 -46.96
N ASP E 134 -21.84 -42.36 -47.59
CA ASP E 134 -21.65 -43.22 -48.75
C ASP E 134 -21.29 -42.39 -50.00
N GLY E 135 -21.69 -41.12 -50.00
CA GLY E 135 -21.42 -40.17 -51.07
C GLY E 135 -20.03 -39.56 -50.98
N LEU E 136 -19.38 -39.70 -49.81
CA LEU E 136 -18.03 -39.20 -49.54
C LEU E 136 -17.00 -40.32 -49.68
N SER E 137 -17.30 -41.48 -49.09
CA SER E 137 -16.48 -42.69 -49.12
C SER E 137 -17.31 -43.88 -49.65
N PRO E 138 -16.73 -44.76 -50.49
CA PRO E 138 -17.52 -45.90 -51.00
C PRO E 138 -17.90 -46.88 -49.89
N ALA E 139 -19.22 -46.92 -49.58
CA ALA E 139 -19.86 -47.73 -48.53
C ALA E 139 -19.08 -47.62 -47.20
N TYR E 140 -19.21 -46.45 -46.55
CA TYR E 140 -18.55 -46.12 -45.29
C TYR E 140 -18.96 -47.08 -44.17
N PRO E 141 -18.00 -47.55 -43.32
CA PRO E 141 -18.37 -48.49 -42.23
C PRO E 141 -19.32 -47.85 -41.24
N ARG E 142 -20.48 -48.49 -41.04
CA ARG E 142 -21.53 -48.01 -40.16
C ARG E 142 -21.09 -47.98 -38.69
N HIS E 143 -20.22 -48.92 -38.27
CA HIS E 143 -19.71 -49.03 -36.90
C HIS E 143 -18.80 -47.85 -36.52
N MET E 144 -18.23 -47.16 -37.52
CA MET E 144 -17.32 -46.01 -37.35
C MET E 144 -18.07 -44.66 -37.29
N MET E 145 -19.41 -44.70 -37.41
CA MET E 145 -20.24 -43.50 -37.46
C MET E 145 -20.72 -42.98 -36.09
N HIS E 146 -19.78 -42.81 -35.14
CA HIS E 146 -20.02 -42.24 -33.80
C HIS E 146 -18.71 -42.06 -33.04
N PRO E 147 -18.51 -40.93 -32.31
CA PRO E 147 -17.25 -40.73 -31.58
C PRO E 147 -16.89 -41.86 -30.58
N SER E 148 -17.89 -42.64 -30.11
CA SER E 148 -17.69 -43.74 -29.16
C SER E 148 -16.88 -44.90 -29.75
N PHE E 149 -16.75 -44.96 -31.09
CA PHE E 149 -15.99 -45.99 -31.80
C PHE E 149 -14.50 -45.95 -31.43
N ALA E 150 -13.97 -44.76 -31.10
CA ALA E 150 -12.57 -44.54 -30.72
C ALA E 150 -12.16 -45.44 -29.52
N GLY E 151 -13.13 -45.82 -28.69
CA GLY E 151 -12.94 -46.69 -27.55
C GLY E 151 -12.90 -48.17 -27.91
N MET E 152 -13.19 -48.49 -29.18
CA MET E 152 -13.18 -49.86 -29.72
C MET E 152 -11.89 -50.10 -30.54
N VAL E 153 -11.14 -49.02 -30.83
CA VAL E 153 -9.89 -49.07 -31.60
C VAL E 153 -8.78 -49.67 -30.72
N ASP E 154 -8.17 -50.76 -31.21
CA ASP E 154 -7.07 -51.48 -30.56
C ASP E 154 -5.74 -50.79 -30.91
N PRO E 155 -5.05 -50.15 -29.93
CA PRO E 155 -3.79 -49.46 -30.26
C PRO E 155 -2.62 -50.41 -30.56
N SER E 156 -2.69 -51.69 -30.10
CA SER E 156 -1.66 -52.70 -30.31
C SER E 156 -1.60 -53.16 -31.79
N LEU E 157 -2.40 -52.51 -32.66
CA LEU E 157 -2.48 -52.75 -34.10
C LEU E 157 -1.21 -52.25 -34.81
N PRO E 158 -0.76 -52.90 -35.93
CA PRO E 158 0.45 -52.42 -36.63
C PRO E 158 0.28 -51.01 -37.20
N GLY E 159 1.39 -50.26 -37.18
CA GLY E 159 1.51 -48.87 -37.64
C GLY E 159 0.52 -48.39 -38.69
N ASP E 160 0.75 -48.79 -39.96
CA ASP E 160 -0.09 -48.41 -41.11
C ASP E 160 -1.54 -48.83 -40.94
N TYR E 161 -1.80 -50.05 -40.38
CA TYR E 161 -3.15 -50.59 -40.15
C TYR E 161 -3.93 -49.73 -39.14
N LEU E 162 -3.29 -49.35 -38.03
CA LEU E 162 -3.87 -48.54 -36.96
C LEU E 162 -4.17 -47.12 -37.47
N ARG E 163 -3.23 -46.52 -38.23
CA ARG E 163 -3.35 -45.19 -38.82
C ARG E 163 -4.52 -45.11 -39.80
N ALA E 164 -4.73 -46.19 -40.60
CA ALA E 164 -5.79 -46.30 -41.60
C ALA E 164 -7.18 -46.26 -40.94
N ILE E 165 -7.35 -46.97 -39.81
CA ILE E 165 -8.58 -47.04 -39.03
C ILE E 165 -8.91 -45.64 -38.47
N LEU E 166 -7.91 -45.00 -37.83
CA LEU E 166 -8.01 -43.67 -37.24
C LEU E 166 -8.33 -42.60 -38.27
N ASP E 167 -7.74 -42.70 -39.48
CA ASP E 167 -7.98 -41.75 -40.59
C ASP E 167 -9.38 -41.96 -41.19
N ALA E 168 -9.85 -43.23 -41.21
CA ALA E 168 -11.17 -43.59 -41.71
C ALA E 168 -12.25 -43.07 -40.75
N HIS E 169 -12.05 -43.26 -39.43
CA HIS E 169 -12.99 -42.79 -38.40
C HIS E 169 -13.01 -41.28 -38.34
N SER E 170 -11.84 -40.64 -38.60
CA SER E 170 -11.65 -39.19 -38.61
C SER E 170 -12.53 -38.48 -39.65
N LEU E 171 -12.87 -39.20 -40.76
CA LEU E 171 -13.73 -38.71 -41.83
C LEU E 171 -15.13 -38.42 -41.29
N TYR E 172 -15.69 -39.33 -40.46
CA TYR E 172 -17.01 -39.13 -39.85
C TYR E 172 -16.93 -38.00 -38.85
N LEU E 173 -15.93 -38.01 -37.93
CA LEU E 173 -15.70 -37.00 -36.92
C LEU E 173 -15.66 -35.61 -37.55
N LEU E 174 -15.05 -35.48 -38.74
CA LEU E 174 -14.98 -34.23 -39.51
C LEU E 174 -16.39 -33.79 -39.93
N GLN E 175 -17.19 -34.73 -40.45
CA GLN E 175 -18.56 -34.47 -40.90
C GLN E 175 -19.51 -34.28 -39.73
N PHE E 176 -19.29 -35.01 -38.62
CA PHE E 176 -20.11 -34.98 -37.41
C PHE E 176 -19.99 -33.63 -36.69
N SER E 177 -18.75 -33.20 -36.39
CA SER E 177 -18.44 -31.95 -35.71
C SER E 177 -19.00 -30.72 -36.46
N ARG E 178 -18.93 -30.74 -37.81
CA ARG E 178 -19.43 -29.66 -38.67
C ARG E 178 -20.95 -29.52 -38.57
N VAL E 179 -21.67 -30.64 -38.39
CA VAL E 179 -23.13 -30.66 -38.31
C VAL E 179 -23.59 -30.18 -36.92
N ILE E 180 -23.12 -30.83 -35.83
CA ILE E 180 -23.52 -30.51 -34.45
C ILE E 180 -23.00 -29.13 -33.99
N ASN E 181 -21.82 -28.69 -34.48
CA ASN E 181 -21.26 -27.39 -34.11
C ASN E 181 -21.26 -26.47 -35.35
N PRO E 182 -22.10 -25.40 -35.35
CA PRO E 182 -22.22 -24.55 -36.55
C PRO E 182 -20.98 -23.71 -36.88
N ASN E 183 -20.21 -23.26 -35.88
CA ASN E 183 -19.02 -22.43 -36.10
C ASN E 183 -17.85 -23.21 -36.75
N LEU E 184 -17.91 -24.57 -36.73
CA LEU E 184 -16.89 -25.43 -37.32
C LEU E 184 -17.14 -25.70 -38.83
N ARG E 185 -18.25 -25.17 -39.39
CA ARG E 185 -18.62 -25.34 -40.79
C ARG E 185 -17.68 -24.59 -41.74
N GLY E 186 -17.35 -23.35 -41.40
CA GLY E 186 -16.47 -22.49 -42.19
C GLY E 186 -14.98 -22.76 -42.02
N ARG E 187 -14.59 -23.33 -40.87
CA ARG E 187 -13.20 -23.64 -40.54
C ARG E 187 -12.65 -24.80 -41.38
N THR E 188 -11.32 -24.86 -41.54
CA THR E 188 -10.59 -25.88 -42.33
C THR E 188 -10.57 -27.25 -41.63
N LYS E 189 -10.15 -28.30 -42.37
CA LYS E 189 -10.02 -29.69 -41.91
C LYS E 189 -9.12 -29.77 -40.66
N GLU E 190 -7.96 -29.08 -40.69
CA GLU E 190 -6.97 -29.03 -39.61
C GLU E 190 -7.55 -28.44 -38.33
N GLU E 191 -8.41 -27.40 -38.46
CA GLU E 191 -9.07 -26.71 -37.35
C GLU E 191 -10.10 -27.63 -36.67
N VAL E 192 -10.85 -28.40 -37.48
CA VAL E 192 -11.86 -29.35 -37.00
C VAL E 192 -11.13 -30.54 -36.37
N ALA E 193 -10.04 -31.02 -37.00
CA ALA E 193 -9.21 -32.13 -36.53
C ALA E 193 -8.73 -31.93 -35.10
N ALA E 194 -8.26 -30.71 -34.78
CA ALA E 194 -7.75 -30.32 -33.45
C ALA E 194 -8.80 -30.46 -32.34
N THR E 195 -10.09 -30.34 -32.68
CA THR E 195 -11.19 -30.43 -31.70
C THR E 195 -11.48 -31.88 -31.29
N PHE E 196 -11.38 -32.84 -32.24
CA PHE E 196 -11.73 -34.23 -31.96
C PHE E 196 -10.53 -35.18 -31.74
N THR E 197 -9.31 -34.82 -32.16
CA THR E 197 -8.14 -35.70 -32.01
C THR E 197 -7.79 -36.02 -30.55
N GLN E 198 -7.94 -35.03 -29.63
CA GLN E 198 -7.65 -35.19 -28.20
C GLN E 198 -8.54 -36.29 -27.53
N PRO E 199 -9.90 -36.23 -27.55
CA PRO E 199 -10.69 -37.29 -26.89
C PRO E 199 -10.68 -38.62 -27.61
N MET E 200 -10.41 -38.60 -28.93
CA MET E 200 -10.34 -39.77 -29.81
C MET E 200 -9.18 -40.65 -29.40
N ASN E 201 -7.95 -40.08 -29.38
CA ASN E 201 -6.72 -40.79 -29.01
C ASN E 201 -6.74 -41.23 -27.55
N ALA E 202 -7.42 -40.45 -26.67
CA ALA E 202 -7.60 -40.75 -25.24
C ALA E 202 -8.40 -42.03 -25.06
N ALA E 203 -9.39 -42.26 -25.94
CA ALA E 203 -10.24 -43.44 -25.94
C ALA E 203 -9.48 -44.66 -26.49
N VAL E 204 -8.60 -44.44 -27.49
CA VAL E 204 -7.79 -45.49 -28.12
C VAL E 204 -6.78 -46.03 -27.10
N ASN E 205 -6.07 -45.13 -26.39
CA ASN E 205 -5.04 -45.47 -25.41
C ASN E 205 -5.60 -45.66 -23.98
N SER E 206 -6.93 -45.81 -23.83
CA SER E 206 -7.56 -46.01 -22.51
C SER E 206 -7.36 -47.45 -22.01
N ASN E 207 -7.32 -47.62 -20.67
CA ASN E 207 -7.13 -48.91 -20.01
C ASN E 207 -8.36 -49.83 -20.13
N PHE E 208 -9.57 -49.24 -20.30
CA PHE E 208 -10.83 -49.98 -20.42
C PHE E 208 -10.89 -50.77 -21.74
N ILE E 209 -11.31 -52.05 -21.64
CA ILE E 209 -11.40 -53.08 -22.69
C ILE E 209 -9.98 -53.51 -23.07
N SER E 210 -9.68 -54.81 -22.88
CA SER E 210 -8.36 -55.39 -23.18
C SER E 210 -8.07 -55.35 -24.68
N HIS E 211 -6.79 -55.23 -25.04
CA HIS E 211 -6.28 -55.16 -26.41
C HIS E 211 -6.68 -56.40 -27.23
N GLU E 212 -6.82 -57.56 -26.55
CA GLU E 212 -7.22 -58.83 -27.15
C GLU E 212 -8.70 -58.78 -27.55
N LYS E 213 -9.58 -58.34 -26.62
CA LYS E 213 -11.03 -58.23 -26.83
C LYS E 213 -11.37 -57.07 -27.76
N ARG E 214 -10.56 -55.98 -27.73
CA ARG E 214 -10.69 -54.79 -28.60
C ARG E 214 -10.59 -55.18 -30.07
N ARG E 215 -9.56 -56.00 -30.39
CA ARG E 215 -9.27 -56.49 -31.73
C ARG E 215 -10.37 -57.44 -32.20
N GLU E 216 -10.90 -58.27 -31.27
CA GLU E 216 -11.99 -59.21 -31.51
C GLU E 216 -13.28 -58.47 -31.90
N PHE E 217 -13.53 -57.29 -31.29
CA PHE E 217 -14.68 -56.43 -31.56
C PHE E 217 -14.60 -55.87 -32.98
N LEU E 218 -13.40 -55.39 -33.39
CA LEU E 218 -13.13 -54.85 -34.73
C LEU E 218 -13.28 -55.95 -35.79
N LYS E 219 -12.92 -57.20 -35.42
CA LYS E 219 -13.03 -58.39 -36.27
C LYS E 219 -14.51 -58.75 -36.45
N ALA E 220 -15.28 -58.69 -35.34
CA ALA E 220 -16.72 -58.98 -35.28
C ALA E 220 -17.53 -58.01 -36.14
N PHE E 221 -17.11 -56.74 -36.20
CA PHE E 221 -17.76 -55.71 -37.01
C PHE E 221 -17.32 -55.82 -38.48
N GLY E 222 -16.31 -56.65 -38.73
CA GLY E 222 -15.76 -56.87 -40.06
C GLY E 222 -14.93 -55.72 -40.57
N LEU E 223 -14.25 -55.00 -39.65
CA LEU E 223 -13.39 -53.86 -39.98
C LEU E 223 -11.99 -54.34 -40.36
N VAL E 224 -11.43 -55.29 -39.58
CA VAL E 224 -10.10 -55.88 -39.81
C VAL E 224 -10.22 -57.41 -39.92
N ASP E 225 -9.21 -58.06 -40.54
CA ASP E 225 -9.17 -59.52 -40.69
C ASP E 225 -8.43 -60.15 -39.48
N SER E 226 -8.18 -61.48 -39.51
CA SER E 226 -7.50 -62.25 -38.47
C SER E 226 -6.15 -61.64 -38.06
N ASN E 227 -5.37 -61.16 -39.06
CA ASN E 227 -4.07 -60.54 -38.83
C ASN E 227 -4.23 -59.13 -38.23
N GLY E 228 -4.92 -58.26 -38.96
CA GLY E 228 -5.17 -56.88 -38.55
C GLY E 228 -5.29 -55.91 -39.71
N LYS E 229 -5.28 -56.42 -40.95
CA LYS E 229 -5.41 -55.63 -42.17
C LYS E 229 -6.87 -55.14 -42.32
N PRO E 230 -7.10 -53.81 -42.44
CA PRO E 230 -8.48 -53.32 -42.56
C PRO E 230 -9.11 -53.63 -43.92
N SER E 231 -10.46 -53.58 -43.97
CA SER E 231 -11.25 -53.83 -45.17
C SER E 231 -11.10 -52.69 -46.19
N ALA E 232 -11.39 -52.98 -47.47
CA ALA E 232 -11.28 -52.04 -48.59
C ALA E 232 -12.03 -50.73 -48.33
N ALA E 233 -13.27 -50.82 -47.78
CA ALA E 233 -14.14 -49.70 -47.44
C ALA E 233 -13.48 -48.76 -46.43
N VAL E 234 -12.71 -49.34 -45.50
CA VAL E 234 -11.96 -48.64 -44.45
C VAL E 234 -10.76 -47.91 -45.10
N MET E 235 -10.02 -48.61 -45.98
CA MET E 235 -8.86 -48.08 -46.70
C MET E 235 -9.25 -46.91 -47.62
N ALA E 236 -10.44 -47.01 -48.24
CA ALA E 236 -11.00 -45.99 -49.14
C ALA E 236 -11.37 -44.72 -48.38
N ALA E 237 -11.87 -44.88 -47.13
CA ALA E 237 -12.24 -43.78 -46.25
C ALA E 237 -11.01 -43.03 -45.73
N ALA E 238 -9.87 -43.75 -45.57
CA ALA E 238 -8.59 -43.19 -45.13
C ALA E 238 -8.01 -42.27 -46.22
N GLN E 239 -8.15 -42.68 -47.49
CA GLN E 239 -7.72 -41.92 -48.65
C GLN E 239 -8.66 -40.74 -48.88
N ALA E 240 -9.98 -40.94 -48.62
CA ALA E 240 -11.03 -39.94 -48.75
C ALA E 240 -10.85 -38.79 -47.74
N TYR E 241 -10.39 -39.11 -46.52
CA TYR E 241 -10.14 -38.13 -45.45
C TYR E 241 -8.99 -37.18 -45.82
N LYS E 242 -7.94 -37.73 -46.48
CA LYS E 242 -6.78 -36.96 -46.89
C LYS E 242 -7.11 -36.03 -48.06
N THR E 243 -7.95 -36.49 -49.01
CA THR E 243 -8.35 -35.72 -50.20
C THR E 243 -9.37 -34.62 -49.86
N ALA E 244 -10.42 -34.95 -49.08
CA ALA E 244 -11.47 -34.00 -48.69
C ALA E 244 -10.96 -32.99 -47.65
N ALA E 245 -11.60 -31.80 -47.62
CA ALA E 245 -11.27 -30.71 -46.69
C ALA E 245 -12.47 -30.34 -45.81
N ASP F 2 -22.42 -0.88 44.93
CA ASP F 2 -23.05 0.24 45.62
C ASP F 2 -22.03 0.91 46.57
N ASN F 3 -21.84 0.36 47.80
CA ASN F 3 -20.89 0.84 48.83
C ASN F 3 -19.61 0.04 48.76
N TYR F 4 -18.57 0.63 48.14
CA TYR F 4 -17.28 -0.03 47.95
C TYR F 4 -16.49 0.00 49.24
N GLN F 5 -16.99 0.75 50.22
CA GLN F 5 -16.41 0.84 51.56
C GLN F 5 -16.55 -0.52 52.25
N GLU F 6 -17.79 -1.06 52.28
CA GLU F 6 -18.17 -2.35 52.87
C GLU F 6 -17.37 -3.51 52.24
N LEU F 7 -17.35 -3.57 50.89
CA LEU F 7 -16.68 -4.59 50.08
C LEU F 7 -15.19 -4.75 50.44
N ALA F 8 -14.48 -3.63 50.62
CA ALA F 8 -13.05 -3.59 50.92
C ALA F 8 -12.73 -4.14 52.32
N ILE F 9 -13.49 -3.74 53.35
CA ILE F 9 -13.29 -4.16 54.75
C ILE F 9 -13.63 -5.66 54.91
N GLN F 10 -14.75 -6.11 54.30
CA GLN F 10 -15.21 -7.50 54.33
C GLN F 10 -14.19 -8.44 53.70
N PHE F 11 -13.50 -7.97 52.64
CA PHE F 11 -12.45 -8.71 51.93
C PHE F 11 -11.23 -8.88 52.85
N ALA F 12 -10.87 -7.80 53.58
CA ALA F 12 -9.75 -7.76 54.51
C ALA F 12 -10.05 -8.58 55.77
N ALA F 13 -11.33 -8.62 56.18
CA ALA F 13 -11.83 -9.36 57.36
C ALA F 13 -11.59 -10.87 57.22
N GLN F 14 -11.53 -11.37 55.97
CA GLN F 14 -11.27 -12.78 55.63
C GLN F 14 -9.88 -13.17 56.12
N ALA F 15 -9.82 -14.23 56.96
CA ALA F 15 -8.58 -14.75 57.56
C ALA F 15 -7.61 -15.22 56.47
N VAL F 16 -6.35 -14.78 56.59
CA VAL F 16 -5.28 -15.11 55.65
C VAL F 16 -4.77 -16.54 55.91
N ASP F 17 -4.77 -17.39 54.87
CA ASP F 17 -4.33 -18.78 54.95
C ASP F 17 -2.83 -18.86 54.65
N ARG F 18 -2.02 -19.17 55.70
CA ARG F 18 -0.56 -19.29 55.66
C ARG F 18 -0.06 -20.29 54.61
N ASN F 19 -0.80 -21.39 54.39
CA ASN F 19 -0.44 -22.43 53.43
C ASN F 19 -0.85 -22.07 51.99
N GLU F 20 -2.07 -21.53 51.79
CA GLU F 20 -2.60 -21.15 50.46
C GLU F 20 -1.73 -20.06 49.81
N ILE F 21 -1.32 -19.06 50.58
CA ILE F 21 -0.48 -17.95 50.14
C ILE F 21 0.94 -18.48 49.84
N GLU F 22 1.45 -19.43 50.66
CA GLU F 22 2.76 -20.06 50.44
C GLU F 22 2.74 -21.02 49.24
N GLN F 23 1.57 -21.56 48.89
CA GLN F 23 1.42 -22.42 47.71
C GLN F 23 1.39 -21.56 46.43
N TRP F 24 0.94 -20.30 46.56
CA TRP F 24 0.88 -19.34 45.46
C TRP F 24 2.27 -18.79 45.14
N VAL F 25 3.05 -18.38 46.17
CA VAL F 25 4.41 -17.84 45.99
C VAL F 25 5.33 -18.90 45.34
N ARG F 26 5.08 -20.20 45.62
CA ARG F 26 5.81 -21.33 45.04
C ARG F 26 5.50 -21.43 43.55
N GLU F 27 4.23 -21.18 43.17
CA GLU F 27 3.74 -21.21 41.80
C GLU F 27 4.17 -19.96 41.03
N PHE F 28 4.15 -18.79 41.69
CA PHE F 28 4.53 -17.51 41.10
C PHE F 28 6.02 -17.18 41.34
N ALA F 29 6.84 -18.21 41.66
CA ALA F 29 8.28 -18.07 41.93
C ALA F 29 9.07 -17.78 40.65
N TYR F 30 10.20 -17.05 40.81
CA TYR F 30 11.11 -16.67 39.74
C TYR F 30 11.81 -17.93 39.24
N GLN F 31 11.53 -18.30 37.97
CA GLN F 31 12.12 -19.47 37.32
C GLN F 31 13.29 -19.02 36.45
N GLY F 32 14.46 -18.95 37.06
CA GLY F 32 15.68 -18.50 36.42
C GLY F 32 16.30 -19.50 35.47
N PHE F 33 17.61 -19.70 35.61
CA PHE F 33 18.37 -20.61 34.78
C PHE F 33 18.35 -22.01 35.37
N ASP F 34 17.52 -22.89 34.76
CA ASP F 34 17.38 -24.29 35.15
C ASP F 34 18.08 -25.13 34.10
N ALA F 35 19.30 -25.59 34.44
CA ALA F 35 20.19 -26.40 33.61
C ALA F 35 19.52 -27.66 33.06
N ARG F 36 18.50 -28.16 33.79
CA ARG F 36 17.71 -29.35 33.44
C ARG F 36 16.90 -29.11 32.17
N ARG F 37 16.37 -27.88 31.99
CA ARG F 37 15.58 -27.48 30.83
C ARG F 37 16.47 -27.37 29.58
N VAL F 38 17.72 -26.90 29.74
CA VAL F 38 18.68 -26.72 28.65
C VAL F 38 19.00 -28.08 27.98
N ILE F 39 19.32 -29.12 28.80
CA ILE F 39 19.62 -30.49 28.35
C ILE F 39 18.36 -31.11 27.74
N GLU F 40 17.18 -30.80 28.33
CA GLU F 40 15.85 -31.25 27.86
C GLU F 40 15.59 -30.67 26.46
N LEU F 41 15.94 -29.39 26.25
CA LEU F 41 15.78 -28.69 24.97
C LEU F 41 16.81 -29.18 23.95
N LEU F 42 18.07 -29.45 24.40
CA LEU F 42 19.14 -29.95 23.54
C LEU F 42 18.76 -31.29 22.89
N LYS F 43 18.14 -32.19 23.67
CA LYS F 43 17.67 -33.50 23.18
C LYS F 43 16.44 -33.34 22.30
N GLN F 44 15.60 -32.31 22.59
CA GLN F 44 14.36 -32.01 21.87
C GLN F 44 14.63 -31.61 20.41
N TYR F 45 15.74 -30.89 20.18
CA TYR F 45 16.12 -30.42 18.83
C TYR F 45 17.19 -31.29 18.17
N GLY F 46 18.14 -31.78 18.97
CA GLY F 46 19.26 -32.59 18.49
C GLY F 46 19.00 -34.08 18.41
N GLY F 47 18.50 -34.65 19.51
CA GLY F 47 18.19 -36.07 19.60
C GLY F 47 19.42 -36.92 19.84
N ALA F 48 20.11 -37.29 18.74
CA ALA F 48 21.33 -38.09 18.77
C ALA F 48 22.57 -37.23 18.51
N ASP F 49 22.42 -36.18 17.68
CA ASP F 49 23.47 -35.24 17.31
C ASP F 49 23.73 -34.18 18.38
N TRP F 50 22.88 -34.11 19.45
CA TRP F 50 22.96 -33.12 20.53
C TRP F 50 24.33 -33.10 21.22
N GLU F 51 24.99 -34.26 21.38
CA GLU F 51 26.29 -34.35 22.05
C GLU F 51 27.43 -33.77 21.20
N LYS F 52 27.47 -34.10 19.89
CA LYS F 52 28.51 -33.59 18.99
C LYS F 52 28.34 -32.09 18.75
N ASP F 53 27.08 -31.64 18.58
CA ASP F 53 26.73 -30.23 18.35
C ASP F 53 27.00 -29.36 19.57
N ALA F 54 26.79 -29.91 20.80
CA ALA F 54 27.03 -29.17 22.05
C ALA F 54 28.50 -28.86 22.23
N LYS F 55 29.39 -29.78 21.80
CA LYS F 55 30.85 -29.62 21.84
C LYS F 55 31.28 -28.45 20.96
N LYS F 56 30.62 -28.30 19.80
CA LYS F 56 30.85 -27.21 18.83
C LYS F 56 30.39 -25.88 19.41
N MET F 57 29.24 -25.89 20.12
CA MET F 57 28.61 -24.72 20.73
C MET F 57 29.41 -24.22 21.95
N ILE F 58 30.09 -25.14 22.69
CA ILE F 58 30.93 -24.79 23.85
C ILE F 58 32.10 -23.94 23.34
N VAL F 59 32.83 -24.47 22.32
CA VAL F 59 33.96 -23.82 21.67
C VAL F 59 33.52 -22.45 21.14
N LEU F 60 32.36 -22.41 20.48
CA LEU F 60 31.73 -21.24 19.87
C LEU F 60 31.43 -20.12 20.88
N ALA F 61 30.90 -20.48 22.07
CA ALA F 61 30.54 -19.54 23.13
C ALA F 61 31.77 -18.99 23.85
N LEU F 62 32.76 -19.86 24.07
CA LEU F 62 34.01 -19.55 24.78
C LEU F 62 34.93 -18.63 23.99
N THR F 63 35.03 -18.83 22.66
CA THR F 63 35.93 -18.09 21.79
C THR F 63 35.30 -16.85 21.18
N ARG F 64 34.03 -16.92 20.71
CA ARG F 64 33.38 -15.78 20.07
C ARG F 64 32.45 -15.03 21.05
N GLY F 65 31.31 -15.62 21.40
CA GLY F 65 30.37 -14.98 22.32
C GLY F 65 29.01 -15.62 22.41
N ASN F 66 28.01 -14.81 22.80
CA ASN F 66 26.63 -15.26 22.97
C ASN F 66 25.74 -14.86 21.78
N LYS F 67 26.13 -13.81 21.03
CA LYS F 67 25.40 -13.30 19.85
C LYS F 67 25.73 -14.20 18.63
N PRO F 68 24.82 -15.11 18.19
CA PRO F 68 25.17 -16.04 17.11
C PRO F 68 25.06 -15.48 15.70
N ARG F 69 24.12 -14.56 15.45
CA ARG F 69 23.92 -13.99 14.12
C ARG F 69 24.97 -12.90 13.85
N ARG F 70 25.56 -12.33 14.90
CA ARG F 70 26.60 -11.30 14.76
C ARG F 70 27.94 -11.94 14.38
N MET F 71 28.33 -13.03 15.08
CA MET F 71 29.58 -13.77 14.85
C MET F 71 29.58 -14.48 13.49
N MET F 72 28.38 -14.81 12.99
CA MET F 72 28.11 -15.50 11.73
C MET F 72 28.66 -14.71 10.54
N MET F 73 28.54 -13.36 10.58
CA MET F 73 28.98 -12.43 9.53
C MET F 73 30.49 -12.50 9.29
N LYS F 74 31.29 -12.37 10.37
CA LYS F 74 32.76 -12.38 10.29
C LYS F 74 33.29 -13.77 10.66
N MET F 75 33.05 -14.75 9.77
CA MET F 75 33.46 -16.15 9.94
C MET F 75 33.71 -16.82 8.57
N SER F 76 34.49 -17.93 8.57
CA SER F 76 34.83 -18.70 7.37
C SER F 76 33.59 -19.35 6.72
N LYS F 77 33.69 -19.70 5.41
CA LYS F 77 32.65 -20.32 4.60
C LYS F 77 32.07 -21.59 5.25
N GLU F 78 32.95 -22.42 5.84
CA GLU F 78 32.58 -23.67 6.51
C GLU F 78 31.93 -23.35 7.88
N GLY F 79 32.53 -22.40 8.60
CA GLY F 79 32.08 -21.95 9.91
C GLY F 79 30.71 -21.31 9.92
N LYS F 80 30.48 -20.35 9.00
CA LYS F 80 29.23 -19.61 8.83
C LYS F 80 28.04 -20.58 8.59
N ALA F 81 28.26 -21.63 7.79
CA ALA F 81 27.26 -22.64 7.46
C ALA F 81 26.91 -23.51 8.67
N THR F 82 27.93 -23.90 9.46
CA THR F 82 27.79 -24.74 10.66
C THR F 82 27.01 -23.99 11.76
N VAL F 83 27.31 -22.70 11.96
CA VAL F 83 26.69 -21.81 12.94
C VAL F 83 25.23 -21.57 12.56
N GLU F 84 24.98 -21.18 11.28
CA GLU F 84 23.64 -20.92 10.73
C GLU F 84 22.71 -22.12 10.93
N ALA F 85 23.27 -23.34 10.79
CA ALA F 85 22.55 -24.60 10.98
C ALA F 85 22.10 -24.78 12.43
N LEU F 86 23.00 -24.47 13.40
CA LEU F 86 22.74 -24.58 14.83
C LEU F 86 21.65 -23.60 15.31
N ILE F 87 21.65 -22.36 14.77
CA ILE F 87 20.65 -21.32 15.08
C ILE F 87 19.26 -21.79 14.61
N ASN F 88 19.21 -22.48 13.45
CA ASN F 88 17.96 -22.98 12.88
C ASN F 88 17.51 -24.27 13.55
N LYS F 89 18.45 -25.17 13.91
CA LYS F 89 18.15 -26.46 14.54
C LYS F 89 17.72 -26.30 16.01
N TYR F 90 18.59 -25.70 16.84
CA TYR F 90 18.35 -25.56 18.28
C TYR F 90 17.60 -24.27 18.64
N LYS F 91 17.14 -23.49 17.64
CA LYS F 91 16.40 -22.22 17.81
C LYS F 91 17.15 -21.33 18.82
N LEU F 92 18.45 -21.11 18.53
CA LEU F 92 19.39 -20.35 19.35
C LEU F 92 19.13 -18.86 19.24
N LYS F 93 19.12 -18.18 20.40
CA LYS F 93 18.90 -16.73 20.50
C LYS F 93 20.12 -16.07 21.18
N GLU F 94 20.03 -14.74 21.43
CA GLU F 94 21.09 -13.98 22.10
C GLU F 94 20.51 -13.22 23.29
N GLY F 95 21.38 -12.91 24.24
CA GLY F 95 21.01 -12.19 25.45
C GLY F 95 20.37 -13.07 26.50
N ASN F 96 19.35 -12.52 27.19
CA ASN F 96 18.63 -13.21 28.25
C ASN F 96 17.15 -13.36 27.87
N PRO F 97 16.78 -14.39 27.08
CA PRO F 97 15.37 -14.57 26.70
C PRO F 97 14.61 -15.43 27.72
N SER F 98 13.46 -16.00 27.31
CA SER F 98 12.60 -16.85 28.14
C SER F 98 13.29 -18.17 28.52
N ARG F 99 12.83 -18.81 29.61
CA ARG F 99 13.29 -20.08 30.16
C ARG F 99 13.26 -21.22 29.10
N ASP F 100 12.28 -21.18 28.18
CA ASP F 100 12.09 -22.16 27.12
C ASP F 100 13.03 -21.92 25.91
N GLU F 101 13.84 -20.86 25.93
CA GLU F 101 14.77 -20.54 24.84
C GLU F 101 16.22 -20.95 25.15
N LEU F 102 17.00 -21.22 24.09
CA LEU F 102 18.40 -21.63 24.16
C LEU F 102 19.34 -20.52 23.69
N THR F 103 20.44 -20.30 24.44
CA THR F 103 21.53 -19.36 24.11
C THR F 103 22.86 -20.09 24.23
N LEU F 104 23.89 -19.62 23.50
CA LEU F 104 25.23 -20.21 23.56
C LEU F 104 25.78 -20.22 24.98
N SER F 105 25.47 -19.19 25.78
CA SER F 105 25.89 -19.09 27.17
C SER F 105 25.24 -20.20 28.01
N ARG F 106 23.91 -20.39 27.86
CA ARG F 106 23.10 -21.37 28.58
C ARG F 106 23.56 -22.81 28.35
N VAL F 107 23.89 -23.16 27.09
CA VAL F 107 24.36 -24.51 26.70
C VAL F 107 25.71 -24.76 27.40
N ALA F 108 26.60 -23.75 27.37
CA ALA F 108 27.93 -23.78 27.98
C ALA F 108 27.85 -23.82 29.50
N ALA F 109 26.82 -23.18 30.08
CA ALA F 109 26.64 -23.15 31.53
C ALA F 109 25.96 -24.43 32.04
N ALA F 110 25.06 -25.03 31.24
CA ALA F 110 24.37 -26.28 31.61
C ALA F 110 25.37 -27.41 31.66
N LEU F 111 26.14 -27.55 30.58
CA LEU F 111 27.15 -28.58 30.43
C LEU F 111 28.51 -28.02 30.90
N ALA F 112 28.53 -27.48 32.14
CA ALA F 112 29.68 -26.84 32.80
C ALA F 112 30.88 -27.79 33.00
N GLY F 113 30.62 -29.09 33.02
CA GLY F 113 31.64 -30.12 33.18
C GLY F 113 32.67 -30.13 32.07
N ARG F 114 32.22 -30.23 30.80
CA ARG F 114 33.11 -30.23 29.64
C ARG F 114 33.58 -28.82 29.30
N THR F 115 32.79 -27.80 29.65
CA THR F 115 33.08 -26.37 29.40
C THR F 115 34.37 -25.96 30.12
N CYS F 116 34.56 -26.40 31.38
CA CYS F 116 35.74 -26.11 32.17
C CYS F 116 36.95 -26.86 31.63
N GLN F 117 36.74 -28.09 31.10
CA GLN F 117 37.79 -28.92 30.51
C GLN F 117 38.29 -28.30 29.19
N ALA F 118 37.36 -27.69 28.42
CA ALA F 118 37.63 -27.05 27.13
C ALA F 118 38.50 -25.80 27.29
N LEU F 119 38.45 -25.16 28.48
CA LEU F 119 39.20 -23.95 28.81
C LEU F 119 40.71 -24.18 28.78
N VAL F 120 41.15 -25.40 29.13
CA VAL F 120 42.56 -25.81 29.14
C VAL F 120 43.12 -25.76 27.71
N VAL F 121 42.27 -26.14 26.73
CA VAL F 121 42.62 -26.17 25.31
C VAL F 121 42.50 -24.74 24.74
N LEU F 122 41.33 -24.08 24.92
CA LEU F 122 41.02 -22.75 24.39
C LEU F 122 41.46 -21.63 25.36
N SER F 123 42.69 -21.73 25.90
CA SER F 123 43.26 -20.77 26.86
C SER F 123 43.53 -19.39 26.24
N GLU F 124 44.20 -19.36 25.08
CA GLU F 124 44.58 -18.10 24.42
C GLU F 124 43.50 -17.59 23.44
N TRP F 125 42.39 -18.31 23.31
CA TRP F 125 41.31 -17.91 22.40
C TRP F 125 40.15 -17.25 23.17
N LEU F 126 40.29 -17.16 24.50
CA LEU F 126 39.32 -16.53 25.42
C LEU F 126 39.41 -15.00 25.34
N PRO F 127 38.39 -14.20 25.80
CA PRO F 127 38.51 -12.72 25.77
C PRO F 127 39.68 -12.25 26.64
N VAL F 128 39.90 -12.96 27.76
CA VAL F 128 41.01 -12.78 28.68
C VAL F 128 41.85 -14.05 28.55
N THR F 129 43.04 -13.95 27.92
CA THR F 129 43.93 -15.09 27.64
C THR F 129 44.58 -15.63 28.92
N GLY F 130 45.11 -16.86 28.84
CA GLY F 130 45.79 -17.54 29.93
C GLY F 130 47.04 -16.81 30.39
N THR F 131 47.77 -16.20 29.43
CA THR F 131 49.00 -15.44 29.66
C THR F 131 48.66 -14.14 30.41
N THR F 132 47.53 -13.50 30.07
CA THR F 132 47.03 -12.26 30.69
C THR F 132 46.75 -12.52 32.18
N MET F 133 46.10 -13.65 32.50
CA MET F 133 45.77 -14.06 33.87
C MET F 133 47.00 -14.53 34.64
N ASP F 134 48.02 -15.07 33.94
CA ASP F 134 49.27 -15.52 34.54
C ASP F 134 50.13 -14.32 35.01
N GLY F 135 49.90 -13.16 34.41
CA GLY F 135 50.59 -11.91 34.75
C GLY F 135 49.97 -11.21 35.94
N LEU F 136 48.75 -11.62 36.33
CA LEU F 136 47.99 -11.08 37.46
C LEU F 136 48.14 -11.98 38.69
N SER F 137 48.00 -13.30 38.49
CA SER F 137 48.15 -14.33 39.51
C SER F 137 49.13 -15.41 39.05
N PRO F 138 50.01 -15.94 39.95
CA PRO F 138 50.97 -16.97 39.52
C PRO F 138 50.27 -18.24 39.06
N ALA F 139 50.34 -18.51 37.73
CA ALA F 139 49.74 -19.66 37.02
C ALA F 139 48.28 -19.85 37.44
N TYR F 140 47.41 -18.96 36.94
CA TYR F 140 45.97 -18.95 37.22
C TYR F 140 45.30 -20.25 36.73
N PRO F 141 44.37 -20.85 37.53
CA PRO F 141 43.71 -22.09 37.10
C PRO F 141 42.87 -21.87 35.84
N ARG F 142 43.17 -22.67 34.80
CA ARG F 142 42.50 -22.58 33.51
C ARG F 142 41.01 -22.94 33.60
N HIS F 143 40.64 -23.87 34.50
CA HIS F 143 39.26 -24.33 34.70
C HIS F 143 38.34 -23.24 35.28
N MET F 144 38.92 -22.24 35.95
CA MET F 144 38.19 -21.14 36.55
C MET F 144 37.91 -19.99 35.56
N MET F 145 38.53 -20.02 34.37
CA MET F 145 38.49 -18.95 33.37
C MET F 145 37.20 -18.91 32.52
N HIS F 146 36.03 -18.95 33.18
CA HIS F 146 34.71 -18.81 32.55
C HIS F 146 33.60 -18.73 33.60
N PRO F 147 32.58 -17.85 33.40
CA PRO F 147 31.47 -17.73 34.38
C PRO F 147 30.64 -18.99 34.64
N SER F 148 30.82 -20.06 33.84
CA SER F 148 30.13 -21.34 33.99
C SER F 148 30.75 -22.20 35.11
N PHE F 149 32.00 -21.87 35.55
CA PHE F 149 32.73 -22.56 36.61
C PHE F 149 31.98 -22.48 37.94
N ALA F 150 31.22 -21.38 38.18
CA ALA F 150 30.44 -21.15 39.41
C ALA F 150 29.46 -22.31 39.69
N GLY F 151 29.04 -23.01 38.63
CA GLY F 151 28.15 -24.17 38.71
C GLY F 151 28.86 -25.46 39.09
N MET F 152 30.21 -25.42 39.13
CA MET F 152 31.07 -26.56 39.50
C MET F 152 31.56 -26.41 40.95
N VAL F 153 31.34 -25.23 41.56
CA VAL F 153 31.75 -24.94 42.94
C VAL F 153 30.80 -25.65 43.91
N ASP F 154 31.37 -26.49 44.78
CA ASP F 154 30.67 -27.26 45.81
C ASP F 154 30.45 -26.36 47.05
N PRO F 155 29.20 -25.98 47.39
CA PRO F 155 28.99 -25.10 48.55
C PRO F 155 29.20 -25.79 49.89
N SER F 156 29.13 -27.15 49.94
CA SER F 156 29.33 -27.95 51.16
C SER F 156 30.81 -27.93 51.63
N LEU F 157 31.65 -27.14 50.93
CA LEU F 157 33.07 -26.94 51.23
C LEU F 157 33.26 -26.12 52.51
N PRO F 158 34.35 -26.36 53.30
CA PRO F 158 34.54 -25.56 54.53
C PRO F 158 34.76 -24.08 54.26
N GLY F 159 34.25 -23.24 55.18
CA GLY F 159 34.28 -21.78 55.16
C GLY F 159 35.39 -21.12 54.37
N ASP F 160 36.61 -21.10 54.93
CA ASP F 160 37.81 -20.49 54.34
C ASP F 160 38.16 -21.10 52.97
N TYR F 161 38.00 -22.44 52.81
CA TYR F 161 38.30 -23.15 51.57
C TYR F 161 37.35 -22.72 50.44
N LEU F 162 36.04 -22.63 50.74
CA LEU F 162 35.00 -22.22 49.79
C LEU F 162 35.18 -20.76 49.36
N ARG F 163 35.48 -19.88 50.34
CA ARG F 163 35.70 -18.44 50.12
C ARG F 163 36.91 -18.20 49.22
N ALA F 164 37.99 -19.00 49.39
CA ALA F 164 39.22 -18.91 48.60
C ALA F 164 38.98 -19.21 47.12
N ILE F 165 38.17 -20.24 46.83
CA ILE F 165 37.79 -20.67 45.48
C ILE F 165 37.00 -19.54 44.80
N LEU F 166 35.97 -19.03 45.50
CA LEU F 166 35.08 -17.96 45.03
C LEU F 166 35.85 -16.66 44.79
N ASP F 167 36.83 -16.32 45.64
CA ASP F 167 37.64 -15.11 45.51
C ASP F 167 38.63 -15.27 44.34
N ALA F 168 39.12 -16.50 44.10
CA ALA F 168 40.05 -16.79 43.01
C ALA F 168 39.32 -16.70 41.67
N HIS F 169 38.10 -17.28 41.60
CA HIS F 169 37.26 -17.25 40.38
C HIS F 169 36.79 -15.82 40.08
N SER F 170 36.53 -15.03 41.14
CA SER F 170 36.10 -13.63 41.03
C SER F 170 37.14 -12.77 40.30
N LEU F 171 38.44 -13.12 40.40
CA LEU F 171 39.54 -12.42 39.74
C LEU F 171 39.36 -12.47 38.22
N TYR F 172 38.98 -13.63 37.65
CA TYR F 172 38.71 -13.76 36.23
C TYR F 172 37.47 -12.96 35.86
N LEU F 173 36.37 -13.15 36.62
CA LEU F 173 35.10 -12.46 36.40
C LEU F 173 35.33 -10.94 36.31
N LEU F 174 36.19 -10.41 37.20
CA LEU F 174 36.56 -9.00 37.23
C LEU F 174 37.21 -8.60 35.91
N GLN F 175 38.16 -9.42 35.42
CA GLN F 175 38.87 -9.17 34.16
C GLN F 175 37.99 -9.45 32.95
N PHE F 176 37.09 -10.45 33.05
CA PHE F 176 36.17 -10.87 31.99
C PHE F 176 35.12 -9.78 31.72
N SER F 177 34.40 -9.34 32.77
CA SER F 177 33.35 -8.32 32.70
C SER F 177 33.86 -7.01 32.12
N ARG F 178 35.09 -6.59 32.49
CA ARG F 178 35.75 -5.37 32.01
C ARG F 178 36.01 -5.41 30.51
N VAL F 179 36.33 -6.61 29.97
CA VAL F 179 36.64 -6.79 28.56
C VAL F 179 35.33 -6.80 27.73
N ILE F 180 34.37 -7.69 28.05
CA ILE F 180 33.12 -7.84 27.30
C ILE F 180 32.18 -6.62 27.48
N ASN F 181 32.22 -5.95 28.64
CA ASN F 181 31.39 -4.76 28.87
C ASN F 181 32.29 -3.53 28.98
N PRO F 182 32.22 -2.59 28.00
CA PRO F 182 33.13 -1.43 28.00
C PRO F 182 32.91 -0.40 29.11
N ASN F 183 31.65 -0.21 29.56
CA ASN F 183 31.33 0.77 30.61
C ASN F 183 31.84 0.34 32.00
N LEU F 184 32.20 -0.95 32.18
CA LEU F 184 32.72 -1.49 33.43
C LEU F 184 34.25 -1.32 33.57
N ARG F 185 34.92 -0.78 32.54
CA ARG F 185 36.37 -0.55 32.52
C ARG F 185 36.80 0.54 33.50
N GLY F 186 36.08 1.66 33.53
CA GLY F 186 36.36 2.79 34.39
C GLY F 186 35.91 2.63 35.83
N ARG F 187 34.87 1.80 36.05
CA ARG F 187 34.28 1.55 37.37
C ARG F 187 35.23 0.74 38.27
N THR F 188 35.04 0.87 39.60
CA THR F 188 35.84 0.20 40.64
C THR F 188 35.53 -1.29 40.76
N LYS F 189 36.38 -2.04 41.51
CA LYS F 189 36.29 -3.48 41.77
C LYS F 189 34.92 -3.83 42.37
N GLU F 190 34.46 -3.04 43.34
CA GLU F 190 33.19 -3.20 44.07
C GLU F 190 32.00 -3.08 43.13
N GLU F 191 32.08 -2.14 42.16
CA GLU F 191 31.03 -1.89 41.16
C GLU F 191 30.91 -3.07 40.18
N VAL F 192 32.06 -3.65 39.76
CA VAL F 192 32.13 -4.80 38.85
C VAL F 192 31.65 -6.04 39.61
N ALA F 193 32.08 -6.19 40.89
CA ALA F 193 31.72 -7.30 41.78
C ALA F 193 30.20 -7.48 41.89
N ALA F 194 29.46 -6.37 42.06
CA ALA F 194 28.00 -6.34 42.21
C ALA F 194 27.28 -6.92 40.98
N THR F 195 27.88 -6.83 39.79
CA THR F 195 27.28 -7.32 38.55
C THR F 195 27.35 -8.85 38.42
N PHE F 196 28.45 -9.48 38.89
CA PHE F 196 28.62 -10.93 38.73
C PHE F 196 28.36 -11.76 40.00
N THR F 197 28.39 -11.17 41.21
CA THR F 197 28.20 -11.92 42.45
C THR F 197 26.83 -12.63 42.54
N GLN F 198 25.75 -11.98 42.05
CA GLN F 198 24.39 -12.53 42.08
C GLN F 198 24.25 -13.84 41.26
N PRO F 199 24.59 -13.91 39.93
CA PRO F 199 24.44 -15.18 39.20
C PRO F 199 25.49 -16.24 39.57
N MET F 200 26.64 -15.80 40.10
CA MET F 200 27.76 -16.64 40.54
C MET F 200 27.32 -17.51 41.72
N ASN F 201 26.85 -16.86 42.81
CA ASN F 201 26.38 -17.51 44.03
C ASN F 201 25.14 -18.37 43.78
N ALA F 202 24.29 -17.95 42.82
CA ALA F 202 23.08 -18.67 42.40
C ALA F 202 23.44 -20.02 41.78
N ALA F 203 24.57 -20.06 41.05
CA ALA F 203 25.11 -21.27 40.42
C ALA F 203 25.74 -22.20 41.46
N VAL F 204 26.39 -21.61 42.49
CA VAL F 204 27.04 -22.34 43.58
C VAL F 204 25.96 -23.06 44.42
N ASN F 205 24.89 -22.35 44.79
CA ASN F 205 23.81 -22.87 45.63
C ASN F 205 22.66 -23.51 44.80
N SER F 206 22.90 -23.83 43.51
CA SER F 206 21.89 -24.48 42.65
C SER F 206 21.77 -25.98 42.97
N ASN F 207 20.56 -26.53 42.73
CA ASN F 207 20.22 -27.93 42.98
C ASN F 207 20.91 -28.89 41.98
N PHE F 208 21.24 -28.40 40.77
CA PHE F 208 21.88 -29.18 39.72
C PHE F 208 23.32 -29.55 40.10
N ILE F 209 23.68 -30.84 39.87
CA ILE F 209 24.95 -31.52 40.19
C ILE F 209 25.03 -31.70 41.71
N SER F 210 25.09 -32.95 42.16
CA SER F 210 25.18 -33.28 43.59
C SER F 210 26.49 -32.78 44.20
N HIS F 211 26.44 -32.43 45.49
CA HIS F 211 27.57 -31.91 46.27
C HIS F 211 28.76 -32.88 46.27
N GLU F 212 28.48 -34.19 46.19
CA GLU F 212 29.47 -35.26 46.14
C GLU F 212 30.21 -35.24 44.80
N LYS F 213 29.46 -35.18 43.69
CA LYS F 213 30.00 -35.17 42.32
C LYS F 213 30.67 -33.84 41.99
N ARG F 214 30.16 -32.71 42.52
CA ARG F 214 30.74 -31.39 42.27
C ARG F 214 32.13 -31.25 42.91
N ARG F 215 32.33 -31.85 44.11
CA ARG F 215 33.62 -31.88 44.81
C ARG F 215 34.61 -32.76 44.03
N GLU F 216 34.11 -33.87 43.44
CA GLU F 216 34.87 -34.81 42.61
C GLU F 216 35.37 -34.12 41.35
N PHE F 217 34.56 -33.21 40.76
CA PHE F 217 34.89 -32.42 39.57
C PHE F 217 36.04 -31.46 39.87
N LEU F 218 35.98 -30.77 41.04
CA LEU F 218 37.01 -29.83 41.50
C LEU F 218 38.32 -30.57 41.78
N LYS F 219 38.21 -31.82 42.27
CA LYS F 219 39.34 -32.71 42.55
C LYS F 219 39.98 -33.16 41.23
N ALA F 220 39.15 -33.50 40.23
CA ALA F 220 39.54 -33.94 38.89
C ALA F 220 40.30 -32.84 38.14
N PHE F 221 39.91 -31.58 38.35
CA PHE F 221 40.56 -30.43 37.72
C PHE F 221 41.84 -30.05 38.50
N GLY F 222 42.03 -30.67 39.67
CA GLY F 222 43.19 -30.43 40.53
C GLY F 222 43.14 -29.10 41.26
N LEU F 223 41.92 -28.62 41.57
CA LEU F 223 41.69 -27.35 42.26
C LEU F 223 41.80 -27.55 43.78
N VAL F 224 41.17 -28.63 44.30
CA VAL F 224 41.19 -28.98 45.73
C VAL F 224 41.71 -30.42 45.91
N ASP F 225 42.20 -30.75 47.12
CA ASP F 225 42.70 -32.09 47.45
C ASP F 225 41.55 -32.97 48.00
N SER F 226 41.87 -34.20 48.46
CA SER F 226 40.92 -35.18 49.01
C SER F 226 40.03 -34.59 50.11
N ASN F 227 40.62 -33.75 51.00
CA ASN F 227 39.89 -33.10 52.09
C ASN F 227 39.02 -31.96 51.56
N GLY F 228 39.65 -30.98 50.91
CA GLY F 228 38.98 -29.82 50.34
C GLY F 228 39.83 -28.55 50.31
N LYS F 229 41.12 -28.68 50.70
CA LYS F 229 42.08 -27.58 50.72
C LYS F 229 42.47 -27.23 49.27
N PRO F 230 42.29 -25.95 48.84
CA PRO F 230 42.65 -25.58 47.46
C PRO F 230 44.16 -25.54 47.21
N SER F 231 44.54 -25.58 45.91
CA SER F 231 45.93 -25.55 45.46
C SER F 231 46.56 -24.18 45.70
N ALA F 232 47.90 -24.12 45.72
CA ALA F 232 48.66 -22.87 45.91
C ALA F 232 48.27 -21.83 44.86
N ALA F 233 48.01 -22.30 43.62
CA ALA F 233 47.59 -21.51 42.45
C ALA F 233 46.28 -20.77 42.74
N VAL F 234 45.37 -21.41 43.51
CA VAL F 234 44.06 -20.86 43.90
C VAL F 234 44.27 -19.82 45.01
N MET F 235 45.11 -20.14 46.01
CA MET F 235 45.42 -19.29 47.16
C MET F 235 46.09 -17.99 46.74
N ALA F 236 47.04 -18.08 45.79
CA ALA F 236 47.75 -16.92 45.25
C ALA F 236 46.80 -16.05 44.41
N ALA F 237 45.78 -16.66 43.78
CA ALA F 237 44.76 -15.97 42.98
C ALA F 237 43.74 -15.30 43.87
N ALA F 238 43.50 -15.86 45.08
CA ALA F 238 42.56 -15.34 46.07
C ALA F 238 43.08 -14.02 46.68
N GLN F 239 44.38 -13.99 47.01
CA GLN F 239 45.10 -12.85 47.57
C GLN F 239 45.26 -11.74 46.53
N ALA F 240 45.43 -12.14 45.25
CA ALA F 240 45.57 -11.24 44.10
C ALA F 240 44.30 -10.44 43.86
N TYR F 241 43.10 -11.06 44.08
CA TYR F 241 41.79 -10.43 43.91
C TYR F 241 41.57 -9.32 44.94
N LYS F 242 42.05 -9.53 46.18
CA LYS F 242 41.92 -8.57 47.27
C LYS F 242 42.85 -7.36 47.05
N THR F 243 44.08 -7.61 46.55
CA THR F 243 45.07 -6.55 46.30
C THR F 243 44.74 -5.71 45.07
N ALA F 244 44.39 -6.36 43.94
CA ALA F 244 44.06 -5.67 42.68
C ALA F 244 42.71 -4.96 42.75
N ALA F 245 42.53 -3.92 41.93
CA ALA F 245 41.30 -3.13 41.84
C ALA F 245 40.72 -3.16 40.43
N ASP G 2 40.25 -19.28 -9.43
CA ASP G 2 41.06 -20.34 -8.86
C ASP G 2 42.12 -19.75 -7.90
N ASN G 3 43.28 -19.28 -8.43
CA ASN G 3 44.39 -18.68 -7.67
C ASN G 3 44.27 -17.18 -7.69
N TYR G 4 43.81 -16.62 -6.57
CA TYR G 4 43.60 -15.18 -6.42
C TYR G 4 44.94 -14.49 -6.17
N GLN G 5 45.99 -15.30 -5.96
CA GLN G 5 47.36 -14.84 -5.79
C GLN G 5 47.85 -14.25 -7.12
N GLU G 6 47.71 -15.03 -8.21
CA GLU G 6 48.09 -14.66 -9.59
C GLU G 6 47.37 -13.39 -10.06
N LEU G 7 46.03 -13.33 -9.87
CA LEU G 7 45.14 -12.22 -10.24
C LEU G 7 45.60 -10.87 -9.66
N ALA G 8 46.01 -10.86 -8.38
CA ALA G 8 46.45 -9.67 -7.65
C ALA G 8 47.78 -9.11 -8.18
N ILE G 9 48.78 -9.99 -8.43
CA ILE G 9 50.11 -9.58 -8.91
C ILE G 9 50.02 -9.08 -10.36
N GLN G 10 49.25 -9.78 -11.22
CA GLN G 10 49.05 -9.42 -12.63
C GLN G 10 48.38 -8.04 -12.77
N PHE G 11 47.48 -7.70 -11.82
CA PHE G 11 46.78 -6.43 -11.75
C PHE G 11 47.78 -5.32 -11.41
N ALA G 12 48.67 -5.60 -10.44
CA ALA G 12 49.72 -4.67 -9.98
C ALA G 12 50.80 -4.49 -11.04
N ALA G 13 51.08 -5.56 -11.82
CA ALA G 13 52.08 -5.59 -12.91
C ALA G 13 51.76 -4.57 -14.00
N GLN G 14 50.46 -4.24 -14.18
CA GLN G 14 49.96 -3.26 -15.14
C GLN G 14 50.52 -1.88 -14.79
N ALA G 15 51.20 -1.24 -15.77
CA ALA G 15 51.83 0.06 -15.59
C ALA G 15 50.82 1.14 -15.19
N VAL G 16 51.15 1.91 -14.15
CA VAL G 16 50.32 3.00 -13.64
C VAL G 16 50.46 4.22 -14.56
N ASP G 17 49.33 4.70 -15.10
CA ASP G 17 49.31 5.85 -15.99
C ASP G 17 49.14 7.13 -15.18
N ARG G 18 50.20 7.97 -15.16
CA ARG G 18 50.28 9.24 -14.42
C ARG G 18 49.17 10.22 -14.80
N ASN G 19 48.75 10.23 -16.08
CA ASN G 19 47.70 11.11 -16.59
C ASN G 19 46.29 10.59 -16.31
N GLU G 20 46.04 9.27 -16.51
CA GLU G 20 44.74 8.62 -16.28
C GLU G 20 44.30 8.73 -14.82
N ILE G 21 45.23 8.51 -13.88
CA ILE G 21 45.00 8.58 -12.44
C ILE G 21 44.74 10.05 -12.06
N GLU G 22 45.49 11.00 -12.67
CA GLU G 22 45.32 12.43 -12.41
C GLU G 22 44.01 12.96 -13.03
N GLN G 23 43.50 12.30 -14.08
CA GLN G 23 42.22 12.67 -14.70
C GLN G 23 41.06 12.17 -13.82
N TRP G 24 41.30 11.08 -13.06
CA TRP G 24 40.32 10.50 -12.14
C TRP G 24 40.17 11.34 -10.89
N VAL G 25 41.31 11.75 -10.26
CA VAL G 25 41.31 12.56 -9.04
C VAL G 25 40.61 13.92 -9.30
N ARG G 26 40.73 14.45 -10.54
CA ARG G 26 40.08 15.69 -10.98
C ARG G 26 38.56 15.50 -11.03
N GLU G 27 38.13 14.31 -11.48
CA GLU G 27 36.72 13.93 -11.60
C GLU G 27 36.12 13.58 -10.23
N PHE G 28 36.91 12.90 -9.38
CA PHE G 28 36.49 12.49 -8.05
C PHE G 28 36.89 13.53 -6.97
N ALA G 29 37.15 14.77 -7.39
CA ALA G 29 37.53 15.88 -6.51
C ALA G 29 36.35 16.35 -5.67
N TYR G 30 36.65 16.83 -4.45
CA TYR G 30 35.68 17.38 -3.51
C TYR G 30 35.13 18.67 -4.09
N GLN G 31 33.87 18.61 -4.54
CA GLN G 31 33.21 19.75 -5.18
C GLN G 31 32.94 20.86 -4.16
N GLY G 32 33.80 21.88 -4.19
CA GLY G 32 33.72 23.04 -3.30
C GLY G 32 32.56 23.96 -3.61
N PHE G 33 32.38 24.99 -2.77
CA PHE G 33 31.32 25.98 -2.92
C PHE G 33 31.68 26.95 -4.05
N ASP G 34 30.98 26.85 -5.19
CA ASP G 34 31.17 27.70 -6.35
C ASP G 34 30.09 28.75 -6.37
N ALA G 35 30.46 30.02 -6.14
CA ALA G 35 29.51 31.15 -6.15
C ALA G 35 28.91 31.31 -7.54
N ARG G 36 29.68 30.91 -8.56
CA ARG G 36 29.30 30.95 -9.97
C ARG G 36 28.07 30.07 -10.23
N ARG G 37 27.98 28.89 -9.58
CA ARG G 37 26.83 27.96 -9.72
C ARG G 37 25.59 28.53 -9.04
N VAL G 38 25.77 29.26 -7.92
CA VAL G 38 24.68 29.85 -7.13
C VAL G 38 23.94 30.89 -7.97
N ILE G 39 24.66 31.80 -8.63
CA ILE G 39 24.14 32.86 -9.50
C ILE G 39 23.51 32.22 -10.76
N GLU G 40 24.13 31.12 -11.27
CA GLU G 40 23.65 30.33 -12.41
C GLU G 40 22.27 29.72 -12.07
N LEU G 41 22.11 29.20 -10.84
CA LEU G 41 20.86 28.61 -10.35
C LEU G 41 19.81 29.67 -10.07
N LEU G 42 20.23 30.84 -9.54
CA LEU G 42 19.33 31.96 -9.24
C LEU G 42 18.63 32.46 -10.51
N LYS G 43 19.39 32.56 -11.64
CA LYS G 43 18.85 32.96 -12.94
C LYS G 43 17.99 31.86 -13.55
N GLN G 44 18.33 30.58 -13.26
CA GLN G 44 17.64 29.39 -13.76
C GLN G 44 16.19 29.32 -13.24
N TYR G 45 15.96 29.74 -11.98
CA TYR G 45 14.63 29.71 -11.37
C TYR G 45 13.93 31.08 -11.37
N GLY G 46 14.70 32.15 -11.18
CA GLY G 46 14.19 33.52 -11.11
C GLY G 46 14.05 34.23 -12.45
N GLY G 47 15.12 34.21 -13.24
CA GLY G 47 15.17 34.85 -14.55
C GLY G 47 15.36 36.35 -14.47
N ALA G 48 14.24 37.08 -14.30
CA ALA G 48 14.23 38.54 -14.18
C ALA G 48 14.01 38.97 -12.74
N ASP G 49 13.22 38.18 -11.99
CA ASP G 49 12.87 38.42 -10.59
C ASP G 49 14.00 38.00 -9.63
N TRP G 50 15.06 37.33 -10.13
CA TRP G 50 16.18 36.81 -9.33
C TRP G 50 16.87 37.91 -8.48
N GLU G 51 16.98 39.15 -9.00
CA GLU G 51 17.63 40.26 -8.30
C GLU G 51 16.78 40.77 -7.12
N LYS G 52 15.44 40.96 -7.33
CA LYS G 52 14.55 41.44 -6.27
C LYS G 52 14.36 40.38 -5.17
N ASP G 53 14.26 39.09 -5.58
CA ASP G 53 14.07 37.96 -4.68
C ASP G 53 15.34 37.69 -3.85
N ALA G 54 16.54 37.91 -4.45
CA ALA G 54 17.82 37.71 -3.75
C ALA G 54 17.98 38.68 -2.59
N LYS G 55 17.49 39.93 -2.77
CA LYS G 55 17.50 41.01 -1.77
C LYS G 55 16.67 40.59 -0.55
N LYS G 56 15.53 39.91 -0.80
CA LYS G 56 14.63 39.40 0.23
C LYS G 56 15.29 38.25 0.99
N MET G 57 16.01 37.37 0.25
CA MET G 57 16.71 36.20 0.78
C MET G 57 17.92 36.58 1.62
N ILE G 58 18.59 37.71 1.30
CA ILE G 58 19.74 38.22 2.06
C ILE G 58 19.26 38.60 3.46
N VAL G 59 18.21 39.44 3.52
CA VAL G 59 17.56 39.93 4.75
C VAL G 59 17.13 38.70 5.59
N LEU G 60 16.49 37.74 4.92
CA LEU G 60 15.95 36.50 5.46
C LEU G 60 17.03 35.62 6.12
N ALA G 61 18.20 35.48 5.47
CA ALA G 61 19.30 34.66 5.97
C ALA G 61 20.04 35.32 7.14
N LEU G 62 20.20 36.65 7.07
CA LEU G 62 20.91 37.48 8.05
C LEU G 62 20.16 37.60 9.37
N THR G 63 18.82 37.75 9.31
CA THR G 63 17.98 37.96 10.48
C THR G 63 17.44 36.66 11.10
N ARG G 64 16.97 35.71 10.26
CA ARG G 64 16.38 34.46 10.77
C ARG G 64 17.39 33.31 10.75
N GLY G 65 17.73 32.79 9.57
CA GLY G 65 18.68 31.69 9.45
C GLY G 65 18.76 31.00 8.11
N ASN G 66 19.15 29.71 8.13
CA ASN G 66 19.30 28.89 6.93
C ASN G 66 18.13 27.91 6.72
N LYS G 67 17.41 27.55 7.81
CA LYS G 67 16.27 26.64 7.79
C LYS G 67 15.01 27.42 7.34
N PRO G 68 14.52 27.23 6.08
CA PRO G 68 13.41 28.07 5.60
C PRO G 68 12.02 27.59 6.01
N ARG G 69 11.82 26.28 6.18
CA ARG G 69 10.51 25.76 6.55
C ARG G 69 10.28 25.91 8.06
N ARG G 70 11.37 26.07 8.85
CA ARG G 70 11.29 26.26 10.29
C ARG G 70 10.89 27.70 10.62
N MET G 71 11.52 28.70 9.96
CA MET G 71 11.25 30.13 10.15
C MET G 71 9.87 30.53 9.63
N MET G 72 9.36 29.76 8.65
CA MET G 72 8.06 29.92 8.00
C MET G 72 6.90 29.85 8.99
N MET G 73 7.00 28.94 10.00
CA MET G 73 6.00 28.69 11.03
C MET G 73 5.75 29.93 11.90
N LYS G 74 6.83 30.53 12.46
CA LYS G 74 6.73 31.69 13.34
C LYS G 74 7.04 32.96 12.54
N MET G 75 6.11 33.33 11.65
CA MET G 75 6.23 34.51 10.78
C MET G 75 4.85 35.09 10.44
N SER G 76 4.81 36.38 10.05
CA SER G 76 3.58 37.11 9.67
C SER G 76 2.92 36.53 8.42
N LYS G 77 1.60 36.81 8.23
CA LYS G 77 0.75 36.33 7.13
C LYS G 77 1.37 36.66 5.77
N GLU G 78 1.93 37.87 5.62
CA GLU G 78 2.58 38.34 4.39
C GLU G 78 3.94 37.66 4.21
N GLY G 79 4.70 37.56 5.31
CA GLY G 79 6.02 36.95 5.36
C GLY G 79 6.05 35.48 5.03
N LYS G 80 5.15 34.70 5.67
CA LYS G 80 5.01 33.24 5.49
C LYS G 80 4.72 32.88 4.03
N ALA G 81 3.88 33.68 3.35
CA ALA G 81 3.51 33.50 1.94
C ALA G 81 4.70 33.78 1.00
N THR G 82 5.49 34.84 1.29
CA THR G 82 6.66 35.26 0.51
C THR G 82 7.77 34.21 0.59
N VAL G 83 8.02 33.68 1.81
CA VAL G 83 9.04 32.66 2.09
C VAL G 83 8.65 31.34 1.40
N GLU G 84 7.39 30.87 1.60
CA GLU G 84 6.84 29.65 1.01
C GLU G 84 7.00 29.66 -0.52
N ALA G 85 6.82 30.83 -1.14
CA ALA G 85 6.96 31.06 -2.58
C ALA G 85 8.40 30.83 -3.05
N LEU G 86 9.38 31.36 -2.28
CA LEU G 86 10.82 31.26 -2.55
C LEU G 86 11.32 29.82 -2.47
N ILE G 87 10.82 29.04 -1.49
CA ILE G 87 11.18 27.62 -1.29
C ILE G 87 10.68 26.80 -2.49
N ASN G 88 9.51 27.16 -3.03
CA ASN G 88 8.90 26.48 -4.18
C ASN G 88 9.53 26.92 -5.50
N LYS G 89 9.85 28.23 -5.64
CA LYS G 89 10.43 28.78 -6.87
C LYS G 89 11.91 28.39 -7.05
N TYR G 90 12.76 28.72 -6.06
CA TYR G 90 14.21 28.48 -6.13
C TYR G 90 14.63 27.11 -5.59
N LYS G 91 13.66 26.25 -5.23
CA LYS G 91 13.87 24.89 -4.68
C LYS G 91 14.92 24.96 -3.56
N LEU G 92 14.64 25.85 -2.58
CA LEU G 92 15.49 26.14 -1.43
C LEU G 92 15.43 25.03 -0.40
N LYS G 93 16.62 24.64 0.08
CA LYS G 93 16.80 23.59 1.08
C LYS G 93 17.50 24.17 2.33
N GLU G 94 17.80 23.30 3.31
CA GLU G 94 18.49 23.69 4.54
C GLU G 94 19.72 22.80 4.76
N GLY G 95 20.67 23.33 5.51
CA GLY G 95 21.91 22.63 5.80
C GLY G 95 22.93 22.71 4.68
N ASN G 96 23.67 21.62 4.46
CA ASN G 96 24.70 21.54 3.42
C ASN G 96 24.33 20.45 2.41
N PRO G 97 23.48 20.76 1.40
CA PRO G 97 23.10 19.73 0.42
C PRO G 97 24.08 19.68 -0.76
N SER G 98 23.66 19.07 -1.89
CA SER G 98 24.46 18.94 -3.11
C SER G 98 24.76 20.29 -3.74
N ARG G 99 25.84 20.34 -4.56
CA ARG G 99 26.33 21.52 -5.28
C ARG G 99 25.24 22.16 -6.18
N ASP G 100 24.33 21.32 -6.73
CA ASP G 100 23.22 21.74 -7.59
C ASP G 100 22.01 22.28 -6.80
N GLU G 101 22.07 22.27 -5.46
CA GLU G 101 20.98 22.78 -4.61
C GLU G 101 21.26 24.19 -4.05
N LEU G 102 20.18 24.94 -3.75
CA LEU G 102 20.24 26.30 -3.21
C LEU G 102 19.81 26.36 -1.76
N THR G 103 20.53 27.17 -0.96
CA THR G 103 20.23 27.45 0.45
C THR G 103 20.29 28.97 0.68
N LEU G 104 19.71 29.45 1.79
CA LEU G 104 19.74 30.87 2.17
C LEU G 104 21.16 31.32 2.49
N SER G 105 21.96 30.42 3.11
CA SER G 105 23.36 30.66 3.46
C SER G 105 24.21 30.84 2.22
N ARG G 106 23.94 30.05 1.16
CA ARG G 106 24.66 30.06 -0.09
C ARG G 106 24.37 31.33 -0.92
N VAL G 107 23.09 31.80 -0.95
CA VAL G 107 22.70 33.03 -1.69
C VAL G 107 23.46 34.22 -1.09
N ALA G 108 23.35 34.39 0.23
CA ALA G 108 23.99 35.45 0.99
C ALA G 108 25.51 35.42 0.84
N ALA G 109 26.12 34.21 0.81
CA ALA G 109 27.58 34.07 0.67
C ALA G 109 28.03 34.35 -0.76
N ALA G 110 27.21 34.01 -1.77
CA ALA G 110 27.56 34.23 -3.17
C ALA G 110 27.44 35.69 -3.57
N LEU G 111 26.46 36.41 -3.02
CA LEU G 111 26.22 37.83 -3.30
C LEU G 111 26.66 38.66 -2.08
N ALA G 112 27.90 38.42 -1.61
CA ALA G 112 28.55 39.02 -0.43
C ALA G 112 28.59 40.55 -0.47
N GLY G 113 28.66 41.14 -1.66
CA GLY G 113 28.71 42.59 -1.87
C GLY G 113 27.57 43.35 -1.23
N ARG G 114 26.33 42.96 -1.55
CA ARG G 114 25.13 43.60 -0.99
C ARG G 114 24.86 43.10 0.43
N THR G 115 25.29 41.86 0.74
CA THR G 115 25.13 41.21 2.05
C THR G 115 25.83 42.04 3.13
N CYS G 116 27.06 42.53 2.86
CA CYS G 116 27.83 43.36 3.80
C CYS G 116 27.21 44.75 3.96
N GLN G 117 26.61 45.29 2.89
CA GLN G 117 25.93 46.58 2.88
C GLN G 117 24.66 46.51 3.74
N ALA G 118 23.95 45.37 3.67
CA ALA G 118 22.71 45.11 4.39
C ALA G 118 22.93 45.04 5.90
N LEU G 119 24.15 44.68 6.33
CA LEU G 119 24.55 44.53 7.73
C LEU G 119 24.48 45.86 8.50
N VAL G 120 24.72 46.99 7.80
CA VAL G 120 24.67 48.34 8.37
C VAL G 120 23.23 48.65 8.80
N VAL G 121 22.26 48.19 8.01
CA VAL G 121 20.83 48.37 8.26
C VAL G 121 20.35 47.36 9.31
N LEU G 122 20.60 46.06 9.09
CA LEU G 122 20.18 44.94 9.95
C LEU G 122 21.21 44.64 11.07
N SER G 123 21.71 45.69 11.74
CA SER G 123 22.72 45.62 12.81
C SER G 123 22.17 44.94 14.09
N GLU G 124 20.99 45.36 14.57
CA GLU G 124 20.40 44.84 15.80
C GLU G 124 19.49 43.62 15.56
N TRP G 125 19.34 43.18 14.31
CA TRP G 125 18.49 42.04 13.97
C TRP G 125 19.34 40.77 13.75
N LEU G 126 20.67 40.91 13.86
CA LEU G 126 21.65 39.82 13.72
C LEU G 126 21.66 38.94 14.99
N PRO G 127 22.21 37.68 14.95
CA PRO G 127 22.28 36.87 16.19
C PRO G 127 23.14 37.56 17.26
N VAL G 128 24.21 38.24 16.80
CA VAL G 128 25.11 39.06 17.60
C VAL G 128 24.85 40.50 17.15
N THR G 129 24.19 41.31 18.00
CA THR G 129 23.82 42.70 17.67
C THR G 129 25.05 43.63 17.61
N GLY G 130 24.87 44.80 16.99
CA GLY G 130 25.89 45.83 16.85
C GLY G 130 26.34 46.38 18.17
N THR G 131 25.41 46.50 19.13
CA THR G 131 25.67 47.01 20.49
C THR G 131 26.51 45.99 21.28
N THR G 132 26.25 44.68 21.08
CA THR G 132 26.97 43.57 21.72
C THR G 132 28.45 43.61 21.29
N MET G 133 28.70 43.83 19.97
CA MET G 133 30.05 43.91 19.40
C MET G 133 30.75 45.23 19.80
N ASP G 134 29.98 46.31 20.04
CA ASP G 134 30.52 47.61 20.44
C ASP G 134 31.04 47.56 21.89
N GLY G 135 30.52 46.62 22.68
CA GLY G 135 30.93 46.40 24.06
C GLY G 135 32.19 45.57 24.18
N LEU G 136 32.58 44.90 23.09
CA LEU G 136 33.79 44.05 23.01
C LEU G 136 34.94 44.82 22.36
N SER G 137 34.66 45.53 21.24
CA SER G 137 35.60 46.36 20.51
C SER G 137 35.03 47.76 20.30
N PRO G 138 35.85 48.83 20.41
CA PRO G 138 35.31 50.19 20.22
C PRO G 138 34.79 50.40 18.79
N ALA G 139 33.45 50.53 18.67
CA ALA G 139 32.70 50.71 17.43
C ALA G 139 33.14 49.72 16.33
N TYR G 140 32.74 48.45 16.50
CA TYR G 140 33.08 47.35 15.60
C TYR G 140 32.51 47.60 14.17
N PRO G 141 33.30 47.30 13.10
CA PRO G 141 32.79 47.52 11.73
C PRO G 141 31.58 46.64 11.43
N ARG G 142 30.49 47.27 11.02
CA ARG G 142 29.23 46.60 10.72
C ARG G 142 29.33 45.66 9.51
N HIS G 143 30.17 46.02 8.51
CA HIS G 143 30.38 45.22 7.30
C HIS G 143 31.08 43.88 7.58
N MET G 144 31.79 43.78 8.72
CA MET G 144 32.51 42.58 9.16
C MET G 144 31.64 41.61 9.99
N MET G 145 30.36 41.97 10.22
CA MET G 145 29.45 41.21 11.07
C MET G 145 28.64 40.13 10.34
N HIS G 146 29.33 39.26 9.57
CA HIS G 146 28.76 38.09 8.87
C HIS G 146 29.86 37.25 8.21
N PRO G 147 29.79 35.89 8.29
CA PRO G 147 30.83 35.05 7.66
C PRO G 147 31.09 35.32 6.17
N SER G 148 30.10 35.88 5.44
CA SER G 148 30.19 36.18 4.01
C SER G 148 31.20 37.29 3.69
N PHE G 149 31.62 38.07 4.71
CA PHE G 149 32.61 39.15 4.58
C PHE G 149 33.98 38.61 4.14
N ALA G 150 34.31 37.36 4.53
CA ALA G 150 35.56 36.68 4.19
C ALA G 150 35.80 36.64 2.66
N GLY G 151 34.70 36.66 1.88
CA GLY G 151 34.74 36.68 0.43
C GLY G 151 35.00 38.04 -0.17
N MET G 152 35.01 39.09 0.69
CA MET G 152 35.26 40.48 0.30
C MET G 152 36.71 40.88 0.66
N VAL G 153 37.41 40.02 1.44
CA VAL G 153 38.79 40.25 1.87
C VAL G 153 39.73 40.01 0.68
N ASP G 154 40.53 41.03 0.35
CA ASP G 154 41.51 41.00 -0.72
C ASP G 154 42.82 40.40 -0.21
N PRO G 155 43.23 39.19 -0.69
CA PRO G 155 44.47 38.57 -0.17
C PRO G 155 45.75 39.25 -0.65
N SER G 156 45.69 40.03 -1.75
CA SER G 156 46.83 40.75 -2.32
C SER G 156 47.25 41.95 -1.42
N LEU G 157 46.59 42.09 -0.25
CA LEU G 157 46.84 43.11 0.78
C LEU G 157 48.20 42.87 1.48
N PRO G 158 48.92 43.94 1.94
CA PRO G 158 50.20 43.71 2.63
C PRO G 158 50.04 42.93 3.94
N GLY G 159 51.05 42.11 4.24
CA GLY G 159 51.14 41.22 5.41
C GLY G 159 50.37 41.63 6.65
N ASP G 160 50.88 42.62 7.40
CA ASP G 160 50.30 43.14 8.64
C ASP G 160 48.88 43.67 8.44
N TYR G 161 48.61 44.36 7.30
CA TYR G 161 47.30 44.94 6.96
C TYR G 161 46.24 43.85 6.76
N LEU G 162 46.60 42.78 6.01
CA LEU G 162 45.72 41.64 5.72
C LEU G 162 45.41 40.86 7.00
N ARG G 163 46.45 40.62 7.84
CA ARG G 163 46.33 39.89 9.10
C ARG G 163 45.40 40.63 10.08
N ALA G 164 45.48 41.98 10.11
CA ALA G 164 44.67 42.84 10.97
C ALA G 164 43.17 42.72 10.65
N ILE G 165 42.82 42.69 9.34
CA ILE G 165 41.45 42.56 8.84
C ILE G 165 40.90 41.20 9.26
N LEU G 166 41.67 40.12 9.00
CA LEU G 166 41.31 38.74 9.31
C LEU G 166 41.13 38.52 10.80
N ASP G 167 42.00 39.12 11.62
CA ASP G 167 41.91 39.00 13.07
C ASP G 167 40.82 39.90 13.65
N ALA G 168 40.39 40.94 12.89
CA ALA G 168 39.29 41.81 13.29
C ALA G 168 37.96 41.13 13.00
N HIS G 169 37.84 40.47 11.83
CA HIS G 169 36.66 39.72 11.39
C HIS G 169 36.45 38.47 12.25
N SER G 170 37.57 37.82 12.68
CA SER G 170 37.56 36.61 13.51
C SER G 170 37.01 36.87 14.92
N LEU G 171 36.87 38.15 15.32
CA LEU G 171 36.27 38.56 16.59
C LEU G 171 34.74 38.28 16.52
N TYR G 172 34.10 38.63 15.38
CA TYR G 172 32.67 38.39 15.17
C TYR G 172 32.42 36.90 15.02
N LEU G 173 33.20 36.23 14.16
CA LEU G 173 33.12 34.79 13.91
C LEU G 173 33.11 34.01 15.23
N LEU G 174 33.96 34.43 16.19
CA LEU G 174 34.06 33.84 17.52
C LEU G 174 32.75 34.00 18.29
N GLN G 175 32.18 35.22 18.24
CA GLN G 175 30.93 35.56 18.92
C GLN G 175 29.72 34.95 18.20
N PHE G 176 29.78 34.86 16.87
CA PHE G 176 28.72 34.33 16.01
C PHE G 176 28.55 32.82 16.23
N SER G 177 29.65 32.04 16.10
CA SER G 177 29.67 30.58 16.26
C SER G 177 29.15 30.15 17.64
N ARG G 178 29.52 30.91 18.70
CA ARG G 178 29.11 30.65 20.09
C ARG G 178 27.60 30.79 20.27
N VAL G 179 26.99 31.74 19.54
CA VAL G 179 25.55 32.01 19.62
C VAL G 179 24.76 30.93 18.85
N ILE G 180 25.04 30.74 17.54
CA ILE G 180 24.32 29.80 16.68
C ILE G 180 24.59 28.32 17.07
N ASN G 181 25.79 28.01 17.60
CA ASN G 181 26.11 26.64 18.02
C ASN G 181 26.28 26.61 19.55
N PRO G 182 25.35 25.94 20.28
CA PRO G 182 25.41 25.96 21.76
C PRO G 182 26.60 25.22 22.39
N ASN G 183 27.08 24.13 21.77
CA ASN G 183 28.20 23.35 22.31
C ASN G 183 29.56 24.09 22.21
N LEU G 184 29.64 25.17 21.40
CA LEU G 184 30.85 25.98 21.24
C LEU G 184 30.96 27.09 22.30
N ARG G 185 29.95 27.22 23.19
CA ARG G 185 29.91 28.23 24.26
C ARG G 185 30.97 27.97 25.35
N GLY G 186 31.08 26.71 25.78
CA GLY G 186 32.03 26.29 26.81
C GLY G 186 33.46 26.11 26.35
N ARG G 187 33.64 25.82 25.05
CA ARG G 187 34.95 25.60 24.43
C ARG G 187 35.78 26.89 24.33
N THR G 188 37.12 26.75 24.27
CA THR G 188 38.09 27.85 24.20
C THR G 188 38.10 28.53 22.84
N LYS G 189 38.78 29.70 22.74
CA LYS G 189 38.94 30.52 21.53
C LYS G 189 39.55 29.70 20.39
N GLU G 190 40.61 28.93 20.69
CA GLU G 190 41.34 28.07 19.74
C GLU G 190 40.43 26.99 19.14
N GLU G 191 39.54 26.42 19.97
CA GLU G 191 38.58 25.38 19.57
C GLU G 191 37.52 25.95 18.62
N VAL G 192 37.03 27.17 18.89
CA VAL G 192 36.05 27.88 18.05
C VAL G 192 36.74 28.31 16.76
N ALA G 193 37.97 28.82 16.86
CA ALA G 193 38.79 29.29 15.73
C ALA G 193 38.93 28.22 14.64
N ALA G 194 39.20 26.97 15.05
CA ALA G 194 39.37 25.82 14.16
C ALA G 194 38.14 25.51 13.30
N THR G 195 36.93 25.86 13.79
CA THR G 195 35.68 25.61 13.08
C THR G 195 35.45 26.60 11.94
N PHE G 196 35.83 27.88 12.12
CA PHE G 196 35.57 28.91 11.11
C PHE G 196 36.78 29.32 10.25
N THR G 197 38.03 29.04 10.66
CA THR G 197 39.24 29.44 9.91
C THR G 197 39.32 28.80 8.51
N GLN G 198 38.89 27.52 8.37
CA GLN G 198 38.92 26.78 7.10
C GLN G 198 38.03 27.45 6.01
N PRO G 199 36.69 27.66 6.20
CA PRO G 199 35.88 28.30 5.14
C PRO G 199 36.16 29.79 4.95
N MET G 200 36.70 30.46 6.00
CA MET G 200 37.04 31.88 6.01
C MET G 200 38.19 32.14 5.02
N ASN G 201 39.33 31.43 5.20
CA ASN G 201 40.52 31.55 4.35
C ASN G 201 40.22 31.08 2.92
N ALA G 202 39.31 30.09 2.77
CA ALA G 202 38.88 29.56 1.47
C ALA G 202 38.17 30.63 0.66
N ALA G 203 37.42 31.52 1.34
CA ALA G 203 36.70 32.64 0.75
C ALA G 203 37.65 33.76 0.37
N VAL G 204 38.71 33.97 1.19
CA VAL G 204 39.72 35.00 0.97
C VAL G 204 40.54 34.66 -0.30
N ASN G 205 40.98 33.40 -0.40
CA ASN G 205 41.81 32.91 -1.50
C ASN G 205 40.98 32.34 -2.67
N SER G 206 39.66 32.65 -2.73
CA SER G 206 38.80 32.16 -3.82
C SER G 206 38.99 32.99 -5.10
N ASN G 207 38.77 32.34 -6.26
CA ASN G 207 38.91 32.93 -7.60
C ASN G 207 37.81 33.96 -7.89
N PHE G 208 36.63 33.83 -7.26
CA PHE G 208 35.49 34.72 -7.44
C PHE G 208 35.78 36.11 -6.87
N ILE G 209 35.44 37.17 -7.65
CA ILE G 209 35.67 38.61 -7.40
C ILE G 209 37.18 38.90 -7.51
N SER G 210 37.55 39.78 -8.46
CA SER G 210 38.93 40.16 -8.72
C SER G 210 39.53 40.91 -7.54
N HIS G 211 40.86 40.77 -7.35
CA HIS G 211 41.65 41.40 -6.29
C HIS G 211 41.54 42.93 -6.34
N GLU G 212 41.38 43.48 -7.54
CA GLU G 212 41.23 44.92 -7.79
C GLU G 212 39.88 45.41 -7.25
N LYS G 213 38.79 44.70 -7.61
CA LYS G 213 37.42 45.04 -7.20
C LYS G 213 37.19 44.75 -5.72
N ARG G 214 37.84 43.70 -5.18
CA ARG G 214 37.73 43.33 -3.76
C ARG G 214 38.25 44.43 -2.87
N ARG G 215 39.42 45.02 -3.24
CA ARG G 215 40.07 46.11 -2.51
C ARG G 215 39.19 47.36 -2.57
N GLU G 216 38.54 47.60 -3.73
CA GLU G 216 37.63 48.72 -3.98
C GLU G 216 36.40 48.61 -3.06
N PHE G 217 35.90 47.38 -2.82
CA PHE G 217 34.77 47.08 -1.94
C PHE G 217 35.11 47.42 -0.49
N LEU G 218 36.32 47.03 -0.03
CA LEU G 218 36.83 47.30 1.33
C LEU G 218 37.02 48.81 1.54
N LYS G 219 37.40 49.52 0.46
CA LYS G 219 37.58 50.98 0.45
C LYS G 219 36.22 51.66 0.54
N ALA G 220 35.23 51.14 -0.21
CA ALA G 220 33.84 51.64 -0.26
C ALA G 220 33.13 51.51 1.10
N PHE G 221 33.45 50.44 1.86
CA PHE G 221 32.90 50.21 3.19
C PHE G 221 33.65 51.04 4.24
N GLY G 222 34.77 51.65 3.82
CA GLY G 222 35.60 52.48 4.68
C GLY G 222 36.42 51.67 5.68
N LEU G 223 36.81 50.44 5.29
CA LEU G 223 37.61 49.54 6.13
C LEU G 223 39.09 49.85 5.99
N VAL G 224 39.57 50.06 4.73
CA VAL G 224 40.96 50.40 4.41
C VAL G 224 41.02 51.70 3.59
N ASP G 225 42.19 52.37 3.57
CA ASP G 225 42.40 53.61 2.80
C ASP G 225 42.93 53.26 1.38
N SER G 226 43.30 54.28 0.57
CA SER G 226 43.82 54.16 -0.80
C SER G 226 44.98 53.16 -0.90
N ASN G 227 45.90 53.18 0.09
CA ASN G 227 47.07 52.29 0.13
C ASN G 227 46.63 50.87 0.51
N GLY G 228 46.03 50.73 1.69
CA GLY G 228 45.56 49.46 2.22
C GLY G 228 45.59 49.37 3.72
N LYS G 229 45.93 50.50 4.40
CA LYS G 229 46.00 50.58 5.86
C LYS G 229 44.57 50.58 6.44
N PRO G 230 44.24 49.62 7.35
CA PRO G 230 42.89 49.59 7.93
C PRO G 230 42.62 50.71 8.93
N SER G 231 41.33 50.89 9.30
CA SER G 231 40.85 51.89 10.25
C SER G 231 41.33 51.59 11.67
N ALA G 232 41.33 52.60 12.54
CA ALA G 232 41.73 52.46 13.94
C ALA G 232 40.83 51.45 14.66
N ALA G 233 39.52 51.45 14.33
CA ALA G 233 38.52 50.54 14.90
C ALA G 233 38.82 49.07 14.52
N VAL G 234 39.31 48.85 13.28
CA VAL G 234 39.70 47.53 12.73
C VAL G 234 40.93 47.05 13.49
N MET G 235 41.90 47.97 13.72
CA MET G 235 43.14 47.69 14.43
C MET G 235 42.85 47.40 15.90
N ALA G 236 41.84 48.10 16.47
CA ALA G 236 41.36 47.96 17.86
C ALA G 236 40.69 46.60 18.05
N ALA G 237 39.88 46.18 17.07
CA ALA G 237 39.18 44.89 17.06
C ALA G 237 40.17 43.73 16.98
N ALA G 238 41.30 43.93 16.25
CA ALA G 238 42.37 42.95 16.08
C ALA G 238 43.08 42.68 17.42
N GLN G 239 43.34 43.75 18.21
CA GLN G 239 43.97 43.66 19.53
C GLN G 239 42.99 43.03 20.53
N ALA G 240 41.68 43.37 20.39
CA ALA G 240 40.59 42.86 21.23
C ALA G 240 40.41 41.36 21.04
N TYR G 241 40.59 40.86 19.80
CA TYR G 241 40.46 39.44 19.45
C TYR G 241 41.56 38.60 20.13
N LYS G 242 42.79 39.15 20.20
CA LYS G 242 43.94 38.48 20.80
C LYS G 242 43.80 38.43 22.33
N THR G 243 43.27 39.49 22.95
CA THR G 243 43.09 39.59 24.40
C THR G 243 41.92 38.73 24.89
N ALA G 244 40.75 38.82 24.21
CA ALA G 244 39.54 38.06 24.58
C ALA G 244 39.68 36.57 24.28
N ALA G 245 38.92 35.74 25.02
CA ALA G 245 38.91 34.28 24.88
C ALA G 245 37.51 33.75 24.55
N ASP H 2 -18.17 -55.67 -9.82
CA ASP H 2 -16.85 -56.26 -9.59
C ASP H 2 -15.89 -55.90 -10.76
N ASN H 3 -15.87 -56.72 -11.85
CA ASN H 3 -15.10 -56.55 -13.08
C ASN H 3 -15.99 -55.91 -14.11
N TYR H 4 -15.80 -54.62 -14.34
CA TYR H 4 -16.62 -53.85 -15.26
C TYR H 4 -16.24 -54.16 -16.70
N GLN H 5 -15.13 -54.87 -16.86
CA GLN H 5 -14.63 -55.33 -18.17
C GLN H 5 -15.62 -56.35 -18.73
N GLU H 6 -15.93 -57.39 -17.93
CA GLU H 6 -16.86 -58.47 -18.26
C GLU H 6 -18.26 -57.95 -18.59
N LEU H 7 -18.82 -57.06 -17.73
CA LEU H 7 -20.14 -56.45 -17.85
C LEU H 7 -20.35 -55.74 -19.19
N ALA H 8 -19.33 -55.00 -19.66
CA ALA H 8 -19.36 -54.23 -20.91
C ALA H 8 -19.40 -55.12 -22.15
N ILE H 9 -18.58 -56.18 -22.20
CA ILE H 9 -18.49 -57.12 -23.34
C ILE H 9 -19.77 -57.97 -23.42
N GLN H 10 -20.28 -58.47 -22.27
CA GLN H 10 -21.50 -59.28 -22.17
C GLN H 10 -22.73 -58.49 -22.66
N PHE H 11 -22.75 -57.18 -22.39
CA PHE H 11 -23.81 -56.26 -22.81
C PHE H 11 -23.78 -56.11 -24.34
N ALA H 12 -22.57 -55.98 -24.91
CA ALA H 12 -22.33 -55.84 -26.34
C ALA H 12 -22.60 -57.16 -27.08
N ALA H 13 -22.34 -58.30 -26.42
CA ALA H 13 -22.54 -59.65 -26.94
C ALA H 13 -24.01 -59.93 -27.27
N GLN H 14 -24.94 -59.22 -26.58
CA GLN H 14 -26.38 -59.32 -26.79
C GLN H 14 -26.73 -58.88 -28.21
N ALA H 15 -27.39 -59.77 -28.97
CA ALA H 15 -27.79 -59.53 -30.36
C ALA H 15 -28.77 -58.36 -30.44
N VAL H 16 -28.49 -57.43 -31.37
CA VAL H 16 -29.29 -56.22 -31.58
C VAL H 16 -30.58 -56.55 -32.33
N ASP H 17 -31.73 -56.17 -31.74
CA ASP H 17 -33.04 -56.43 -32.33
C ASP H 17 -33.44 -55.25 -33.22
N ARG H 18 -33.49 -55.50 -34.55
CA ARG H 18 -33.81 -54.51 -35.59
C ARG H 18 -35.19 -53.86 -35.39
N ASN H 19 -36.17 -54.60 -34.86
CA ASN H 19 -37.53 -54.12 -34.62
C ASN H 19 -37.65 -53.33 -33.31
N GLU H 20 -37.03 -53.82 -32.21
CA GLU H 20 -37.07 -53.20 -30.88
C GLU H 20 -36.43 -51.80 -30.90
N ILE H 21 -35.29 -51.66 -31.59
CA ILE H 21 -34.54 -50.40 -31.74
C ILE H 21 -35.36 -49.44 -32.63
N GLU H 22 -36.02 -49.96 -33.69
CA GLU H 22 -36.87 -49.17 -34.58
C GLU H 22 -38.18 -48.74 -33.89
N GLN H 23 -38.63 -49.51 -32.88
CA GLN H 23 -39.82 -49.16 -32.11
C GLN H 23 -39.48 -48.06 -31.09
N TRP H 24 -38.20 -47.98 -30.67
CA TRP H 24 -37.71 -46.98 -29.75
C TRP H 24 -37.54 -45.63 -30.44
N VAL H 25 -36.91 -45.60 -31.64
CA VAL H 25 -36.69 -44.38 -32.43
C VAL H 25 -38.04 -43.72 -32.80
N ARG H 26 -39.10 -44.54 -32.99
CA ARG H 26 -40.45 -44.09 -33.28
C ARG H 26 -41.05 -43.39 -32.06
N GLU H 27 -40.76 -43.93 -30.85
CA GLU H 27 -41.21 -43.40 -29.57
C GLU H 27 -40.41 -42.16 -29.17
N PHE H 28 -39.09 -42.17 -29.45
CA PHE H 28 -38.19 -41.06 -29.12
C PHE H 28 -38.04 -40.07 -30.30
N ALA H 29 -39.00 -40.09 -31.25
CA ALA H 29 -39.03 -39.22 -32.42
C ALA H 29 -39.38 -37.78 -32.06
N TYR H 30 -38.92 -36.82 -32.90
CA TYR H 30 -39.09 -35.37 -32.76
C TYR H 30 -40.58 -34.97 -32.63
N GLN H 31 -41.30 -34.73 -33.76
CA GLN H 31 -42.71 -34.31 -33.81
C GLN H 31 -42.96 -33.08 -32.90
N GLY H 32 -42.15 -32.04 -33.11
CA GLY H 32 -42.21 -30.79 -32.37
C GLY H 32 -43.48 -30.01 -32.61
N PHE H 33 -43.87 -29.91 -33.89
CA PHE H 33 -45.08 -29.23 -34.31
C PHE H 33 -46.05 -30.24 -34.90
N ASP H 34 -47.22 -30.39 -34.26
CA ASP H 34 -48.30 -31.27 -34.71
C ASP H 34 -49.53 -30.41 -35.00
N ALA H 35 -49.84 -30.21 -36.30
CA ALA H 35 -50.97 -29.41 -36.76
C ALA H 35 -52.31 -29.99 -36.27
N ARG H 36 -52.38 -31.32 -36.09
CA ARG H 36 -53.55 -32.05 -35.61
C ARG H 36 -53.83 -31.78 -34.14
N ARG H 37 -52.78 -31.73 -33.30
CA ARG H 37 -52.85 -31.49 -31.86
C ARG H 37 -53.33 -30.06 -31.53
N VAL H 38 -53.09 -29.08 -32.44
CA VAL H 38 -53.46 -27.67 -32.27
C VAL H 38 -55.00 -27.51 -32.23
N ILE H 39 -55.74 -28.14 -33.17
CA ILE H 39 -57.21 -28.08 -33.21
C ILE H 39 -57.80 -28.79 -31.95
N GLU H 40 -57.11 -29.84 -31.47
CA GLU H 40 -57.47 -30.60 -30.25
C GLU H 40 -57.35 -29.68 -29.02
N LEU H 41 -56.28 -28.86 -28.96
CA LEU H 41 -56.03 -27.91 -27.87
C LEU H 41 -56.93 -26.68 -28.01
N LEU H 42 -57.34 -26.35 -29.25
CA LEU H 42 -58.24 -25.22 -29.56
C LEU H 42 -59.65 -25.50 -29.05
N LYS H 43 -60.05 -26.79 -29.03
CA LYS H 43 -61.35 -27.22 -28.52
C LYS H 43 -61.29 -27.49 -27.01
N GLN H 44 -60.08 -27.56 -26.42
CA GLN H 44 -59.84 -27.80 -25.00
C GLN H 44 -60.07 -26.53 -24.15
N TYR H 45 -59.63 -25.36 -24.66
CA TYR H 45 -59.76 -24.08 -23.96
C TYR H 45 -60.95 -23.25 -24.44
N GLY H 46 -61.26 -23.33 -25.74
CA GLY H 46 -62.36 -22.60 -26.37
C GLY H 46 -63.69 -23.32 -26.38
N GLY H 47 -63.68 -24.55 -26.89
CA GLY H 47 -64.86 -25.40 -27.00
C GLY H 47 -65.71 -25.06 -28.21
N ALA H 48 -66.48 -23.98 -28.11
CA ALA H 48 -67.35 -23.48 -29.18
C ALA H 48 -66.94 -22.06 -29.58
N ASP H 49 -66.28 -21.35 -28.64
CA ASP H 49 -65.80 -19.97 -28.79
C ASP H 49 -64.62 -19.87 -29.77
N TRP H 50 -63.84 -20.96 -29.95
CA TRP H 50 -62.66 -21.00 -30.83
C TRP H 50 -63.01 -20.87 -32.33
N GLU H 51 -64.30 -20.90 -32.68
CA GLU H 51 -64.78 -20.73 -34.05
C GLU H 51 -64.61 -19.28 -34.49
N LYS H 52 -64.90 -18.32 -33.60
CA LYS H 52 -64.84 -16.88 -33.79
C LYS H 52 -63.51 -16.29 -33.26
N ASP H 53 -62.97 -16.85 -32.15
CA ASP H 53 -61.72 -16.38 -31.52
C ASP H 53 -60.47 -16.66 -32.37
N ALA H 54 -60.44 -17.79 -33.10
CA ALA H 54 -59.31 -18.16 -33.97
C ALA H 54 -59.23 -17.22 -35.17
N LYS H 55 -60.38 -16.73 -35.66
CA LYS H 55 -60.48 -15.77 -36.77
C LYS H 55 -59.81 -14.46 -36.38
N LYS H 56 -59.92 -14.08 -35.08
CA LYS H 56 -59.30 -12.91 -34.48
C LYS H 56 -57.78 -13.15 -34.40
N MET H 57 -57.40 -14.39 -34.02
CA MET H 57 -56.01 -14.84 -33.88
C MET H 57 -55.27 -14.88 -35.23
N ILE H 58 -56.00 -15.06 -36.34
CA ILE H 58 -55.45 -15.07 -37.70
C ILE H 58 -54.91 -13.67 -38.01
N VAL H 59 -55.76 -12.62 -37.84
CA VAL H 59 -55.47 -11.21 -38.08
C VAL H 59 -54.22 -10.77 -37.31
N LEU H 60 -54.16 -11.10 -35.99
CA LEU H 60 -53.05 -10.76 -35.11
C LEU H 60 -51.69 -11.24 -35.65
N ALA H 61 -51.57 -12.56 -35.95
CA ALA H 61 -50.34 -13.19 -36.47
C ALA H 61 -49.95 -12.66 -37.85
N LEU H 62 -50.96 -12.39 -38.69
CA LEU H 62 -50.82 -11.91 -40.06
C LEU H 62 -50.31 -10.47 -40.15
N THR H 63 -50.74 -9.60 -39.23
CA THR H 63 -50.41 -8.18 -39.27
C THR H 63 -49.36 -7.76 -38.24
N ARG H 64 -49.49 -8.18 -36.96
CA ARG H 64 -48.55 -7.79 -35.91
C ARG H 64 -47.30 -8.69 -35.87
N GLY H 65 -47.39 -9.87 -35.28
CA GLY H 65 -46.24 -10.77 -35.19
C GLY H 65 -46.53 -12.11 -34.55
N ASN H 66 -45.75 -12.47 -33.50
CA ASN H 66 -45.90 -13.75 -32.81
C ASN H 66 -45.77 -13.62 -31.29
N LYS H 67 -45.28 -12.45 -30.81
CA LYS H 67 -45.11 -12.15 -29.38
C LYS H 67 -46.41 -11.48 -28.89
N PRO H 68 -47.30 -12.19 -28.14
CA PRO H 68 -48.60 -11.57 -27.77
C PRO H 68 -48.52 -10.53 -26.67
N ARG H 69 -47.67 -10.71 -25.67
CA ARG H 69 -47.55 -9.74 -24.57
C ARG H 69 -46.81 -8.49 -25.03
N ARG H 70 -46.02 -8.59 -26.13
CA ARG H 70 -45.28 -7.45 -26.68
C ARG H 70 -46.23 -6.52 -27.48
N MET H 71 -47.05 -7.10 -28.39
CA MET H 71 -48.00 -6.35 -29.22
C MET H 71 -49.17 -5.77 -28.39
N MET H 72 -49.40 -6.33 -27.19
CA MET H 72 -50.43 -5.93 -26.22
C MET H 72 -50.19 -4.49 -25.72
N MET H 73 -48.90 -4.11 -25.51
CA MET H 73 -48.46 -2.81 -25.02
C MET H 73 -48.86 -1.66 -25.96
N LYS H 74 -48.52 -1.78 -27.25
CA LYS H 74 -48.79 -0.77 -28.27
C LYS H 74 -50.04 -1.15 -29.07
N MET H 75 -51.21 -1.09 -28.41
CA MET H 75 -52.50 -1.45 -28.99
C MET H 75 -53.64 -0.63 -28.36
N SER H 76 -54.78 -0.52 -29.06
CA SER H 76 -55.97 0.21 -28.60
C SER H 76 -56.60 -0.41 -27.35
N LYS H 77 -57.38 0.38 -26.59
CA LYS H 77 -58.07 -0.01 -25.34
C LYS H 77 -58.93 -1.27 -25.52
N GLU H 78 -59.64 -1.36 -26.66
CA GLU H 78 -60.50 -2.51 -27.01
C GLU H 78 -59.64 -3.71 -27.41
N GLY H 79 -58.59 -3.46 -28.20
CA GLY H 79 -57.66 -4.47 -28.70
C GLY H 79 -56.84 -5.13 -27.62
N LYS H 80 -56.24 -4.34 -26.71
CA LYS H 80 -55.41 -4.77 -25.59
C LYS H 80 -56.18 -5.74 -24.67
N ALA H 81 -57.48 -5.44 -24.42
CA ALA H 81 -58.37 -6.25 -23.59
C ALA H 81 -58.71 -7.60 -24.25
N THR H 82 -58.95 -7.60 -25.58
CA THR H 82 -59.29 -8.79 -26.37
C THR H 82 -58.10 -9.76 -26.42
N VAL H 83 -56.88 -9.22 -26.63
CA VAL H 83 -55.62 -9.96 -26.72
C VAL H 83 -55.29 -10.57 -25.34
N GLU H 84 -55.33 -9.74 -24.27
CA GLU H 84 -55.07 -10.16 -22.87
C GLU H 84 -55.97 -11.33 -22.46
N ALA H 85 -57.24 -11.32 -22.93
CA ALA H 85 -58.23 -12.35 -22.67
C ALA H 85 -57.83 -13.68 -23.30
N LEU H 86 -57.36 -13.64 -24.58
CA LEU H 86 -56.91 -14.79 -25.37
C LEU H 86 -55.67 -15.47 -24.75
N ILE H 87 -54.72 -14.67 -24.21
CA ILE H 87 -53.50 -15.17 -23.55
C ILE H 87 -53.87 -15.91 -22.26
N ASN H 88 -54.89 -15.41 -21.54
CA ASN H 88 -55.35 -16.01 -20.29
C ASN H 88 -56.25 -17.24 -20.52
N LYS H 89 -57.12 -17.20 -21.55
CA LYS H 89 -58.06 -18.29 -21.85
C LYS H 89 -57.40 -19.46 -22.58
N TYR H 90 -56.66 -19.19 -23.69
CA TYR H 90 -56.05 -20.22 -24.54
C TYR H 90 -54.60 -20.55 -24.17
N LYS H 91 -54.06 -19.95 -23.08
CA LYS H 91 -52.68 -20.14 -22.57
C LYS H 91 -51.67 -19.95 -23.71
N LEU H 92 -51.80 -18.83 -24.45
CA LEU H 92 -50.96 -18.48 -25.60
C LEU H 92 -49.59 -17.97 -25.16
N LYS H 93 -48.53 -18.47 -25.82
CA LYS H 93 -47.13 -18.12 -25.57
C LYS H 93 -46.52 -17.43 -26.79
N GLU H 94 -45.18 -17.30 -26.81
CA GLU H 94 -44.43 -16.72 -27.92
C GLU H 94 -43.26 -17.63 -28.29
N GLY H 95 -42.84 -17.53 -29.54
CA GLY H 95 -41.73 -18.32 -30.08
C GLY H 95 -42.12 -19.74 -30.44
N ASN H 96 -41.20 -20.69 -30.15
CA ASN H 96 -41.38 -22.10 -30.43
C ASN H 96 -41.39 -22.91 -29.11
N PRO H 97 -42.54 -23.00 -28.41
CA PRO H 97 -42.58 -23.77 -27.16
C PRO H 97 -42.90 -25.25 -27.40
N SER H 98 -43.37 -25.97 -26.36
CA SER H 98 -43.73 -27.39 -26.43
C SER H 98 -44.92 -27.64 -27.37
N ARG H 99 -45.04 -28.88 -27.86
CA ARG H 99 -46.09 -29.38 -28.77
C ARG H 99 -47.50 -29.13 -28.19
N ASP H 100 -47.64 -29.20 -26.85
CA ASP H 100 -48.90 -29.01 -26.12
C ASP H 100 -49.25 -27.51 -25.93
N GLU H 101 -48.38 -26.58 -26.37
CA GLU H 101 -48.62 -25.15 -26.24
C GLU H 101 -49.13 -24.51 -27.53
N LEU H 102 -49.98 -23.48 -27.38
CA LEU H 102 -50.61 -22.75 -28.48
C LEU H 102 -49.99 -21.37 -28.65
N THR H 103 -49.64 -21.01 -29.90
CA THR H 103 -49.08 -19.70 -30.24
C THR H 103 -49.76 -19.17 -31.50
N LEU H 104 -49.46 -17.92 -31.88
CA LEU H 104 -50.00 -17.25 -33.05
C LEU H 104 -49.63 -18.00 -34.32
N SER H 105 -48.34 -18.29 -34.55
CA SER H 105 -47.87 -19.04 -35.72
C SER H 105 -48.32 -20.50 -35.65
N ARG H 106 -48.46 -21.09 -34.42
CA ARG H 106 -48.91 -22.46 -34.21
C ARG H 106 -50.40 -22.62 -34.55
N VAL H 107 -51.20 -21.56 -34.31
CA VAL H 107 -52.63 -21.58 -34.64
C VAL H 107 -52.77 -21.24 -36.15
N ALA H 108 -51.98 -20.26 -36.65
CA ALA H 108 -51.96 -19.82 -38.05
C ALA H 108 -51.45 -20.89 -39.03
N ALA H 109 -50.73 -21.91 -38.54
CA ALA H 109 -50.19 -22.98 -39.38
C ALA H 109 -51.11 -24.22 -39.44
N ALA H 110 -51.82 -24.53 -38.34
CA ALA H 110 -52.72 -25.69 -38.25
C ALA H 110 -53.99 -25.50 -39.11
N LEU H 111 -54.58 -24.29 -39.09
CA LEU H 111 -55.77 -23.96 -39.86
C LEU H 111 -55.36 -23.08 -41.06
N ALA H 112 -54.21 -23.43 -41.69
CA ALA H 112 -53.53 -22.78 -42.82
C ALA H 112 -54.46 -22.30 -43.94
N GLY H 113 -55.63 -22.93 -44.07
CA GLY H 113 -56.65 -22.62 -45.06
C GLY H 113 -57.17 -21.20 -45.02
N ARG H 114 -57.73 -20.78 -43.86
CA ARG H 114 -58.26 -19.42 -43.67
C ARG H 114 -57.11 -18.39 -43.54
N THR H 115 -55.87 -18.87 -43.26
CA THR H 115 -54.66 -18.05 -43.16
C THR H 115 -54.26 -17.52 -44.54
N CYS H 116 -54.25 -18.41 -45.57
CA CYS H 116 -53.91 -18.08 -46.94
C CYS H 116 -55.06 -17.32 -47.62
N GLN H 117 -56.32 -17.63 -47.23
CA GLN H 117 -57.54 -17.02 -47.74
C GLN H 117 -57.79 -15.60 -47.16
N ALA H 118 -56.96 -15.16 -46.20
CA ALA H 118 -57.09 -13.85 -45.57
C ALA H 118 -56.16 -12.78 -46.20
N LEU H 119 -55.18 -13.21 -47.02
CA LEU H 119 -54.23 -12.30 -47.68
C LEU H 119 -54.88 -11.44 -48.79
N VAL H 120 -56.08 -11.84 -49.27
CA VAL H 120 -56.83 -11.12 -50.30
C VAL H 120 -57.44 -9.82 -49.70
N VAL H 121 -57.80 -9.84 -48.41
CA VAL H 121 -58.39 -8.70 -47.69
C VAL H 121 -57.28 -7.70 -47.33
N LEU H 122 -56.16 -8.18 -46.76
CA LEU H 122 -55.04 -7.33 -46.35
C LEU H 122 -53.72 -7.82 -46.95
N SER H 123 -52.95 -6.91 -47.57
CA SER H 123 -51.66 -7.23 -48.21
C SER H 123 -50.54 -6.26 -47.79
N GLU H 124 -50.88 -5.01 -47.43
CA GLU H 124 -49.91 -3.98 -47.03
C GLU H 124 -49.84 -3.87 -45.48
N TRP H 125 -49.62 -5.02 -44.80
CA TRP H 125 -49.55 -5.10 -43.33
C TRP H 125 -48.46 -6.08 -42.86
N LEU H 126 -48.01 -6.99 -43.75
CA LEU H 126 -46.97 -7.99 -43.49
C LEU H 126 -45.55 -7.36 -43.52
N PRO H 127 -44.47 -8.03 -43.02
CA PRO H 127 -43.12 -7.41 -43.02
C PRO H 127 -42.62 -6.94 -44.40
N VAL H 128 -43.07 -7.59 -45.49
CA VAL H 128 -42.73 -7.23 -46.87
C VAL H 128 -44.07 -6.98 -47.61
N THR H 129 -44.31 -5.72 -48.01
CA THR H 129 -45.54 -5.26 -48.69
C THR H 129 -45.66 -5.85 -50.09
N GLY H 130 -46.89 -5.83 -50.63
CA GLY H 130 -47.22 -6.31 -51.96
C GLY H 130 -46.51 -5.59 -53.08
N THR H 131 -46.28 -4.27 -52.91
CA THR H 131 -45.59 -3.40 -53.87
C THR H 131 -44.10 -3.79 -54.00
N THR H 132 -43.46 -4.20 -52.87
CA THR H 132 -42.06 -4.61 -52.79
C THR H 132 -41.81 -5.90 -53.59
N MET H 133 -42.72 -6.90 -53.44
CA MET H 133 -42.62 -8.19 -54.12
C MET H 133 -43.11 -8.13 -55.58
N ASP H 134 -44.20 -7.37 -55.85
CA ASP H 134 -44.75 -7.24 -57.21
C ASP H 134 -43.86 -6.39 -58.13
N GLY H 135 -42.89 -5.67 -57.54
CA GLY H 135 -41.92 -4.86 -58.26
C GLY H 135 -40.91 -5.71 -59.03
N LEU H 136 -40.67 -6.95 -58.55
CA LEU H 136 -39.74 -7.91 -59.15
C LEU H 136 -40.50 -9.14 -59.69
N SER H 137 -41.46 -9.68 -58.90
CA SER H 137 -42.29 -10.83 -59.30
C SER H 137 -43.75 -10.36 -59.55
N PRO H 138 -44.12 -10.07 -60.82
CA PRO H 138 -45.47 -9.54 -61.09
C PRO H 138 -46.60 -10.54 -60.83
N ALA H 139 -47.78 -10.00 -60.41
CA ALA H 139 -49.03 -10.69 -60.10
C ALA H 139 -48.80 -11.91 -59.18
N TYR H 140 -48.37 -11.64 -57.93
CA TYR H 140 -48.10 -12.68 -56.94
C TYR H 140 -49.41 -13.15 -56.27
N PRO H 141 -49.64 -14.48 -56.11
CA PRO H 141 -50.90 -14.94 -55.50
C PRO H 141 -51.00 -14.61 -54.01
N ARG H 142 -52.17 -14.06 -53.61
CA ARG H 142 -52.48 -13.65 -52.24
C ARG H 142 -52.88 -14.88 -51.40
N HIS H 143 -52.00 -15.89 -51.36
CA HIS H 143 -52.16 -17.16 -50.62
C HIS H 143 -50.79 -17.68 -50.15
N MET H 144 -49.79 -17.61 -51.04
CA MET H 144 -48.41 -18.07 -50.85
C MET H 144 -47.60 -17.25 -49.85
N MET H 145 -48.01 -15.99 -49.58
CA MET H 145 -47.31 -15.02 -48.72
C MET H 145 -47.33 -15.36 -47.20
N HIS H 146 -46.96 -16.62 -46.84
CA HIS H 146 -46.90 -17.10 -45.45
C HIS H 146 -46.00 -18.32 -45.31
N PRO H 147 -45.29 -18.48 -44.16
CA PRO H 147 -44.52 -19.73 -43.96
C PRO H 147 -45.44 -20.90 -43.57
N SER H 148 -46.76 -20.61 -43.41
CA SER H 148 -47.84 -21.54 -43.07
C SER H 148 -48.49 -22.18 -44.31
N PHE H 149 -48.29 -21.58 -45.51
CA PHE H 149 -48.82 -22.03 -46.80
C PHE H 149 -48.29 -23.44 -47.16
N ALA H 150 -47.02 -23.73 -46.77
CA ALA H 150 -46.35 -25.01 -46.99
C ALA H 150 -47.07 -26.17 -46.29
N GLY H 151 -47.78 -25.86 -45.20
CA GLY H 151 -48.57 -26.82 -44.43
C GLY H 151 -49.89 -27.22 -45.08
N MET H 152 -50.16 -26.68 -46.29
CA MET H 152 -51.36 -26.95 -47.09
C MET H 152 -51.00 -27.51 -48.48
N VAL H 153 -49.69 -27.51 -48.84
CA VAL H 153 -49.18 -28.01 -50.12
C VAL H 153 -49.30 -29.55 -50.15
N ASP H 154 -50.00 -30.08 -51.16
CA ASP H 154 -50.26 -31.51 -51.37
C ASP H 154 -49.00 -32.21 -51.91
N PRO H 155 -48.36 -33.12 -51.11
CA PRO H 155 -47.14 -33.78 -51.59
C PRO H 155 -47.37 -34.89 -52.62
N SER H 156 -48.64 -35.29 -52.86
CA SER H 156 -49.00 -36.35 -53.81
C SER H 156 -48.70 -35.95 -55.28
N LEU H 157 -48.53 -34.64 -55.55
CA LEU H 157 -48.20 -34.11 -56.89
C LEU H 157 -46.76 -34.53 -57.27
N PRO H 158 -46.49 -34.96 -58.52
CA PRO H 158 -45.13 -35.41 -58.89
C PRO H 158 -44.10 -34.28 -58.99
N GLY H 159 -42.82 -34.68 -59.11
CA GLY H 159 -41.66 -33.79 -59.19
C GLY H 159 -41.60 -32.86 -60.40
N ASP H 160 -42.71 -32.72 -61.14
CA ASP H 160 -42.84 -31.85 -62.30
C ASP H 160 -43.63 -30.59 -61.90
N TYR H 161 -44.73 -30.77 -61.14
CA TYR H 161 -45.59 -29.69 -60.65
C TYR H 161 -45.17 -29.22 -59.27
N LEU H 162 -44.73 -30.15 -58.38
CA LEU H 162 -44.27 -29.88 -57.01
C LEU H 162 -42.93 -29.11 -57.02
N ARG H 163 -42.20 -29.19 -58.15
CA ARG H 163 -40.93 -28.52 -58.40
C ARG H 163 -41.11 -26.99 -58.50
N ALA H 164 -42.29 -26.54 -59.01
CA ALA H 164 -42.63 -25.14 -59.21
C ALA H 164 -43.14 -24.44 -57.94
N ILE H 165 -43.90 -25.16 -57.07
CA ILE H 165 -44.51 -24.66 -55.83
C ILE H 165 -43.43 -24.24 -54.81
N LEU H 166 -42.29 -24.97 -54.76
CA LEU H 166 -41.17 -24.72 -53.85
C LEU H 166 -40.43 -23.40 -54.18
N ASP H 167 -40.44 -22.97 -55.45
CA ASP H 167 -39.78 -21.76 -55.95
C ASP H 167 -40.36 -20.47 -55.33
N ALA H 168 -41.66 -20.16 -55.60
CA ALA H 168 -42.35 -18.96 -55.12
C ALA H 168 -42.47 -18.88 -53.59
N HIS H 169 -42.61 -20.04 -52.91
CA HIS H 169 -42.72 -20.13 -51.46
C HIS H 169 -41.39 -19.74 -50.77
N SER H 170 -40.25 -20.17 -51.35
CA SER H 170 -38.89 -19.86 -50.88
C SER H 170 -38.49 -18.42 -51.25
N LEU H 171 -39.10 -17.88 -52.33
CA LEU H 171 -38.92 -16.51 -52.85
C LEU H 171 -39.45 -15.50 -51.81
N TYR H 172 -40.58 -15.84 -51.16
CA TYR H 172 -41.24 -15.04 -50.11
C TYR H 172 -40.35 -14.96 -48.86
N LEU H 173 -39.86 -16.11 -48.38
CA LEU H 173 -39.01 -16.24 -47.20
C LEU H 173 -37.61 -15.62 -47.38
N LEU H 174 -37.15 -15.47 -48.65
CA LEU H 174 -35.85 -14.88 -49.01
C LEU H 174 -35.73 -13.44 -48.48
N GLN H 175 -36.81 -12.65 -48.61
CA GLN H 175 -36.87 -11.25 -48.16
C GLN H 175 -37.54 -11.13 -46.78
N PHE H 176 -38.34 -12.14 -46.36
CA PHE H 176 -39.04 -12.15 -45.08
C PHE H 176 -38.06 -12.32 -43.92
N SER H 177 -37.16 -13.32 -44.00
CA SER H 177 -36.17 -13.63 -42.96
C SER H 177 -35.14 -12.50 -42.75
N ARG H 178 -34.89 -11.68 -43.78
CA ARG H 178 -33.95 -10.54 -43.73
C ARG H 178 -34.53 -9.37 -42.93
N VAL H 179 -35.86 -9.13 -43.02
CA VAL H 179 -36.54 -8.02 -42.35
C VAL H 179 -36.72 -8.33 -40.84
N ILE H 180 -37.36 -9.47 -40.50
CA ILE H 180 -37.64 -9.84 -39.10
C ILE H 180 -36.36 -10.24 -38.33
N ASN H 181 -35.35 -10.84 -39.00
CA ASN H 181 -34.09 -11.22 -38.36
C ASN H 181 -32.97 -10.29 -38.88
N PRO H 182 -32.42 -9.41 -38.01
CA PRO H 182 -31.41 -8.44 -38.48
C PRO H 182 -30.05 -9.02 -38.87
N ASN H 183 -29.62 -10.11 -38.22
CA ASN H 183 -28.31 -10.74 -38.51
C ASN H 183 -28.29 -11.45 -39.87
N LEU H 184 -29.47 -11.72 -40.47
CA LEU H 184 -29.60 -12.37 -41.78
C LEU H 184 -29.51 -11.37 -42.96
N ARG H 185 -29.40 -10.06 -42.66
CA ARG H 185 -29.32 -8.99 -43.67
C ARG H 185 -28.00 -9.02 -44.45
N GLY H 186 -26.88 -9.19 -43.72
CA GLY H 186 -25.54 -9.23 -44.31
C GLY H 186 -25.16 -10.54 -44.95
N ARG H 187 -25.78 -11.65 -44.50
CA ARG H 187 -25.52 -13.01 -44.99
C ARG H 187 -26.03 -13.22 -46.42
N THR H 188 -25.44 -14.19 -47.15
CA THR H 188 -25.76 -14.53 -48.54
C THR H 188 -27.10 -15.28 -48.66
N LYS H 189 -27.60 -15.43 -49.90
CA LYS H 189 -28.85 -16.12 -50.26
C LYS H 189 -28.86 -17.57 -49.73
N GLU H 190 -27.74 -18.29 -49.91
CA GLU H 190 -27.53 -19.68 -49.48
C GLU H 190 -27.63 -19.82 -47.96
N GLU H 191 -27.10 -18.83 -47.21
CA GLU H 191 -27.12 -18.78 -45.74
C GLU H 191 -28.54 -18.58 -45.21
N VAL H 192 -29.33 -17.71 -45.89
CA VAL H 192 -30.73 -17.43 -45.54
C VAL H 192 -31.58 -18.67 -45.91
N ALA H 193 -31.32 -19.28 -47.10
CA ALA H 193 -32.00 -20.48 -47.61
C ALA H 193 -31.96 -21.65 -46.62
N ALA H 194 -30.81 -21.87 -45.95
CA ALA H 194 -30.57 -22.92 -44.96
C ALA H 194 -31.46 -22.78 -43.72
N THR H 195 -31.91 -21.54 -43.41
CA THR H 195 -32.74 -21.28 -42.22
C THR H 195 -34.20 -21.68 -42.44
N PHE H 196 -34.75 -21.51 -43.66
CA PHE H 196 -36.17 -21.82 -43.90
C PHE H 196 -36.43 -23.12 -44.70
N THR H 197 -35.41 -23.73 -45.35
CA THR H 197 -35.61 -24.98 -46.14
C THR H 197 -36.03 -26.17 -45.28
N GLN H 198 -35.46 -26.30 -44.05
CA GLN H 198 -35.76 -27.41 -43.13
C GLN H 198 -37.25 -27.43 -42.68
N PRO H 199 -37.85 -26.36 -42.09
CA PRO H 199 -39.28 -26.45 -41.71
C PRO H 199 -40.24 -26.40 -42.90
N MET H 200 -39.78 -25.92 -44.08
CA MET H 200 -40.55 -25.80 -45.32
C MET H 200 -40.90 -27.17 -45.91
N ASN H 201 -39.88 -28.03 -46.12
CA ASN H 201 -40.01 -29.38 -46.68
C ASN H 201 -40.82 -30.30 -45.77
N ALA H 202 -40.68 -30.14 -44.43
CA ALA H 202 -41.40 -30.93 -43.42
C ALA H 202 -42.87 -30.53 -43.30
N ALA H 203 -43.23 -29.32 -43.75
CA ALA H 203 -44.60 -28.82 -43.71
C ALA H 203 -45.45 -29.43 -44.83
N VAL H 204 -44.85 -29.68 -46.01
CA VAL H 204 -45.51 -30.26 -47.19
C VAL H 204 -45.78 -31.76 -46.95
N ASN H 205 -44.76 -32.51 -46.50
CA ASN H 205 -44.83 -33.95 -46.23
C ASN H 205 -45.34 -34.23 -44.80
N SER H 206 -46.42 -33.53 -44.38
CA SER H 206 -47.05 -33.66 -43.06
C SER H 206 -48.25 -34.61 -43.12
N ASN H 207 -48.57 -35.28 -42.00
CA ASN H 207 -49.70 -36.22 -41.90
C ASN H 207 -51.05 -35.50 -41.93
N PHE H 208 -51.10 -34.21 -41.51
CA PHE H 208 -52.32 -33.40 -41.49
C PHE H 208 -52.71 -33.00 -42.92
N ILE H 209 -54.03 -33.07 -43.21
CA ILE H 209 -54.71 -32.83 -44.50
C ILE H 209 -54.23 -33.92 -45.48
N SER H 210 -55.03 -34.98 -45.62
CA SER H 210 -54.75 -36.15 -46.47
C SER H 210 -54.65 -35.78 -47.95
N HIS H 211 -53.95 -36.64 -48.76
CA HIS H 211 -53.69 -36.50 -50.20
C HIS H 211 -54.94 -36.18 -51.02
N GLU H 212 -56.10 -36.78 -50.66
CA GLU H 212 -57.38 -36.56 -51.34
C GLU H 212 -58.01 -35.23 -50.92
N LYS H 213 -57.95 -34.91 -49.61
CA LYS H 213 -58.51 -33.69 -49.01
C LYS H 213 -57.67 -32.43 -49.30
N ARG H 214 -56.35 -32.58 -49.50
CA ARG H 214 -55.43 -31.48 -49.80
C ARG H 214 -55.57 -31.01 -51.25
N ARG H 215 -55.75 -31.97 -52.19
CA ARG H 215 -55.91 -31.73 -53.62
C ARG H 215 -57.27 -31.11 -53.95
N GLU H 216 -58.30 -31.37 -53.10
CA GLU H 216 -59.66 -30.85 -53.25
C GLU H 216 -59.68 -29.33 -53.07
N PHE H 217 -58.91 -28.79 -52.10
CA PHE H 217 -58.84 -27.36 -51.84
C PHE H 217 -57.99 -26.64 -52.88
N LEU H 218 -57.01 -27.35 -53.51
CA LEU H 218 -56.13 -26.83 -54.56
C LEU H 218 -56.91 -26.32 -55.77
N LYS H 219 -58.02 -26.99 -56.11
CA LYS H 219 -58.91 -26.64 -57.23
C LYS H 219 -59.68 -25.34 -56.94
N ALA H 220 -60.13 -25.17 -55.67
CA ALA H 220 -60.89 -24.01 -55.19
C ALA H 220 -60.00 -22.80 -54.86
N PHE H 221 -58.74 -23.05 -54.40
CA PHE H 221 -57.76 -22.03 -54.03
C PHE H 221 -57.34 -21.13 -55.20
N GLY H 222 -57.08 -21.74 -56.35
CA GLY H 222 -56.64 -21.05 -57.56
C GLY H 222 -55.14 -21.13 -57.73
N LEU H 223 -54.57 -22.28 -57.34
CA LEU H 223 -53.14 -22.57 -57.43
C LEU H 223 -52.87 -23.53 -58.57
N VAL H 224 -53.64 -24.64 -58.63
CA VAL H 224 -53.62 -25.66 -59.67
C VAL H 224 -55.08 -25.94 -60.11
N ASP H 225 -55.28 -26.49 -61.32
CA ASP H 225 -56.61 -26.79 -61.86
C ASP H 225 -57.22 -28.09 -61.26
N SER H 226 -58.04 -28.83 -62.04
CA SER H 226 -58.72 -30.05 -61.61
C SER H 226 -57.76 -31.20 -61.29
N ASN H 227 -56.59 -31.27 -61.96
CA ASN H 227 -55.61 -32.35 -61.71
C ASN H 227 -54.40 -31.84 -60.93
N GLY H 228 -53.58 -30.95 -61.52
CA GLY H 228 -52.39 -30.42 -60.85
C GLY H 228 -51.48 -29.48 -61.62
N LYS H 229 -51.96 -28.92 -62.75
CA LYS H 229 -51.20 -27.97 -63.58
C LYS H 229 -51.23 -26.56 -62.93
N PRO H 230 -50.06 -25.92 -62.63
CA PRO H 230 -50.07 -24.59 -61.97
C PRO H 230 -50.67 -23.47 -62.81
N SER H 231 -51.12 -22.40 -62.13
CA SER H 231 -51.76 -21.21 -62.73
C SER H 231 -50.77 -20.39 -63.56
N ALA H 232 -51.30 -19.50 -64.44
CA ALA H 232 -50.54 -18.60 -65.32
C ALA H 232 -49.66 -17.65 -64.51
N ALA H 233 -50.19 -17.11 -63.38
CA ALA H 233 -49.47 -16.22 -62.47
C ALA H 233 -48.43 -17.01 -61.66
N VAL H 234 -48.70 -18.32 -61.44
CA VAL H 234 -47.83 -19.23 -60.70
C VAL H 234 -46.66 -19.68 -61.61
N MET H 235 -46.95 -20.01 -62.88
CA MET H 235 -45.97 -20.45 -63.89
C MET H 235 -44.97 -19.34 -64.26
N ALA H 236 -45.43 -18.06 -64.30
CA ALA H 236 -44.61 -16.89 -64.66
C ALA H 236 -43.69 -16.43 -63.52
N ALA H 237 -44.12 -16.62 -62.26
CA ALA H 237 -43.38 -16.22 -61.07
C ALA H 237 -42.43 -17.34 -60.57
N ALA H 238 -42.58 -18.58 -61.11
CA ALA H 238 -41.78 -19.75 -60.74
C ALA H 238 -40.30 -19.61 -61.20
N GLN H 239 -40.08 -19.02 -62.40
CA GLN H 239 -38.75 -18.80 -62.97
C GLN H 239 -38.08 -17.55 -62.38
N ALA H 240 -38.88 -16.67 -61.74
CA ALA H 240 -38.42 -15.43 -61.13
C ALA H 240 -37.62 -15.68 -59.84
N TYR H 241 -37.83 -16.83 -59.17
CA TYR H 241 -37.16 -17.20 -57.92
C TYR H 241 -35.67 -17.54 -58.12
N LYS H 242 -35.37 -18.47 -59.04
CA LYS H 242 -34.03 -18.99 -59.33
C LYS H 242 -33.05 -17.88 -59.74
N THR H 243 -33.51 -16.92 -60.56
CA THR H 243 -32.74 -15.78 -61.05
C THR H 243 -32.45 -14.78 -59.92
N ALA H 244 -33.42 -14.61 -58.99
CA ALA H 244 -33.35 -13.70 -57.85
C ALA H 244 -32.30 -14.10 -56.83
N ALA H 245 -31.71 -13.09 -56.15
CA ALA H 245 -30.70 -13.24 -55.11
C ALA H 245 -31.25 -12.85 -53.74
N ASP I 2 -60.76 18.35 -25.27
CA ASP I 2 -61.57 18.16 -26.47
C ASP I 2 -60.68 18.28 -27.73
N ASN I 3 -60.34 19.53 -28.17
CA ASN I 3 -59.49 19.83 -29.33
C ASN I 3 -58.06 20.11 -28.86
N TYR I 4 -57.19 19.11 -29.02
CA TYR I 4 -55.80 19.20 -28.60
C TYR I 4 -54.98 20.00 -29.59
N GLN I 5 -55.62 20.32 -30.72
CA GLN I 5 -55.05 21.16 -31.77
C GLN I 5 -54.87 22.57 -31.22
N GLU I 6 -55.97 23.15 -30.67
CA GLU I 6 -56.04 24.48 -30.08
C GLU I 6 -55.04 24.66 -28.94
N LEU I 7 -55.01 23.69 -28.00
CA LEU I 7 -54.15 23.66 -26.81
C LEU I 7 -52.66 23.79 -27.15
N ALA I 8 -52.21 23.08 -28.20
CA ALA I 8 -50.81 23.06 -28.65
C ALA I 8 -50.35 24.40 -29.23
N ILE I 9 -51.18 25.02 -30.10
CA ILE I 9 -50.86 26.30 -30.77
C ILE I 9 -50.87 27.45 -29.75
N GLN I 10 -51.88 27.46 -28.83
CA GLN I 10 -52.03 28.48 -27.77
C GLN I 10 -50.83 28.46 -26.81
N PHE I 11 -50.27 27.26 -26.56
CA PHE I 11 -49.10 27.06 -25.71
C PHE I 11 -47.87 27.66 -26.38
N ALA I 12 -47.73 27.43 -27.71
CA ALA I 12 -46.63 27.94 -28.52
C ALA I 12 -46.72 29.45 -28.71
N ALA I 13 -47.96 29.99 -28.79
CA ALA I 13 -48.27 31.41 -28.95
C ALA I 13 -47.73 32.25 -27.79
N GLN I 14 -47.60 31.65 -26.59
CA GLN I 14 -47.09 32.27 -25.38
C GLN I 14 -45.64 32.70 -25.60
N ALA I 15 -45.36 34.00 -25.35
CA ALA I 15 -44.06 34.63 -25.53
C ALA I 15 -42.96 33.91 -24.75
N VAL I 16 -41.85 33.59 -25.43
CA VAL I 16 -40.70 32.92 -24.82
C VAL I 16 -39.86 33.94 -24.05
N ASP I 17 -39.67 33.71 -22.75
CA ASP I 17 -38.91 34.59 -21.88
C ASP I 17 -37.46 34.14 -21.85
N ARG I 18 -36.57 34.96 -22.45
CA ARG I 18 -35.12 34.72 -22.58
C ARG I 18 -34.44 34.50 -21.23
N ASN I 19 -34.91 35.20 -20.17
CA ASN I 19 -34.34 35.12 -18.82
C ASN I 19 -34.87 33.90 -18.05
N GLU I 20 -36.20 33.62 -18.12
CA GLU I 20 -36.85 32.50 -17.41
C GLU I 20 -36.29 31.15 -17.88
N ILE I 21 -36.09 30.99 -19.20
CA ILE I 21 -35.55 29.77 -19.80
C ILE I 21 -34.07 29.62 -19.42
N GLU I 22 -33.32 30.75 -19.38
CA GLU I 22 -31.90 30.76 -18.99
C GLU I 22 -31.74 30.52 -17.49
N GLN I 23 -32.77 30.85 -16.67
CA GLN I 23 -32.75 30.62 -15.23
C GLN I 23 -33.03 29.13 -14.96
N TRP I 24 -33.75 28.47 -15.89
CA TRP I 24 -34.07 27.04 -15.78
C TRP I 24 -32.86 26.19 -16.13
N VAL I 25 -32.16 26.50 -17.25
CA VAL I 25 -30.98 25.75 -17.70
C VAL I 25 -29.87 25.82 -16.64
N ARG I 26 -29.78 26.94 -15.89
CA ARG I 26 -28.83 27.14 -14.80
C ARG I 26 -29.16 26.21 -13.63
N GLU I 27 -30.46 26.03 -13.36
CA GLU I 27 -30.99 25.17 -12.29
C GLU I 27 -30.90 23.70 -12.68
N PHE I 28 -31.15 23.39 -13.96
CA PHE I 28 -31.12 22.02 -14.49
C PHE I 28 -29.72 21.68 -15.09
N ALA I 29 -28.68 22.45 -14.72
CA ALA I 29 -27.31 22.26 -15.18
C ALA I 29 -26.65 21.03 -14.55
N TYR I 30 -25.65 20.46 -15.27
CA TYR I 30 -24.87 19.30 -14.84
C TYR I 30 -23.95 19.69 -13.70
N GLN I 31 -24.08 19.01 -12.54
CA GLN I 31 -23.25 19.30 -11.35
C GLN I 31 -22.44 18.05 -10.91
N GLY I 32 -21.40 17.74 -11.69
CA GLY I 32 -20.47 16.66 -11.42
C GLY I 32 -19.32 17.25 -10.64
N PHE I 33 -19.31 16.98 -9.32
CA PHE I 33 -18.35 17.51 -8.34
C PHE I 33 -18.67 18.98 -8.02
N ASP I 34 -19.07 19.23 -6.77
CA ASP I 34 -19.38 20.54 -6.22
C ASP I 34 -18.55 20.72 -4.96
N ALA I 35 -17.43 21.45 -5.07
CA ALA I 35 -16.46 21.72 -4.01
C ALA I 35 -17.12 22.16 -2.68
N ARG I 36 -18.17 23.03 -2.75
CA ARG I 36 -18.91 23.54 -1.59
C ARG I 36 -19.68 22.41 -0.91
N ARG I 37 -20.25 21.49 -1.71
CA ARG I 37 -21.00 20.33 -1.23
C ARG I 37 -20.06 19.29 -0.58
N VAL I 38 -18.83 19.13 -1.13
CA VAL I 38 -17.82 18.19 -0.64
C VAL I 38 -17.44 18.54 0.81
N ILE I 39 -17.10 19.83 1.07
CA ILE I 39 -16.73 20.35 2.39
C ILE I 39 -17.95 20.26 3.34
N GLU I 40 -19.17 20.52 2.81
CA GLU I 40 -20.44 20.42 3.53
C GLU I 40 -20.67 18.97 3.99
N LEU I 41 -20.36 18.00 3.10
CA LEU I 41 -20.48 16.56 3.36
C LEU I 41 -19.38 16.09 4.32
N LEU I 42 -18.15 16.62 4.18
CA LEU I 42 -17.01 16.26 5.04
C LEU I 42 -17.32 16.60 6.49
N LYS I 43 -17.93 17.78 6.75
CA LYS I 43 -18.32 18.22 8.10
C LYS I 43 -19.53 17.43 8.61
N GLN I 44 -20.43 17.01 7.69
CA GLN I 44 -21.63 16.25 7.98
C GLN I 44 -21.31 14.87 8.58
N TYR I 45 -20.22 14.23 8.10
CA TYR I 45 -19.81 12.90 8.56
C TYR I 45 -18.65 12.95 9.57
N GLY I 46 -17.71 13.88 9.39
CA GLY I 46 -16.54 14.03 10.24
C GLY I 46 -16.73 14.90 11.46
N GLY I 47 -17.26 16.10 11.25
CA GLY I 47 -17.50 17.08 12.31
C GLY I 47 -16.25 17.80 12.73
N ALA I 48 -15.49 17.18 13.66
CA ALA I 48 -14.24 17.72 14.19
C ALA I 48 -13.03 17.00 13.60
N ASP I 49 -13.19 15.70 13.32
CA ASP I 49 -12.15 14.82 12.76
C ASP I 49 -12.00 15.00 11.22
N TRP I 50 -12.91 15.78 10.58
CA TRP I 50 -12.93 15.99 9.13
C TRP I 50 -11.60 16.53 8.57
N GLU I 51 -10.89 17.39 9.34
CA GLU I 51 -9.64 17.99 8.89
C GLU I 51 -8.49 16.97 8.88
N LYS I 52 -8.34 16.17 9.96
CA LYS I 52 -7.29 15.15 10.05
C LYS I 52 -7.54 14.01 9.04
N ASP I 53 -8.81 13.59 8.89
CA ASP I 53 -9.22 12.51 7.98
C ASP I 53 -9.06 12.92 6.51
N ALA I 54 -9.30 14.21 6.18
CA ALA I 54 -9.15 14.72 4.81
C ALA I 54 -7.69 14.65 4.34
N LYS I 55 -6.75 14.92 5.26
CA LYS I 55 -5.30 14.86 5.04
C LYS I 55 -4.88 13.44 4.66
N LYS I 56 -5.49 12.43 5.32
CA LYS I 56 -5.26 11.01 5.07
C LYS I 56 -5.80 10.61 3.70
N MET I 57 -6.98 11.16 3.34
CA MET I 57 -7.68 10.90 2.08
C MET I 57 -6.96 11.54 0.89
N ILE I 58 -6.28 12.70 1.08
CA ILE I 58 -5.50 13.38 0.03
C ILE I 58 -4.33 12.46 -0.36
N VAL I 59 -3.54 12.00 0.64
CA VAL I 59 -2.41 11.08 0.50
C VAL I 59 -2.88 9.80 -0.21
N LEU I 60 -4.01 9.25 0.25
CA LEU I 60 -4.65 8.04 -0.23
C LEU I 60 -5.04 8.12 -1.71
N ALA I 61 -5.60 9.26 -2.15
CA ALA I 61 -6.02 9.49 -3.54
C ALA I 61 -4.85 9.70 -4.48
N LEU I 62 -3.83 10.43 -4.02
CA LEU I 62 -2.64 10.79 -4.77
C LEU I 62 -1.72 9.62 -5.05
N THR I 63 -1.55 8.72 -4.06
CA THR I 63 -0.65 7.57 -4.14
C THR I 63 -1.32 6.30 -4.68
N ARG I 64 -2.56 5.98 -4.22
CA ARG I 64 -3.25 4.76 -4.64
C ARG I 64 -4.24 5.03 -5.78
N GLY I 65 -5.36 5.67 -5.48
CA GLY I 65 -6.35 5.98 -6.50
C GLY I 65 -7.71 6.46 -6.02
N ASN I 66 -8.75 6.23 -6.84
CA ASN I 66 -10.12 6.64 -6.54
C ASN I 66 -10.98 5.48 -6.04
N LYS I 67 -10.61 4.22 -6.40
CA LYS I 67 -11.32 3.00 -5.99
C LYS I 67 -10.90 2.62 -4.56
N PRO I 68 -11.76 2.85 -3.52
CA PRO I 68 -11.33 2.60 -2.13
C PRO I 68 -11.42 1.14 -1.67
N ARG I 69 -12.39 0.38 -2.19
CA ARG I 69 -12.55 -1.02 -1.80
C ARG I 69 -11.55 -1.91 -2.53
N ARG I 70 -11.00 -1.44 -3.67
CA ARG I 70 -10.01 -2.18 -4.45
C ARG I 70 -8.63 -2.07 -3.78
N MET I 71 -8.22 -0.83 -3.37
CA MET I 71 -6.93 -0.56 -2.72
C MET I 71 -6.87 -1.19 -1.32
N MET I 72 -8.04 -1.37 -0.70
CA MET I 72 -8.24 -1.95 0.64
C MET I 72 -7.68 -3.38 0.73
N MET I 73 -7.84 -4.17 -0.35
CA MET I 73 -7.40 -5.57 -0.45
C MET I 73 -5.88 -5.71 -0.32
N LYS I 74 -5.12 -4.94 -1.12
CA LYS I 74 -3.65 -4.99 -1.14
C LYS I 74 -3.09 -3.84 -0.30
N MET I 75 -3.27 -3.93 1.02
CA MET I 75 -2.83 -2.93 2.00
C MET I 75 -2.51 -3.58 3.35
N SER I 76 -1.69 -2.91 4.19
CA SER I 76 -1.28 -3.38 5.51
C SER I 76 -2.46 -3.48 6.49
N LYS I 77 -2.31 -4.29 7.57
CA LYS I 77 -3.32 -4.55 8.61
C LYS I 77 -3.86 -3.24 9.23
N GLU I 78 -2.96 -2.26 9.48
CA GLU I 78 -3.29 -0.95 10.04
C GLU I 78 -3.99 -0.09 8.98
N GLY I 79 -3.46 -0.12 7.76
CA GLY I 79 -3.97 0.65 6.62
C GLY I 79 -5.35 0.26 6.17
N LYS I 80 -5.59 -1.06 6.02
CA LYS I 80 -6.87 -1.66 5.61
C LYS I 80 -8.01 -1.25 6.56
N ALA I 81 -7.73 -1.21 7.88
CA ALA I 81 -8.68 -0.83 8.92
C ALA I 81 -9.02 0.65 8.86
N THR I 82 -8.01 1.52 8.63
CA THR I 82 -8.15 2.99 8.53
C THR I 82 -9.00 3.37 7.32
N VAL I 83 -8.75 2.72 6.16
CA VAL I 83 -9.44 2.94 4.89
C VAL I 83 -10.89 2.48 5.02
N GLU I 84 -11.12 1.24 5.51
CA GLU I 84 -12.45 0.65 5.72
C GLU I 84 -13.32 1.55 6.59
N ALA I 85 -12.71 2.21 7.60
CA ALA I 85 -13.38 3.13 8.52
C ALA I 85 -13.86 4.38 7.78
N LEU I 86 -13.01 4.94 6.88
CA LEU I 86 -13.30 6.14 6.09
C LEU I 86 -14.45 5.90 5.10
N ILE I 87 -14.51 4.70 4.47
CA ILE I 87 -15.56 4.31 3.52
C ILE I 87 -16.90 4.23 4.27
N ASN I 88 -16.88 3.75 5.52
CA ASN I 88 -18.08 3.62 6.34
C ASN I 88 -18.49 4.96 6.98
N LYS I 89 -17.52 5.80 7.41
CA LYS I 89 -17.78 7.08 8.03
C LYS I 89 -18.27 8.13 7.02
N TYR I 90 -17.47 8.40 5.97
CA TYR I 90 -17.76 9.43 4.96
C TYR I 90 -18.58 8.91 3.77
N LYS I 91 -19.04 7.64 3.82
CA LYS I 91 -19.84 6.99 2.77
C LYS I 91 -19.18 7.22 1.40
N LEU I 92 -17.88 6.90 1.34
CA LEU I 92 -17.07 7.09 0.14
C LEU I 92 -17.39 6.04 -0.91
N LYS I 93 -17.40 6.49 -2.17
CA LYS I 93 -17.68 5.66 -3.35
C LYS I 93 -16.52 5.79 -4.36
N GLU I 94 -16.69 5.17 -5.55
CA GLU I 94 -15.69 5.21 -6.62
C GLU I 94 -16.34 5.66 -7.91
N GLY I 95 -15.52 6.21 -8.81
CA GLY I 95 -15.96 6.71 -10.10
C GLY I 95 -16.57 8.09 -10.02
N ASN I 96 -17.63 8.32 -10.82
CA ASN I 96 -18.33 9.61 -10.86
C ASN I 96 -19.80 9.40 -10.45
N PRO I 97 -20.11 9.37 -9.13
CA PRO I 97 -21.50 9.16 -8.69
C PRO I 97 -22.28 10.48 -8.60
N SER I 98 -23.41 10.48 -7.86
CA SER I 98 -24.28 11.63 -7.65
C SER I 98 -23.56 12.76 -6.89
N ARG I 99 -24.07 14.00 -7.04
CA ARG I 99 -23.58 15.24 -6.42
C ARG I 99 -23.51 15.12 -4.88
N ASP I 100 -24.45 14.35 -4.28
CA ASP I 100 -24.55 14.13 -2.83
C ASP I 100 -23.55 13.05 -2.32
N GLU I 101 -22.78 12.42 -3.23
CA GLU I 101 -21.82 11.38 -2.85
C GLU I 101 -20.37 11.90 -2.82
N LEU I 102 -19.53 11.24 -1.97
CA LEU I 102 -18.11 11.55 -1.78
C LEU I 102 -17.20 10.50 -2.40
N THR I 103 -16.13 10.96 -3.08
CA THR I 103 -15.10 10.11 -3.68
C THR I 103 -13.73 10.67 -3.32
N LEU I 104 -12.69 9.81 -3.32
CA LEU I 104 -11.32 10.23 -3.00
C LEU I 104 -10.82 11.31 -3.96
N SER I 105 -11.22 11.23 -5.24
CA SER I 105 -10.86 12.21 -6.26
C SER I 105 -11.50 13.57 -5.96
N ARG I 106 -12.74 13.57 -5.44
CA ARG I 106 -13.50 14.77 -5.10
C ARG I 106 -12.96 15.46 -3.84
N VAL I 107 -12.53 14.70 -2.80
CA VAL I 107 -12.02 15.29 -1.55
C VAL I 107 -10.68 15.96 -1.84
N ALA I 108 -9.89 15.39 -2.75
CA ALA I 108 -8.61 15.95 -3.14
C ALA I 108 -8.79 17.17 -4.06
N ALA I 109 -9.83 17.15 -4.92
CA ALA I 109 -10.11 18.23 -5.87
C ALA I 109 -10.72 19.45 -5.19
N ALA I 110 -11.58 19.25 -4.16
CA ALA I 110 -12.23 20.35 -3.41
C ALA I 110 -11.23 21.07 -2.51
N LEU I 111 -10.35 20.31 -1.84
CA LEU I 111 -9.30 20.84 -0.97
C LEU I 111 -7.99 20.86 -1.76
N ALA I 112 -8.03 21.44 -2.99
CA ALA I 112 -6.91 21.54 -3.95
C ALA I 112 -5.69 22.28 -3.42
N GLY I 113 -5.92 23.19 -2.46
CA GLY I 113 -4.87 23.98 -1.84
C GLY I 113 -3.78 23.16 -1.19
N ARG I 114 -4.16 22.24 -0.27
CA ARG I 114 -3.21 21.35 0.42
C ARG I 114 -2.80 20.19 -0.50
N THR I 115 -3.68 19.80 -1.44
CA THR I 115 -3.44 18.71 -2.39
C THR I 115 -2.21 19.01 -3.25
N CYS I 116 -2.06 20.25 -3.73
CA CYS I 116 -0.92 20.69 -4.55
C CYS I 116 0.36 20.75 -3.70
N GLN I 117 0.23 21.14 -2.42
CA GLN I 117 1.32 21.22 -1.46
C GLN I 117 1.86 19.81 -1.13
N ALA I 118 0.94 18.82 -1.05
CA ALA I 118 1.24 17.42 -0.75
C ALA I 118 2.04 16.76 -1.87
N LEU I 119 1.91 17.27 -3.10
CA LEU I 119 2.58 16.75 -4.30
C LEU I 119 4.09 16.89 -4.21
N VAL I 120 4.58 17.93 -3.51
CA VAL I 120 6.01 18.20 -3.30
C VAL I 120 6.63 17.06 -2.46
N VAL I 121 5.86 16.54 -1.50
CA VAL I 121 6.25 15.45 -0.61
C VAL I 121 6.08 14.11 -1.33
N LEU I 122 4.88 13.83 -1.88
CA LEU I 122 4.51 12.58 -2.56
C LEU I 122 4.85 12.62 -4.06
N SER I 123 6.06 13.10 -4.41
CA SER I 123 6.53 13.25 -5.79
C SER I 123 6.78 11.91 -6.48
N GLU I 124 7.49 10.98 -5.82
CA GLU I 124 7.84 9.69 -6.39
C GLU I 124 6.80 8.60 -6.09
N TRP I 125 5.71 8.94 -5.38
CA TRP I 125 4.66 7.98 -5.06
C TRP I 125 3.45 8.15 -5.98
N LEU I 126 3.51 9.13 -6.90
CA LEU I 126 2.48 9.43 -7.91
C LEU I 126 2.52 8.40 -9.06
N PRO I 127 1.45 8.26 -9.89
CA PRO I 127 1.53 7.31 -11.03
C PRO I 127 2.65 7.70 -12.00
N VAL I 128 2.85 9.02 -12.17
CA VAL I 128 3.92 9.62 -12.96
C VAL I 128 4.81 10.33 -11.95
N THR I 129 6.02 9.77 -11.70
CA THR I 129 6.96 10.28 -10.71
C THR I 129 7.58 11.63 -11.13
N GLY I 130 8.16 12.34 -10.17
CA GLY I 130 8.81 13.63 -10.37
C GLY I 130 10.01 13.54 -11.29
N THR I 131 10.75 12.42 -11.20
CA THR I 131 11.94 12.13 -12.01
C THR I 131 11.51 11.91 -13.47
N THR I 132 10.38 11.23 -13.69
CA THR I 132 9.80 10.94 -15.01
C THR I 132 9.48 12.27 -15.73
N MET I 133 8.85 13.21 -15.00
CA MET I 133 8.48 14.53 -15.51
C MET I 133 9.70 15.44 -15.71
N ASP I 134 10.77 15.23 -14.91
CA ASP I 134 12.01 16.01 -15.01
C ASP I 134 12.79 15.64 -16.28
N GLY I 135 12.55 14.43 -16.80
CA GLY I 135 13.17 13.91 -18.02
C GLY I 135 12.48 14.40 -19.28
N LEU I 136 11.26 14.96 -19.13
CA LEU I 136 10.45 15.50 -20.22
C LEU I 136 10.60 17.02 -20.30
N SER I 137 10.51 17.69 -19.14
CA SER I 137 10.65 19.14 -18.99
C SER I 137 11.70 19.45 -17.92
N PRO I 138 12.56 20.48 -18.11
CA PRO I 138 13.58 20.80 -17.09
C PRO I 138 12.95 21.25 -15.78
N ALA I 139 13.08 20.39 -14.73
CA ALA I 139 12.54 20.55 -13.38
C ALA I 139 11.06 20.99 -13.40
N TYR I 140 10.18 20.03 -13.74
CA TYR I 140 8.74 20.23 -13.85
C TYR I 140 8.13 20.66 -12.49
N PRO I 141 7.19 21.65 -12.49
CA PRO I 141 6.59 22.08 -11.21
C PRO I 141 5.81 20.96 -10.55
N ARG I 142 6.18 20.65 -9.31
CA ARG I 142 5.57 19.57 -8.53
C ARG I 142 4.09 19.85 -8.21
N HIS I 143 3.71 21.14 -8.04
CA HIS I 143 2.34 21.60 -7.74
C HIS I 143 1.37 21.37 -8.91
N MET I 144 1.90 21.21 -10.15
CA MET I 144 1.14 20.96 -11.37
C MET I 144 0.92 19.46 -11.66
N MET I 145 1.47 18.58 -10.80
CA MET I 145 1.44 17.13 -11.00
C MET I 145 0.19 16.42 -10.42
N HIS I 146 -1.02 16.92 -10.74
CA HIS I 146 -2.31 16.33 -10.36
C HIS I 146 -3.46 17.10 -11.01
N PRO I 147 -4.51 16.40 -11.52
CA PRO I 147 -5.64 17.11 -12.16
C PRO I 147 -6.32 18.16 -11.28
N SER I 148 -6.21 18.08 -9.95
CA SER I 148 -6.80 19.02 -9.00
C SER I 148 -6.19 20.43 -9.07
N PHE I 149 -5.00 20.56 -9.70
CA PHE I 149 -4.30 21.83 -9.89
C PHE I 149 -5.12 22.80 -10.74
N ALA I 150 -5.92 22.26 -11.69
CA ALA I 150 -6.78 23.03 -12.59
C ALA I 150 -7.73 23.97 -11.83
N GLY I 151 -8.07 23.59 -10.59
CA GLY I 151 -8.92 24.38 -9.69
C GLY I 151 -8.20 25.51 -8.98
N MET I 152 -6.86 25.56 -9.12
CA MET I 152 -5.99 26.59 -8.55
C MET I 152 -5.60 27.63 -9.61
N VAL I 153 -5.89 27.32 -10.90
CA VAL I 153 -5.59 28.20 -12.04
C VAL I 153 -6.56 29.37 -12.06
N ASP I 154 -6.02 30.59 -12.02
CA ASP I 154 -6.76 31.84 -12.04
C ASP I 154 -7.08 32.21 -13.51
N PRO I 155 -8.36 32.19 -13.94
CA PRO I 155 -8.68 32.51 -15.34
C PRO I 155 -8.53 34.00 -15.69
N SER I 156 -8.57 34.90 -14.67
CA SER I 156 -8.42 36.35 -14.85
C SER I 156 -6.98 36.74 -15.25
N LEU I 157 -6.11 35.72 -15.47
CA LEU I 157 -4.71 35.86 -15.89
C LEU I 157 -4.63 36.34 -17.36
N PRO I 158 -3.59 37.12 -17.75
CA PRO I 158 -3.49 37.57 -19.16
C PRO I 158 -3.33 36.41 -20.14
N GLY I 159 -3.92 36.56 -21.33
CA GLY I 159 -3.95 35.59 -22.43
C GLY I 159 -2.80 34.60 -22.52
N ASP I 160 -1.63 35.07 -22.98
CA ASP I 160 -0.41 34.27 -23.15
C ASP I 160 0.05 33.61 -21.84
N TYR I 161 -0.04 34.33 -20.70
CA TYR I 161 0.35 33.85 -19.36
C TYR I 161 -0.53 32.68 -18.91
N LEU I 162 -1.87 32.81 -19.10
CA LEU I 162 -2.86 31.79 -18.74
C LEU I 162 -2.69 30.53 -19.61
N ARG I 163 -2.47 30.71 -20.93
CA ARG I 163 -2.28 29.63 -21.91
C ARG I 163 -1.03 28.82 -21.58
N ALA I 164 0.07 29.50 -21.16
CA ALA I 164 1.35 28.89 -20.78
C ALA I 164 1.20 27.94 -19.59
N ILE I 165 0.43 28.35 -18.55
CA ILE I 165 0.14 27.58 -17.34
C ILE I 165 -0.65 26.33 -17.73
N LEU I 166 -1.72 26.50 -18.51
CA LEU I 166 -2.60 25.43 -18.98
C LEU I 166 -1.85 24.44 -19.86
N ASP I 167 -0.91 24.90 -20.72
CA ASP I 167 -0.10 24.03 -21.59
C ASP I 167 0.96 23.30 -20.77
N ALA I 168 1.47 23.93 -19.70
CA ALA I 168 2.45 23.32 -18.81
C ALA I 168 1.79 22.20 -17.99
N HIS I 169 0.58 22.46 -17.45
CA HIS I 169 -0.20 21.50 -16.66
C HIS I 169 -0.67 20.35 -17.55
N SER I 170 -1.01 20.64 -18.82
CA SER I 170 -1.49 19.67 -19.81
C SER I 170 -0.44 18.58 -20.08
N LEU I 171 0.87 18.91 -19.94
CA LEU I 171 1.99 17.98 -20.12
C LEU I 171 1.87 16.82 -19.13
N TYR I 172 1.54 17.12 -17.85
CA TYR I 172 1.33 16.09 -16.83
C TYR I 172 0.08 15.30 -17.16
N LEU I 173 -1.05 16.00 -17.44
CA LEU I 173 -2.34 15.41 -17.79
C LEU I 173 -2.22 14.41 -18.96
N LEU I 174 -1.31 14.69 -19.91
CA LEU I 174 -0.99 13.83 -21.05
C LEU I 174 -0.31 12.56 -20.56
N GLN I 175 0.69 12.71 -19.68
CA GLN I 175 1.45 11.60 -19.11
C GLN I 175 0.63 10.82 -18.08
N PHE I 176 -0.23 11.51 -17.32
CA PHE I 176 -1.10 10.94 -16.28
C PHE I 176 -2.16 10.03 -16.89
N SER I 177 -2.94 10.54 -17.86
CA SER I 177 -4.02 9.82 -18.56
C SER I 177 -3.50 8.54 -19.23
N ARG I 178 -2.31 8.60 -19.85
CA ARG I 178 -1.66 7.46 -20.53
C ARG I 178 -1.32 6.34 -19.55
N VAL I 179 -0.95 6.68 -18.31
CA VAL I 179 -0.58 5.72 -17.29
C VAL I 179 -1.83 5.06 -16.69
N ILE I 180 -2.77 5.85 -16.15
CA ILE I 180 -3.98 5.35 -15.50
C ILE I 180 -4.96 4.68 -16.50
N ASN I 181 -5.00 5.14 -17.76
CA ASN I 181 -5.88 4.55 -18.78
C ASN I 181 -5.01 3.88 -19.85
N PRO I 182 -5.05 2.52 -19.94
CA PRO I 182 -4.17 1.81 -20.88
C PRO I 182 -4.48 2.01 -22.36
N ASN I 183 -5.76 2.21 -22.74
CA ASN I 183 -6.15 2.39 -24.15
C ASN I 183 -5.70 3.76 -24.72
N LEU I 184 -5.32 4.71 -23.85
CA LEU I 184 -4.86 6.04 -24.25
C LEU I 184 -3.34 6.06 -24.55
N ARG I 185 -2.63 4.92 -24.36
CA ARG I 185 -1.18 4.80 -24.59
C ARG I 185 -0.82 4.89 -26.08
N GLY I 186 -1.58 4.19 -26.92
CA GLY I 186 -1.37 4.15 -28.36
C GLY I 186 -1.89 5.36 -29.12
N ARG I 187 -2.91 6.04 -28.56
CA ARG I 187 -3.56 7.22 -29.16
C ARG I 187 -2.63 8.44 -29.16
N THR I 188 -2.87 9.39 -30.09
CA THR I 188 -2.10 10.62 -30.28
C THR I 188 -2.37 11.66 -29.17
N LYS I 189 -1.52 12.71 -29.11
CA LYS I 189 -1.60 13.82 -28.16
C LYS I 189 -2.99 14.49 -28.19
N GLU I 190 -3.51 14.75 -29.40
CA GLU I 190 -4.81 15.40 -29.65
C GLU I 190 -5.96 14.56 -29.10
N GLU I 191 -5.86 13.22 -29.21
CA GLU I 191 -6.87 12.26 -28.73
C GLU I 191 -6.91 12.24 -27.21
N VAL I 192 -5.73 12.30 -26.55
CA VAL I 192 -5.59 12.32 -25.10
C VAL I 192 -6.07 13.69 -24.59
N ALA I 193 -5.70 14.78 -25.29
CA ALA I 193 -6.06 16.16 -24.96
C ALA I 193 -7.58 16.33 -24.82
N ALA I 194 -8.36 15.75 -25.75
CA ALA I 194 -9.82 15.81 -25.79
C ALA I 194 -10.47 15.21 -24.53
N THR I 195 -9.80 14.24 -23.88
CA THR I 195 -10.32 13.57 -22.68
C THR I 195 -10.19 14.43 -21.42
N PHE I 196 -9.09 15.20 -21.29
CA PHE I 196 -8.86 15.98 -20.09
C PHE I 196 -9.15 17.49 -20.20
N THR I 197 -9.25 18.06 -21.42
CA THR I 197 -9.49 19.50 -21.60
C THR I 197 -10.85 19.96 -21.04
N GLN I 198 -11.92 19.14 -21.17
CA GLN I 198 -13.26 19.46 -20.66
C GLN I 198 -13.28 19.62 -19.12
N PRO I 199 -12.82 18.63 -18.28
CA PRO I 199 -12.84 18.82 -16.82
C PRO I 199 -11.89 19.89 -16.30
N MET I 200 -10.71 20.03 -16.94
CA MET I 200 -9.64 20.96 -16.61
C MET I 200 -10.14 22.40 -16.72
N ASN I 201 -10.68 22.79 -17.88
CA ASN I 201 -11.21 24.14 -18.11
C ASN I 201 -12.41 24.43 -17.21
N ALA I 202 -13.21 23.40 -16.87
CA ALA I 202 -14.36 23.50 -15.97
C ALA I 202 -13.92 23.90 -14.55
N ALA I 203 -12.74 23.41 -14.13
CA ALA I 203 -12.13 23.72 -12.84
C ALA I 203 -11.55 25.13 -12.83
N VAL I 204 -10.99 25.57 -13.97
CA VAL I 204 -10.39 26.89 -14.15
C VAL I 204 -11.48 27.96 -14.06
N ASN I 205 -12.60 27.75 -14.77
CA ASN I 205 -13.72 28.69 -14.83
C ASN I 205 -14.79 28.44 -13.74
N SER I 206 -14.45 27.65 -12.68
CA SER I 206 -15.37 27.37 -11.57
C SER I 206 -15.48 28.57 -10.62
N ASN I 207 -16.64 28.72 -9.98
CA ASN I 207 -16.95 29.79 -9.05
C ASN I 207 -16.18 29.69 -7.73
N PHE I 208 -15.80 28.45 -7.32
CA PHE I 208 -15.08 28.18 -6.07
C PHE I 208 -13.65 28.73 -6.12
N ILE I 209 -13.24 29.41 -5.03
CA ILE I 209 -11.97 30.13 -4.78
C ILE I 209 -11.98 31.39 -5.63
N SER I 210 -11.90 32.56 -4.97
CA SER I 210 -11.89 33.86 -5.64
C SER I 210 -10.64 34.03 -6.51
N HIS I 211 -10.78 34.80 -7.60
CA HIS I 211 -9.72 35.09 -8.57
C HIS I 211 -8.51 35.75 -7.91
N GLU I 212 -8.75 36.52 -6.84
CA GLU I 212 -7.71 37.21 -6.05
C GLU I 212 -6.88 36.18 -5.26
N LYS I 213 -7.56 35.27 -4.53
CA LYS I 213 -6.94 34.23 -3.70
C LYS I 213 -6.29 33.13 -4.54
N ARG I 214 -6.87 32.78 -5.70
CA ARG I 214 -6.31 31.75 -6.59
C ARG I 214 -4.96 32.21 -7.16
N ARG I 215 -4.84 33.51 -7.54
CA ARG I 215 -3.60 34.12 -8.05
C ARG I 215 -2.54 34.10 -6.94
N GLU I 216 -2.97 34.36 -5.69
CA GLU I 216 -2.12 34.35 -4.49
C GLU I 216 -1.56 32.95 -4.24
N PHE I 217 -2.37 31.89 -4.50
CA PHE I 217 -1.98 30.49 -4.36
C PHE I 217 -0.89 30.12 -5.37
N LEU I 218 -1.04 30.57 -6.64
CA LEU I 218 -0.08 30.35 -7.71
C LEU I 218 1.23 31.08 -7.43
N LYS I 219 1.13 32.26 -6.77
CA LYS I 219 2.27 33.08 -6.34
C LYS I 219 3.01 32.39 -5.21
N ALA I 220 2.25 31.83 -4.23
CA ALA I 220 2.78 31.10 -3.08
C ALA I 220 3.35 29.74 -3.49
N PHE I 221 3.01 29.28 -4.70
CA PHE I 221 3.54 28.03 -5.23
C PHE I 221 4.75 28.34 -6.11
N GLY I 222 5.06 29.63 -6.24
CA GLY I 222 6.17 30.14 -7.04
C GLY I 222 6.03 29.86 -8.52
N LEU I 223 4.78 29.78 -9.01
CA LEU I 223 4.46 29.50 -10.41
C LEU I 223 4.47 30.79 -11.22
N VAL I 224 3.84 31.86 -10.70
CA VAL I 224 3.79 33.18 -11.35
C VAL I 224 4.34 34.26 -10.40
N ASP I 225 4.76 35.42 -10.95
CA ASP I 225 5.28 36.55 -10.17
C ASP I 225 4.12 37.49 -9.79
N SER I 226 4.44 38.65 -9.15
CA SER I 226 3.49 39.67 -8.70
C SER I 226 2.51 40.11 -9.80
N ASN I 227 3.01 40.28 -11.04
CA ASN I 227 2.21 40.68 -12.19
C ASN I 227 1.34 39.51 -12.68
N GLY I 228 1.98 38.40 -13.04
CA GLY I 228 1.32 37.19 -13.54
C GLY I 228 2.13 36.39 -14.53
N LYS I 229 3.39 36.80 -14.76
CA LYS I 229 4.32 36.13 -15.67
C LYS I 229 4.80 34.80 -15.04
N PRO I 230 4.60 33.65 -15.72
CA PRO I 230 5.03 32.36 -15.14
C PRO I 230 6.55 32.20 -15.10
N SER I 231 7.03 31.28 -14.24
CA SER I 231 8.46 30.98 -14.06
C SER I 231 9.01 30.22 -15.28
N ALA I 232 10.35 30.30 -15.48
CA ALA I 232 11.07 29.69 -16.60
C ALA I 232 10.74 28.21 -16.80
N ALA I 233 10.68 27.41 -15.70
CA ALA I 233 10.35 25.99 -15.74
C ALA I 233 8.95 25.74 -16.30
N VAL I 234 7.98 26.61 -15.94
CA VAL I 234 6.59 26.56 -16.40
C VAL I 234 6.56 26.83 -17.91
N MET I 235 7.33 27.82 -18.36
CA MET I 235 7.45 28.18 -19.76
C MET I 235 8.08 27.03 -20.56
N ALA I 236 9.10 26.36 -19.98
CA ALA I 236 9.82 25.23 -20.57
C ALA I 236 8.89 24.03 -20.77
N ALA I 237 7.94 23.84 -19.84
CA ALA I 237 6.96 22.77 -19.89
C ALA I 237 5.91 23.04 -20.97
N ALA I 238 5.60 24.33 -21.21
CA ALA I 238 4.63 24.76 -22.23
C ALA I 238 5.17 24.46 -23.62
N GLN I 239 6.49 24.68 -23.81
CA GLN I 239 7.21 24.42 -25.06
C GLN I 239 7.38 22.91 -25.24
N ALA I 240 7.62 22.18 -24.12
CA ALA I 240 7.80 20.73 -24.10
C ALA I 240 6.51 20.00 -24.50
N TYR I 241 5.33 20.53 -24.11
CA TYR I 241 4.01 19.97 -24.40
C TYR I 241 3.71 20.07 -25.91
N LYS I 242 4.17 21.15 -26.56
CA LYS I 242 3.96 21.37 -28.00
C LYS I 242 4.87 20.46 -28.84
N THR I 243 6.12 20.24 -28.38
CA THR I 243 7.11 19.41 -29.07
C THR I 243 6.82 17.91 -28.92
N ALA I 244 6.52 17.44 -27.68
CA ALA I 244 6.23 16.04 -27.40
C ALA I 244 4.85 15.63 -27.93
N ALA I 245 4.67 14.32 -28.21
CA ALA I 245 3.42 13.74 -28.70
C ALA I 245 2.89 12.65 -27.76
N ASP J 2 -62.76 -35.70 -33.02
CA ASP J 2 -62.65 -36.96 -33.75
C ASP J 2 -61.68 -36.80 -34.95
N ASN J 3 -62.19 -36.39 -36.13
CA ASN J 3 -61.45 -36.15 -37.38
C ASN J 3 -61.12 -34.68 -37.49
N TYR J 4 -59.88 -34.31 -37.19
CA TYR J 4 -59.43 -32.94 -37.22
C TYR J 4 -59.18 -32.50 -38.66
N GLN J 5 -59.24 -33.46 -39.60
CA GLN J 5 -59.12 -33.23 -41.04
C GLN J 5 -60.33 -32.42 -41.50
N GLU J 6 -61.54 -32.94 -41.20
CA GLU J 6 -62.85 -32.35 -41.52
C GLU J 6 -62.99 -30.93 -40.94
N LEU J 7 -62.68 -30.75 -39.64
CA LEU J 7 -62.76 -29.50 -38.89
C LEU J 7 -61.96 -28.37 -39.54
N ALA J 8 -60.74 -28.67 -40.02
CA ALA J 8 -59.84 -27.70 -40.65
C ALA J 8 -60.35 -27.19 -42.00
N ILE J 9 -60.85 -28.09 -42.87
CA ILE J 9 -61.36 -27.76 -44.20
C ILE J 9 -62.67 -26.97 -44.09
N GLN J 10 -63.59 -27.40 -43.19
CA GLN J 10 -64.88 -26.75 -42.94
C GLN J 10 -64.70 -25.31 -42.43
N PHE J 11 -63.65 -25.09 -41.62
CA PHE J 11 -63.28 -23.78 -41.07
C PHE J 11 -62.81 -22.86 -42.21
N ALA J 12 -61.99 -23.41 -43.13
CA ALA J 12 -61.46 -22.70 -44.30
C ALA J 12 -62.55 -22.43 -45.35
N ALA J 13 -63.54 -23.34 -45.45
CA ALA J 13 -64.68 -23.27 -46.36
C ALA J 13 -65.55 -22.04 -46.10
N GLN J 14 -65.55 -21.55 -44.84
CA GLN J 14 -66.28 -20.36 -44.39
C GLN J 14 -65.77 -19.14 -45.14
N ALA J 15 -66.69 -18.43 -45.80
CA ALA J 15 -66.42 -17.23 -46.61
C ALA J 15 -65.81 -16.13 -45.75
N VAL J 16 -64.69 -15.55 -46.24
CA VAL J 16 -63.96 -14.49 -45.56
C VAL J 16 -64.69 -13.15 -45.74
N ASP J 17 -65.02 -12.48 -44.62
CA ASP J 17 -65.71 -11.19 -44.63
C ASP J 17 -64.68 -10.06 -44.68
N ARG J 18 -64.64 -9.35 -45.83
CA ARG J 18 -63.71 -8.26 -46.13
C ARG J 18 -63.80 -7.11 -45.11
N ASN J 19 -65.01 -6.83 -44.59
CA ASN J 19 -65.25 -5.76 -43.63
C ASN J 19 -64.92 -6.17 -42.18
N GLU J 20 -65.30 -7.40 -41.77
CA GLU J 20 -65.07 -7.94 -40.42
C GLU J 20 -63.57 -8.04 -40.12
N ILE J 21 -62.77 -8.53 -41.09
CA ILE J 21 -61.32 -8.70 -40.98
C ILE J 21 -60.67 -7.30 -40.95
N GLU J 22 -61.18 -6.34 -41.76
CA GLU J 22 -60.68 -4.96 -41.79
C GLU J 22 -61.05 -4.20 -40.52
N GLN J 23 -62.15 -4.60 -39.83
CA GLN J 23 -62.55 -3.99 -38.56
C GLN J 23 -61.67 -4.51 -37.42
N TRP J 24 -61.12 -5.73 -37.59
CA TRP J 24 -60.21 -6.36 -36.61
C TRP J 24 -58.82 -5.74 -36.69
N VAL J 25 -58.27 -5.57 -37.91
CA VAL J 25 -56.93 -4.99 -38.12
C VAL J 25 -56.89 -3.54 -37.58
N ARG J 26 -58.02 -2.82 -37.66
CA ARG J 26 -58.18 -1.46 -37.13
C ARG J 26 -58.09 -1.47 -35.60
N GLU J 27 -58.69 -2.51 -34.97
CA GLU J 27 -58.72 -2.70 -33.53
C GLU J 27 -57.35 -3.21 -33.02
N PHE J 28 -56.72 -4.11 -33.79
CA PHE J 28 -55.43 -4.71 -33.45
C PHE J 28 -54.25 -3.92 -34.06
N ALA J 29 -54.49 -2.65 -34.46
CA ALA J 29 -53.49 -1.76 -35.07
C ALA J 29 -52.45 -1.30 -34.07
N TYR J 30 -51.22 -1.04 -34.57
CA TYR J 30 -50.06 -0.57 -33.82
C TYR J 30 -50.32 0.87 -33.36
N GLN J 31 -50.33 1.08 -32.03
CA GLN J 31 -50.54 2.38 -31.40
C GLN J 31 -49.22 2.94 -30.85
N GLY J 32 -48.51 3.68 -31.71
CA GLY J 32 -47.22 4.27 -31.39
C GLY J 32 -47.30 5.56 -30.62
N PHE J 33 -46.87 6.66 -31.26
CA PHE J 33 -46.85 7.99 -30.66
C PHE J 33 -48.08 8.82 -31.05
N ASP J 34 -49.01 9.00 -30.09
CA ASP J 34 -50.22 9.79 -30.28
C ASP J 34 -50.12 11.04 -29.41
N ALA J 35 -49.69 12.15 -30.04
CA ALA J 35 -49.48 13.47 -29.43
C ALA J 35 -50.71 13.96 -28.64
N ARG J 36 -51.91 13.61 -29.14
CA ARG J 36 -53.20 13.90 -28.52
C ARG J 36 -53.29 13.29 -27.12
N ARG J 37 -52.73 12.07 -26.93
CA ARG J 37 -52.70 11.36 -25.65
C ARG J 37 -51.75 12.05 -24.65
N VAL J 38 -50.61 12.59 -25.15
CA VAL J 38 -49.59 13.27 -24.35
C VAL J 38 -50.21 14.51 -23.65
N ILE J 39 -50.91 15.37 -24.42
CA ILE J 39 -51.58 16.58 -23.94
C ILE J 39 -52.73 16.19 -23.00
N GLU J 40 -53.44 15.08 -23.31
CA GLU J 40 -54.53 14.51 -22.51
C GLU J 40 -53.97 14.07 -21.13
N LEU J 41 -52.77 13.46 -21.13
CA LEU J 41 -52.07 13.00 -19.93
C LEU J 41 -51.50 14.19 -19.14
N LEU J 42 -50.97 15.22 -19.85
CA LEU J 42 -50.41 16.43 -19.22
C LEU J 42 -51.47 17.16 -18.39
N LYS J 43 -52.71 17.26 -18.92
CA LYS J 43 -53.84 17.89 -18.22
C LYS J 43 -54.33 16.99 -17.08
N GLN J 44 -54.24 15.66 -17.26
CA GLN J 44 -54.66 14.64 -16.29
C GLN J 44 -53.86 14.73 -14.98
N TYR J 45 -52.55 15.05 -15.07
CA TYR J 45 -51.67 15.13 -13.91
C TYR J 45 -51.43 16.58 -13.46
N GLY J 46 -51.33 17.50 -14.41
CA GLY J 46 -51.07 18.92 -14.15
C GLY J 46 -52.29 19.77 -13.87
N GLY J 47 -53.27 19.69 -14.76
CA GLY J 47 -54.51 20.45 -14.66
C GLY J 47 -54.36 21.89 -15.12
N ALA J 48 -53.91 22.75 -14.20
CA ALA J 48 -53.68 24.18 -14.44
C ALA J 48 -52.19 24.48 -14.56
N ASP J 49 -51.35 23.74 -13.82
CA ASP J 49 -49.89 23.88 -13.78
C ASP J 49 -49.22 23.20 -14.97
N TRP J 50 -49.98 22.43 -15.80
CA TRP J 50 -49.47 21.68 -16.96
C TRP J 50 -48.70 22.56 -17.97
N GLU J 51 -49.13 23.83 -18.17
CA GLU J 51 -48.49 24.73 -19.13
C GLU J 51 -47.13 25.24 -18.61
N LYS J 52 -47.03 25.65 -17.32
CA LYS J 52 -45.78 26.12 -16.73
C LYS J 52 -44.76 24.98 -16.59
N ASP J 53 -45.23 23.79 -16.18
CA ASP J 53 -44.41 22.60 -15.99
C ASP J 53 -43.90 22.04 -17.32
N ALA J 54 -44.70 22.14 -18.41
CA ALA J 54 -44.32 21.67 -19.74
C ALA J 54 -43.14 22.47 -20.28
N LYS J 55 -43.12 23.79 -20.01
CA LYS J 55 -42.06 24.73 -20.40
C LYS J 55 -40.74 24.31 -19.76
N LYS J 56 -40.78 23.86 -18.48
CA LYS J 56 -39.64 23.37 -17.71
C LYS J 56 -39.13 22.06 -18.30
N MET J 57 -40.07 21.18 -18.70
CA MET J 57 -39.78 19.86 -19.26
C MET J 57 -39.19 19.95 -20.67
N ILE J 58 -39.57 20.99 -21.46
CA ILE J 58 -39.04 21.21 -22.82
C ILE J 58 -37.55 21.53 -22.68
N VAL J 59 -37.20 22.52 -21.82
CA VAL J 59 -35.85 22.96 -21.51
C VAL J 59 -35.02 21.75 -21.03
N LEU J 60 -35.61 20.96 -20.12
CA LEU J 60 -35.05 19.77 -19.49
C LEU J 60 -34.68 18.68 -20.51
N ALA J 61 -35.56 18.43 -21.50
CA ALA J 61 -35.35 17.42 -22.53
C ALA J 61 -34.33 17.84 -23.56
N LEU J 62 -34.34 19.13 -23.93
CA LEU J 62 -33.47 19.73 -24.94
C LEU J 62 -32.02 19.84 -24.49
N THR J 63 -31.79 20.19 -23.20
CA THR J 63 -30.46 20.40 -22.64
C THR J 63 -29.84 19.15 -22.02
N ARG J 64 -30.63 18.36 -21.27
CA ARG J 64 -30.10 17.16 -20.61
C ARG J 64 -30.41 15.88 -21.41
N GLY J 65 -31.66 15.44 -21.41
CA GLY J 65 -32.05 14.24 -22.14
C GLY J 65 -33.42 13.69 -21.84
N ASN J 66 -33.58 12.38 -22.05
CA ASN J 66 -34.84 11.67 -21.84
C ASN J 66 -34.86 10.89 -20.53
N LYS J 67 -33.68 10.53 -19.98
CA LYS J 67 -33.53 9.79 -18.72
C LYS J 67 -33.67 10.77 -17.53
N PRO J 68 -34.82 10.79 -16.80
CA PRO J 68 -35.01 11.80 -15.75
C PRO J 68 -34.37 11.48 -14.42
N ARG J 69 -34.27 10.19 -14.05
CA ARG J 69 -33.68 9.81 -12.77
C ARG J 69 -32.14 9.82 -12.85
N ARG J 70 -31.58 9.75 -14.08
CA ARG J 70 -30.14 9.79 -14.29
C ARG J 70 -29.63 11.24 -14.19
N MET J 71 -30.32 12.20 -14.84
CA MET J 71 -29.97 13.62 -14.84
C MET J 71 -30.16 14.26 -13.45
N MET J 72 -31.07 13.68 -12.65
CA MET J 72 -31.44 14.09 -11.31
C MET J 72 -30.23 14.06 -10.36
N MET J 73 -29.34 13.06 -10.52
CA MET J 73 -28.14 12.84 -9.70
C MET J 73 -27.14 14.00 -9.81
N LYS J 74 -26.77 14.38 -11.05
CA LYS J 74 -25.81 15.45 -11.33
C LYS J 74 -26.55 16.75 -11.67
N MET J 75 -27.21 17.34 -10.66
CA MET J 75 -27.99 18.57 -10.78
C MET J 75 -27.99 19.35 -9.46
N SER J 76 -28.28 20.67 -9.52
CA SER J 76 -28.33 21.58 -8.37
C SER J 76 -29.46 21.21 -7.38
N LYS J 77 -29.34 21.67 -6.11
CA LYS J 77 -30.29 21.44 -5.02
C LYS J 77 -31.72 21.83 -5.39
N GLU J 78 -31.88 22.97 -6.08
CA GLU J 78 -33.17 23.49 -6.54
C GLU J 78 -33.68 22.66 -7.73
N GLY J 79 -32.78 22.35 -8.67
CA GLY J 79 -33.05 21.57 -9.87
C GLY J 79 -33.49 20.14 -9.61
N LYS J 80 -32.75 19.43 -8.76
CA LYS J 80 -33.00 18.03 -8.37
C LYS J 80 -34.40 17.88 -7.76
N ALA J 81 -34.84 18.85 -6.94
CA ALA J 81 -36.15 18.87 -6.28
C ALA J 81 -37.27 19.09 -7.29
N THR J 82 -37.07 20.00 -8.26
CA THR J 82 -38.05 20.35 -9.30
C THR J 82 -38.27 19.16 -10.24
N VAL J 83 -37.18 18.48 -10.64
CA VAL J 83 -37.20 17.31 -11.54
C VAL J 83 -37.89 16.14 -10.83
N GLU J 84 -37.48 15.82 -9.58
CA GLU J 84 -38.05 14.75 -8.75
C GLU J 84 -39.56 14.90 -8.61
N ALA J 85 -40.04 16.16 -8.49
CA ALA J 85 -41.46 16.51 -8.37
C ALA J 85 -42.22 16.16 -9.65
N LEU J 86 -41.62 16.47 -10.84
CA LEU J 86 -42.20 16.22 -12.16
C LEU J 86 -42.33 14.72 -12.45
N ILE J 87 -41.33 13.90 -12.03
CA ILE J 87 -41.32 12.44 -12.21
C ILE J 87 -42.47 11.83 -11.37
N ASN J 88 -42.72 12.40 -10.18
CA ASN J 88 -43.77 11.92 -9.29
C ASN J 88 -45.15 12.42 -9.71
N LYS J 89 -45.26 13.68 -10.19
CA LYS J 89 -46.52 14.29 -10.61
C LYS J 89 -47.03 13.72 -11.93
N TYR J 90 -46.21 13.82 -13.01
CA TYR J 90 -46.59 13.40 -14.36
C TYR J 90 -46.25 11.93 -14.67
N LYS J 91 -45.76 11.17 -13.65
CA LYS J 91 -45.38 9.75 -13.76
C LYS J 91 -44.48 9.55 -15.00
N LEU J 92 -43.41 10.36 -15.04
CA LEU J 92 -42.43 10.41 -16.13
C LEU J 92 -41.50 9.22 -16.11
N LYS J 93 -41.29 8.61 -17.29
CA LYS J 93 -40.43 7.45 -17.47
C LYS J 93 -39.31 7.78 -18.48
N GLU J 94 -38.48 6.78 -18.83
CA GLU J 94 -37.39 6.93 -19.80
C GLU J 94 -37.51 5.87 -20.89
N GLY J 95 -36.93 6.17 -22.05
CA GLY J 95 -36.95 5.27 -23.20
C GLY J 95 -38.26 5.33 -23.97
N ASN J 96 -38.70 4.17 -24.47
CA ASN J 96 -39.92 4.06 -25.25
C ASN J 96 -40.92 3.12 -24.53
N PRO J 97 -41.70 3.64 -23.56
CA PRO J 97 -42.66 2.78 -22.85
C PRO J 97 -44.02 2.72 -23.55
N SER J 98 -45.08 2.30 -22.82
CA SER J 98 -46.45 2.18 -23.31
C SER J 98 -47.05 3.54 -23.71
N ARG J 99 -48.07 3.52 -24.59
CA ARG J 99 -48.80 4.67 -25.12
C ARG J 99 -49.38 5.55 -23.99
N ASP J 100 -49.78 4.92 -22.86
CA ASP J 100 -50.35 5.60 -21.69
C ASP J 100 -49.28 6.25 -20.78
N GLU J 101 -47.99 6.08 -21.10
CA GLU J 101 -46.89 6.65 -20.30
C GLU J 101 -46.30 7.93 -20.91
N LEU J 102 -45.73 8.79 -20.05
CA LEU J 102 -45.12 10.06 -20.42
C LEU J 102 -43.59 10.02 -20.29
N THR J 103 -42.89 10.61 -21.28
CA THR J 103 -41.43 10.76 -21.30
C THR J 103 -41.10 12.19 -21.70
N LEU J 104 -39.90 12.68 -21.33
CA LEU J 104 -39.44 14.02 -21.65
C LEU J 104 -39.37 14.25 -23.17
N SER J 105 -38.99 13.20 -23.92
CA SER J 105 -38.91 13.25 -25.38
C SER J 105 -40.30 13.42 -25.99
N ARG J 106 -41.32 12.76 -25.40
CA ARG J 106 -42.71 12.79 -25.86
C ARG J 106 -43.36 14.12 -25.57
N VAL J 107 -43.10 14.71 -24.40
CA VAL J 107 -43.66 16.00 -24.00
C VAL J 107 -43.17 17.07 -24.99
N ALA J 108 -41.85 17.05 -25.33
CA ALA J 108 -41.22 17.99 -26.25
C ALA J 108 -41.67 17.78 -27.70
N ALA J 109 -41.92 16.53 -28.09
CA ALA J 109 -42.35 16.18 -29.45
C ALA J 109 -43.83 16.52 -29.70
N ALA J 110 -44.70 16.36 -28.68
CA ALA J 110 -46.13 16.68 -28.80
C ALA J 110 -46.36 18.19 -28.85
N LEU J 111 -45.62 18.95 -28.02
CA LEU J 111 -45.70 20.42 -27.97
C LEU J 111 -44.53 21.01 -28.77
N ALA J 112 -44.36 20.52 -30.02
CA ALA J 112 -43.30 20.87 -30.96
C ALA J 112 -43.25 22.37 -31.30
N GLY J 113 -44.39 23.06 -31.20
CA GLY J 113 -44.51 24.48 -31.47
C GLY J 113 -43.59 25.36 -30.64
N ARG J 114 -43.66 25.22 -29.31
CA ARG J 114 -42.81 25.98 -28.38
C ARG J 114 -41.40 25.38 -28.32
N THR J 115 -41.29 24.05 -28.57
CA THR J 115 -40.02 23.32 -28.55
C THR J 115 -39.04 23.89 -29.58
N CYS J 116 -39.52 24.21 -30.79
CA CYS J 116 -38.71 24.79 -31.87
C CYS J 116 -38.33 26.23 -31.55
N GLN J 117 -39.23 26.98 -30.87
CA GLN J 117 -39.00 28.36 -30.45
C GLN J 117 -37.93 28.41 -29.35
N ALA J 118 -37.93 27.41 -28.45
CA ALA J 118 -36.99 27.28 -27.34
C ALA J 118 -35.57 27.02 -27.81
N LEU J 119 -35.41 26.43 -29.01
CA LEU J 119 -34.12 26.11 -29.63
C LEU J 119 -33.29 27.35 -29.94
N VAL J 120 -33.95 28.48 -30.24
CA VAL J 120 -33.32 29.77 -30.53
C VAL J 120 -32.59 30.26 -29.28
N VAL J 121 -33.19 30.03 -28.10
CA VAL J 121 -32.66 30.42 -26.81
C VAL J 121 -31.58 29.42 -26.36
N LEU J 122 -31.91 28.11 -26.34
CA LEU J 122 -31.05 27.01 -25.90
C LEU J 122 -30.17 26.46 -27.04
N SER J 123 -29.56 27.35 -27.84
CA SER J 123 -28.74 27.00 -29.00
C SER J 123 -27.43 26.30 -28.60
N GLU J 124 -26.69 26.86 -27.62
CA GLU J 124 -25.39 26.33 -27.20
C GLU J 124 -25.50 25.31 -26.06
N TRP J 125 -26.73 25.03 -25.59
CA TRP J 125 -26.93 24.05 -24.51
C TRP J 125 -27.41 22.69 -25.06
N LEU J 126 -27.58 22.60 -26.39
CA LEU J 126 -27.97 21.39 -27.11
C LEU J 126 -26.78 20.40 -27.21
N PRO J 127 -26.99 19.08 -27.51
CA PRO J 127 -25.84 18.15 -27.66
C PRO J 127 -24.95 18.59 -28.83
N VAL J 128 -25.56 19.13 -29.89
CA VAL J 128 -24.92 19.71 -31.06
C VAL J 128 -25.25 21.20 -30.99
N THR J 129 -24.24 22.04 -30.66
CA THR J 129 -24.40 23.49 -30.48
C THR J 129 -24.67 24.21 -31.82
N GLY J 130 -25.16 25.44 -31.73
CA GLY J 130 -25.46 26.29 -32.89
C GLY J 130 -24.22 26.65 -33.68
N THR J 131 -23.09 26.83 -32.98
CA THR J 131 -21.78 27.16 -33.57
C THR J 131 -21.26 25.95 -34.36
N THR J 132 -21.46 24.73 -33.83
CA THR J 132 -21.05 23.46 -34.45
C THR J 132 -21.76 23.30 -35.80
N MET J 133 -23.09 23.58 -35.83
CA MET J 133 -23.91 23.49 -37.04
C MET J 133 -23.61 24.62 -38.02
N ASP J 134 -23.16 25.79 -37.52
CA ASP J 134 -22.79 26.95 -38.34
C ASP J 134 -21.49 26.68 -39.13
N GLY J 135 -20.67 25.78 -38.61
CA GLY J 135 -19.42 25.37 -39.24
C GLY J 135 -19.60 24.33 -40.33
N LEU J 136 -20.78 23.70 -40.37
CA LEU J 136 -21.16 22.67 -41.35
C LEU J 136 -22.00 23.29 -42.47
N SER J 137 -22.99 24.13 -42.10
CA SER J 137 -23.87 24.85 -43.03
C SER J 137 -23.87 26.34 -42.70
N PRO J 138 -23.88 27.25 -43.70
CA PRO J 138 -23.86 28.69 -43.40
C PRO J 138 -25.14 29.11 -42.65
N ALA J 139 -24.97 29.48 -41.36
CA ALA J 139 -26.01 29.91 -40.42
C ALA J 139 -27.22 28.96 -40.46
N TYR J 140 -27.04 27.76 -39.87
CA TYR J 140 -28.04 26.69 -39.83
C TYR J 140 -29.30 27.15 -39.07
N PRO J 141 -30.52 26.82 -39.57
CA PRO J 141 -31.74 27.23 -38.87
C PRO J 141 -31.85 26.61 -37.49
N ARG J 142 -31.98 27.47 -36.47
CA ARG J 142 -32.06 27.06 -35.07
C ARG J 142 -33.32 26.23 -34.77
N HIS J 143 -34.43 26.52 -35.46
CA HIS J 143 -35.72 25.82 -35.31
C HIS J 143 -35.67 24.36 -35.78
N MET J 144 -34.70 24.03 -36.66
CA MET J 144 -34.49 22.68 -37.22
C MET J 144 -33.56 21.81 -36.35
N MET J 145 -33.06 22.36 -35.22
CA MET J 145 -32.09 21.69 -34.37
C MET J 145 -32.70 20.82 -33.26
N HIS J 146 -33.64 19.94 -33.61
CA HIS J 146 -34.27 18.95 -32.71
C HIS J 146 -35.19 17.99 -33.49
N PRO J 147 -35.19 16.67 -33.19
CA PRO J 147 -36.06 15.74 -33.93
C PRO J 147 -37.57 16.08 -33.93
N SER J 148 -38.04 16.87 -32.95
CA SER J 148 -39.43 17.29 -32.82
C SER J 148 -39.88 18.23 -33.94
N PHE J 149 -38.93 18.84 -34.69
CA PHE J 149 -39.19 19.74 -35.81
C PHE J 149 -39.94 19.03 -36.94
N ALA J 150 -39.70 17.71 -37.10
CA ALA J 150 -40.35 16.86 -38.12
C ALA J 150 -41.89 16.93 -38.03
N GLY J 151 -42.41 17.22 -36.85
CA GLY J 151 -43.84 17.38 -36.59
C GLY J 151 -44.38 18.75 -37.00
N MET J 152 -43.48 19.68 -37.37
CA MET J 152 -43.82 21.03 -37.81
C MET J 152 -43.76 21.12 -39.35
N VAL J 153 -43.18 20.09 -40.01
CA VAL J 153 -43.02 20.02 -41.46
C VAL J 153 -44.39 19.74 -42.10
N ASP J 154 -44.81 20.64 -43.01
CA ASP J 154 -46.05 20.57 -43.76
C ASP J 154 -45.85 19.67 -45.00
N PRO J 155 -46.47 18.47 -45.06
CA PRO J 155 -46.25 17.60 -46.22
C PRO J 155 -46.92 18.09 -47.52
N SER J 156 -47.95 18.97 -47.40
CA SER J 156 -48.68 19.54 -48.55
C SER J 156 -47.80 20.53 -49.35
N LEU J 157 -46.52 20.67 -48.96
CA LEU J 157 -45.51 21.52 -49.59
C LEU J 157 -45.10 20.96 -50.97
N PRO J 158 -44.74 21.81 -51.97
CA PRO J 158 -44.34 21.29 -53.29
C PRO J 158 -43.07 20.43 -53.22
N GLY J 159 -43.03 19.41 -54.07
CA GLY J 159 -41.96 18.42 -54.20
C GLY J 159 -40.56 18.84 -53.78
N ASP J 160 -39.89 19.63 -54.62
CA ASP J 160 -38.53 20.14 -54.38
C ASP J 160 -38.40 20.94 -53.09
N TYR J 161 -39.42 21.78 -52.76
CA TYR J 161 -39.45 22.61 -51.55
C TYR J 161 -39.50 21.76 -50.28
N LEU J 162 -40.35 20.72 -50.27
CA LEU J 162 -40.54 19.78 -49.14
C LEU J 162 -39.27 18.96 -48.93
N ARG J 163 -38.67 18.46 -50.03
CA ARG J 163 -37.43 17.66 -50.02
C ARG J 163 -36.26 18.45 -49.45
N ALA J 164 -36.16 19.75 -49.79
CA ALA J 164 -35.11 20.67 -49.32
C ALA J 164 -35.14 20.84 -47.80
N ILE J 165 -36.35 21.00 -47.23
CA ILE J 165 -36.59 21.16 -45.78
C ILE J 165 -36.14 19.88 -45.06
N LEU J 166 -36.61 18.72 -45.55
CA LEU J 166 -36.31 17.40 -45.00
C LEU J 166 -34.82 17.07 -45.06
N ASP J 167 -34.14 17.46 -46.16
CA ASP J 167 -32.70 17.24 -46.34
C ASP J 167 -31.89 18.18 -45.43
N ALA J 168 -32.42 19.40 -45.19
CA ALA J 168 -31.80 20.39 -44.31
C ALA J 168 -31.89 19.95 -42.85
N HIS J 169 -33.07 19.44 -42.43
CA HIS J 169 -33.32 18.95 -41.07
C HIS J 169 -32.51 17.68 -40.81
N SER J 170 -32.35 16.82 -41.84
CA SER J 170 -31.62 15.56 -41.75
C SER J 170 -30.15 15.80 -41.36
N LEU J 171 -29.57 16.96 -41.78
CA LEU J 171 -28.20 17.34 -41.47
C LEU J 171 -27.99 17.38 -39.96
N TYR J 172 -28.95 17.96 -39.20
CA TYR J 172 -28.88 18.00 -37.74
C TYR J 172 -29.05 16.60 -37.19
N LEU J 173 -30.10 15.89 -37.65
CA LEU J 173 -30.40 14.52 -37.22
C LEU J 173 -29.15 13.63 -37.35
N LEU J 174 -28.37 13.80 -38.45
CA LEU J 174 -27.12 13.08 -38.70
C LEU J 174 -26.10 13.41 -37.62
N GLN J 175 -25.94 14.69 -37.29
CA GLN J 175 -25.01 15.17 -36.26
C GLN J 175 -25.50 14.84 -34.85
N PHE J 176 -26.83 14.87 -34.63
CA PHE J 176 -27.48 14.60 -33.35
C PHE J 176 -27.32 13.14 -32.95
N SER J 177 -27.72 12.20 -33.84
CA SER J 177 -27.65 10.75 -33.63
C SER J 177 -26.23 10.29 -33.33
N ARG J 178 -25.22 10.86 -34.02
CA ARG J 178 -23.81 10.52 -33.84
C ARG J 178 -23.30 10.91 -32.45
N VAL J 179 -23.83 12.01 -31.89
CA VAL J 179 -23.43 12.51 -30.57
C VAL J 179 -24.09 11.67 -29.46
N ILE J 180 -25.44 11.56 -29.45
CA ILE J 180 -26.18 10.83 -28.42
C ILE J 180 -25.96 9.31 -28.48
N ASN J 181 -25.71 8.74 -29.68
CA ASN J 181 -25.47 7.30 -29.82
C ASN J 181 -24.01 7.10 -30.27
N PRO J 182 -23.15 6.50 -29.40
CA PRO J 182 -21.71 6.37 -29.74
C PRO J 182 -21.39 5.38 -30.87
N ASN J 183 -22.18 4.30 -31.02
CA ASN J 183 -21.93 3.29 -32.06
C ASN J 183 -22.24 3.81 -33.47
N LEU J 184 -22.99 4.93 -33.60
CA LEU J 184 -23.34 5.54 -34.88
C LEU J 184 -22.25 6.52 -35.40
N ARG J 185 -21.16 6.73 -34.62
CA ARG J 185 -20.05 7.62 -34.97
C ARG J 185 -19.22 7.07 -36.13
N GLY J 186 -18.90 5.78 -36.10
CA GLY J 186 -18.10 5.11 -37.13
C GLY J 186 -18.85 4.75 -38.38
N ARG J 187 -20.18 4.54 -38.27
CA ARG J 187 -21.07 4.16 -39.37
C ARG J 187 -21.25 5.30 -40.40
N THR J 188 -21.60 4.94 -41.64
CA THR J 188 -21.78 5.86 -42.77
C THR J 188 -23.09 6.67 -42.66
N LYS J 189 -23.24 7.71 -43.50
CA LYS J 189 -24.40 8.61 -43.59
C LYS J 189 -25.69 7.82 -43.80
N GLU J 190 -25.67 6.85 -44.74
CA GLU J 190 -26.80 5.98 -45.11
C GLU J 190 -27.27 5.14 -43.91
N GLU J 191 -26.30 4.64 -43.09
CA GLU J 191 -26.56 3.83 -41.91
C GLU J 191 -27.25 4.65 -40.81
N VAL J 192 -26.81 5.91 -40.62
CA VAL J 192 -27.37 6.85 -39.64
C VAL J 192 -28.76 7.29 -40.14
N ALA J 193 -28.88 7.58 -41.46
CA ALA J 193 -30.12 8.00 -42.11
C ALA J 193 -31.27 7.03 -41.83
N ALA J 194 -31.01 5.71 -41.94
CA ALA J 194 -31.98 4.63 -41.73
C ALA J 194 -32.58 4.63 -40.32
N THR J 195 -31.83 5.13 -39.32
CA THR J 195 -32.29 5.18 -37.93
C THR J 195 -33.29 6.30 -37.66
N PHE J 196 -33.12 7.47 -38.32
CA PHE J 196 -33.99 8.62 -38.06
C PHE J 196 -35.06 8.89 -39.13
N THR J 197 -34.93 8.36 -40.37
CA THR J 197 -35.89 8.61 -41.45
C THR J 197 -37.32 8.10 -41.13
N GLN J 198 -37.44 6.93 -40.46
CA GLN J 198 -38.73 6.33 -40.10
C GLN J 198 -39.56 7.23 -39.14
N PRO J 199 -39.07 7.67 -37.94
CA PRO J 199 -39.91 8.52 -37.07
C PRO J 199 -40.09 9.95 -37.58
N MET J 200 -39.14 10.41 -38.42
CA MET J 200 -39.13 11.75 -39.03
C MET J 200 -40.31 11.89 -39.98
N ASN J 201 -40.41 10.99 -40.98
CA ASN J 201 -41.48 10.96 -41.98
C ASN J 201 -42.84 10.69 -41.34
N ALA J 202 -42.87 9.89 -40.25
CA ALA J 202 -44.08 9.57 -39.48
C ALA J 202 -44.67 10.82 -38.84
N ALA J 203 -43.80 11.75 -38.42
CA ALA J 203 -44.17 13.03 -37.81
C ALA J 203 -44.65 14.01 -38.88
N VAL J 204 -44.05 13.96 -40.08
CA VAL J 204 -44.41 14.81 -41.23
C VAL J 204 -45.83 14.46 -41.71
N ASN J 205 -46.11 13.15 -41.88
CA ASN J 205 -47.38 12.64 -42.38
C ASN J 205 -48.41 12.37 -41.25
N SER J 206 -48.17 12.89 -40.02
CA SER J 206 -49.09 12.71 -38.90
C SER J 206 -50.32 13.62 -39.01
N ASN J 207 -51.45 13.17 -38.45
CA ASN J 207 -52.73 13.87 -38.46
C ASN J 207 -52.73 15.11 -37.55
N PHE J 208 -51.88 15.13 -36.50
CA PHE J 208 -51.78 16.24 -35.55
C PHE J 208 -51.18 17.47 -36.21
N ILE J 209 -51.81 18.65 -35.95
CA ILE J 209 -51.53 20.00 -36.50
C ILE J 209 -51.93 20.02 -37.98
N SER J 210 -52.89 20.88 -38.32
CA SER J 210 -53.41 21.04 -39.68
C SER J 210 -52.33 21.54 -40.63
N HIS J 211 -52.42 21.15 -41.91
CA HIS J 211 -51.50 21.52 -42.99
C HIS J 211 -51.43 23.04 -43.18
N GLU J 212 -52.54 23.74 -42.89
CA GLU J 212 -52.65 25.20 -42.98
C GLU J 212 -51.83 25.86 -41.87
N LYS J 213 -52.01 25.39 -40.61
CA LYS J 213 -51.32 25.91 -39.42
C LYS J 213 -49.84 25.50 -39.41
N ARG J 214 -49.49 24.30 -39.94
CA ARG J 214 -48.11 23.78 -40.03
C ARG J 214 -47.25 24.66 -40.94
N ARG J 215 -47.83 25.12 -42.07
CA ARG J 215 -47.18 25.99 -43.04
C ARG J 215 -46.97 27.37 -42.43
N GLU J 216 -47.97 27.85 -41.62
CA GLU J 216 -47.94 29.12 -40.90
C GLU J 216 -46.81 29.14 -39.87
N PHE J 217 -46.56 27.99 -39.21
CA PHE J 217 -45.49 27.80 -38.21
C PHE J 217 -44.12 27.92 -38.87
N LEU J 218 -43.95 27.28 -40.05
CA LEU J 218 -42.71 27.33 -40.84
C LEU J 218 -42.45 28.74 -41.35
N LYS J 219 -43.53 29.49 -41.67
CA LYS J 219 -43.49 30.88 -42.11
C LYS J 219 -43.07 31.79 -40.96
N ALA J 220 -43.63 31.53 -39.75
CA ALA J 220 -43.38 32.26 -38.51
C ALA J 220 -41.91 32.13 -38.07
N PHE J 221 -41.31 30.94 -38.30
CA PHE J 221 -39.91 30.68 -37.96
C PHE J 221 -38.99 31.25 -39.06
N GLY J 222 -39.58 31.70 -40.16
CA GLY J 222 -38.86 32.27 -41.29
C GLY J 222 -38.10 31.24 -42.12
N LEU J 223 -38.64 30.01 -42.18
CA LEU J 223 -38.05 28.90 -42.93
C LEU J 223 -38.48 28.96 -44.39
N VAL J 224 -39.78 29.19 -44.65
CA VAL J 224 -40.35 29.30 -46.01
C VAL J 224 -41.09 30.65 -46.16
N ASP J 225 -41.28 31.11 -47.41
CA ASP J 225 -41.98 32.36 -47.72
C ASP J 225 -43.50 32.08 -47.89
N SER J 226 -44.27 33.11 -48.29
CA SER J 226 -45.73 33.06 -48.49
C SER J 226 -46.15 31.89 -49.41
N ASN J 227 -45.38 31.65 -50.49
CA ASN J 227 -45.63 30.57 -51.45
C ASN J 227 -45.26 29.21 -50.85
N GLY J 228 -44.00 29.05 -50.46
CA GLY J 228 -43.48 27.82 -49.87
C GLY J 228 -42.01 27.57 -50.17
N LYS J 229 -41.34 28.53 -50.83
CA LYS J 229 -39.93 28.46 -51.18
C LYS J 229 -39.08 28.65 -49.91
N PRO J 230 -38.18 27.68 -49.58
CA PRO J 230 -37.37 27.82 -48.36
C PRO J 230 -36.29 28.91 -48.47
N SER J 231 -35.78 29.38 -47.31
CA SER J 231 -34.75 30.42 -47.22
C SER J 231 -33.39 29.86 -47.66
N ALA J 232 -32.47 30.76 -48.05
CA ALA J 232 -31.11 30.46 -48.53
C ALA J 232 -30.35 29.53 -47.58
N ALA J 233 -30.45 29.80 -46.26
CA ALA J 233 -29.80 29.02 -45.18
C ALA J 233 -30.27 27.57 -45.16
N VAL J 234 -31.56 27.33 -45.50
CA VAL J 234 -32.20 26.02 -45.56
C VAL J 234 -31.69 25.29 -46.81
N MET J 235 -31.61 26.01 -47.95
CA MET J 235 -31.15 25.47 -49.23
C MET J 235 -29.67 25.07 -49.16
N ALA J 236 -28.86 25.85 -48.42
CA ALA J 236 -27.44 25.60 -48.22
C ALA J 236 -27.21 24.35 -47.37
N ALA J 237 -28.10 24.10 -46.38
CA ALA J 237 -28.06 22.94 -45.49
C ALA J 237 -28.44 21.66 -46.23
N ALA J 238 -29.33 21.78 -47.25
CA ALA J 238 -29.79 20.67 -48.10
C ALA J 238 -28.63 20.17 -48.98
N GLN J 239 -27.83 21.12 -49.52
CA GLN J 239 -26.67 20.84 -50.34
C GLN J 239 -25.54 20.30 -49.46
N ALA J 240 -25.42 20.82 -48.22
CA ALA J 240 -24.42 20.41 -47.22
C ALA J 240 -24.65 18.96 -46.77
N TYR J 241 -25.92 18.53 -46.66
CA TYR J 241 -26.29 17.16 -46.24
C TYR J 241 -25.87 16.14 -47.30
N LYS J 242 -25.99 16.50 -48.59
CA LYS J 242 -25.64 15.64 -49.71
C LYS J 242 -24.11 15.49 -49.84
N THR J 243 -23.36 16.59 -49.60
CA THR J 243 -21.90 16.60 -49.71
C THR J 243 -21.23 15.91 -48.52
N ALA J 244 -21.67 16.21 -47.27
CA ALA J 244 -21.10 15.63 -46.05
C ALA J 244 -21.51 14.17 -45.87
N ALA J 245 -20.67 13.41 -45.14
CA ALA J 245 -20.88 11.98 -44.86
C ALA J 245 -20.95 11.72 -43.36
#